data_7MMY
# 
_entry.id   7MMY 
# 
_audit_conform.dict_name       mmcif_pdbx.dic 
_audit_conform.dict_version    5.399 
_audit_conform.dict_location   http://mmcif.pdb.org/dictionaries/ascii/mmcif_pdbx.dic 
# 
loop_
_database_2.database_id 
_database_2.database_code 
_database_2.pdbx_database_accession 
_database_2.pdbx_DOI 
PDB   7MMY         pdb_00007mmy 10.2210/pdb7mmy/pdb 
WWPDB D_1000255667 ?            ?                   
# 
loop_
_pdbx_audit_revision_history.ordinal 
_pdbx_audit_revision_history.data_content_type 
_pdbx_audit_revision_history.major_revision 
_pdbx_audit_revision_history.minor_revision 
_pdbx_audit_revision_history.revision_date 
1 'Structure model' 1 0 2021-05-12 
2 'Structure model' 1 1 2021-11-24 
3 'Structure model' 1 2 2022-01-19 
4 'Structure model' 1 3 2023-10-18 
5 'Structure model' 1 4 2024-11-20 
# 
_pdbx_audit_revision_details.ordinal             1 
_pdbx_audit_revision_details.revision_ordinal    1 
_pdbx_audit_revision_details.data_content_type   'Structure model' 
_pdbx_audit_revision_details.provider            repository 
_pdbx_audit_revision_details.type                'Initial release' 
_pdbx_audit_revision_details.description         ? 
_pdbx_audit_revision_details.details             ? 
# 
loop_
_pdbx_audit_revision_group.ordinal 
_pdbx_audit_revision_group.revision_ordinal 
_pdbx_audit_revision_group.data_content_type 
_pdbx_audit_revision_group.group 
1 2 'Structure model' 'Database references'    
2 3 'Structure model' 'Database references'    
3 4 'Structure model' 'Data collection'        
4 4 'Structure model' 'Derived calculations'   
5 4 'Structure model' 'Refinement description' 
6 5 'Structure model' 'Structure summary'      
# 
loop_
_pdbx_audit_revision_category.ordinal 
_pdbx_audit_revision_category.revision_ordinal 
_pdbx_audit_revision_category.data_content_type 
_pdbx_audit_revision_category.category 
1  2 'Structure model' citation                      
2  2 'Structure model' citation_author               
3  2 'Structure model' database_2                    
4  3 'Structure model' citation                      
5  3 'Structure model' citation_author               
6  4 'Structure model' atom_type                     
7  4 'Structure model' chem_comp_atom                
8  4 'Structure model' chem_comp_bond                
9  4 'Structure model' pdbx_initial_refinement_model 
10 5 'Structure model' pdbx_entry_details            
11 5 'Structure model' pdbx_modification_feature     
# 
loop_
_pdbx_audit_revision_item.ordinal 
_pdbx_audit_revision_item.revision_ordinal 
_pdbx_audit_revision_item.data_content_type 
_pdbx_audit_revision_item.item 
1  2 'Structure model' '_citation.country'                   
2  2 'Structure model' '_citation.journal_abbrev'            
3  2 'Structure model' '_citation.journal_id_CSD'            
4  2 'Structure model' '_citation.journal_id_ISSN'           
5  2 'Structure model' '_citation.pdbx_database_id_DOI'      
6  2 'Structure model' '_citation.title'                     
7  2 'Structure model' '_citation.year'                      
8  2 'Structure model' '_citation_author.identifier_ORCID'   
9  2 'Structure model' '_database_2.pdbx_DOI'                
10 2 'Structure model' '_database_2.pdbx_database_accession' 
11 3 'Structure model' '_citation.journal_volume'            
12 3 'Structure model' '_citation.page_first'                
13 3 'Structure model' '_citation.page_last'                 
14 3 'Structure model' '_citation.pdbx_database_id_DOI'      
15 3 'Structure model' '_citation.pdbx_database_id_PubMed'   
16 3 'Structure model' '_citation.title'                     
17 3 'Structure model' '_citation_author.identifier_ORCID'   
18 4 'Structure model' '_atom_type.pdbx_N_electrons'         
19 4 'Structure model' '_atom_type.pdbx_scat_Z'              
# 
_pdbx_database_status.status_code                     REL 
_pdbx_database_status.status_code_sf                  REL 
_pdbx_database_status.status_code_mr                  ? 
_pdbx_database_status.entry_id                        7MMY 
_pdbx_database_status.recvd_initial_deposition_date   2021-04-30 
_pdbx_database_status.SG_entry                        N 
_pdbx_database_status.deposit_site                    RCSB 
_pdbx_database_status.process_site                    RCSB 
_pdbx_database_status.status_code_cs                  ? 
_pdbx_database_status.status_code_nmr_data            ? 
_pdbx_database_status.methods_development_category    ? 
_pdbx_database_status.pdb_format_compatible           Y 
# 
loop_
_audit_author.name 
_audit_author.pdbx_ordinal 
_audit_author.identifier_ORCID 
'Vadlamani, G.' 1 0000-0002-4198-6967 
'Bond, C.S.'    2 0000-0002-9584-6783 
# 
_citation.abstract                  ? 
_citation.abstract_id_CAS           ? 
_citation.book_id_ISBN              ? 
_citation.book_publisher            ? 
_citation.book_publisher_city       ? 
_citation.book_title                ? 
_citation.coordinate_linkage        ? 
_citation.country                   UK 
_citation.database_id_Medline       ? 
_citation.details                   ? 
_citation.id                        primary 
_citation.journal_abbrev            'Rsc Chem Biol' 
_citation.journal_id_ASTM           ? 
_citation.journal_id_CSD            ? 
_citation.journal_id_ISSN           2633-0679 
_citation.journal_full              ? 
_citation.journal_issue             ? 
_citation.journal_volume            2 
_citation.language                  ? 
_citation.page_first                1682 
_citation.page_last                 1691 
_citation.title                     
'Solution NMR and racemic crystallography provide insights into a novel structural class of cyclic plant peptides.' 
_citation.year                      2021 
_citation.database_id_CSD           ? 
_citation.pdbx_database_id_DOI      10.1039/d1cb00155h 
_citation.pdbx_database_id_PubMed   34977583 
_citation.pdbx_database_id_patent   ? 
_citation.unpublished_flag          ? 
# 
loop_
_citation_author.citation_id 
_citation_author.name 
_citation_author.ordinal 
_citation_author.identifier_ORCID 
primary 'Payne, C.D.'         1  0000-0002-9316-1465 
primary 'Vadlamani, G.'       2  0000-0002-4198-6967 
primary 'Hajiaghaalipour, F.' 3  0000-0002-1716-3178 
primary 'Muhammad, T.'        4  0000-0002-6636-5809 
primary 'Fisher, M.F.'        5  0000-0002-6971-4285 
primary 'Andersson, H.S.'     6  0000-0003-1241-8888 
primary 'Goransson, U.'       7  0000-0002-5005-9612 
primary 'Clark, R.J.'         8  0000-0002-6807-5426 
primary 'Bond, C.S.'          9  0000-0002-9584-6783 
primary 'Mylne, J.S.'         10 0000-0003-4957-6388 
primary 'Rosengren, K.J.'     11 0000-0002-5007-8434 
# 
loop_
_entity.id 
_entity.type 
_entity.src_method 
_entity.pdbx_description 
_entity.formula_weight 
_entity.pdbx_number_of_molecules 
_entity.pdbx_ec 
_entity.pdbx_mutation 
_entity.pdbx_fragment 
_entity.details 
1 polymer syn PDP-23 3135.512 2  ? ? ? ? 
2 water   nat water  18.015   45 ? ? ? ? 
# 
_entity_poly.entity_id                      1 
_entity_poly.type                           'polypeptide(L)' 
_entity_poly.nstd_linkage                   no 
_entity_poly.nstd_monomer                   no 
_entity_poly.pdbx_seq_one_letter_code       GFCWHHSCVPSGTCADFPWPLGHQCFPD 
_entity_poly.pdbx_seq_one_letter_code_can   GFCWHHSCVPSGTCADFPWPLGHQCFPD 
_entity_poly.pdbx_strand_id                 A,B 
_entity_poly.pdbx_target_identifier         ? 
# 
_pdbx_entity_nonpoly.entity_id   2 
_pdbx_entity_nonpoly.name        water 
_pdbx_entity_nonpoly.comp_id     HOH 
# 
loop_
_entity_poly_seq.entity_id 
_entity_poly_seq.num 
_entity_poly_seq.mon_id 
_entity_poly_seq.hetero 
1 1  GLY n 
1 2  PHE n 
1 3  CYS n 
1 4  TRP n 
1 5  HIS n 
1 6  HIS n 
1 7  SER n 
1 8  CYS n 
1 9  VAL n 
1 10 PRO n 
1 11 SER n 
1 12 GLY n 
1 13 THR n 
1 14 CYS n 
1 15 ALA n 
1 16 ASP n 
1 17 PHE n 
1 18 PRO n 
1 19 TRP n 
1 20 PRO n 
1 21 LEU n 
1 22 GLY n 
1 23 HIS n 
1 24 GLN n 
1 25 CYS n 
1 26 PHE n 
1 27 PRO n 
1 28 ASP n 
# 
_pdbx_entity_src_syn.entity_id              1 
_pdbx_entity_src_syn.pdbx_src_id            1 
_pdbx_entity_src_syn.pdbx_alt_source_flag   sample 
_pdbx_entity_src_syn.pdbx_beg_seq_num       1 
_pdbx_entity_src_syn.pdbx_end_seq_num       28 
_pdbx_entity_src_syn.organism_scientific    'Zinnia elegans' 
_pdbx_entity_src_syn.organism_common_name   ? 
_pdbx_entity_src_syn.ncbi_taxonomy_id       34245 
_pdbx_entity_src_syn.details                ? 
# 
loop_
_chem_comp.id 
_chem_comp.type 
_chem_comp.mon_nstd_flag 
_chem_comp.name 
_chem_comp.pdbx_synonyms 
_chem_comp.formula 
_chem_comp.formula_weight 
ALA 'L-peptide linking' y ALANINE         ? 'C3 H7 N O2'     89.093  
ASP 'L-peptide linking' y 'ASPARTIC ACID' ? 'C4 H7 N O4'     133.103 
CYS 'L-peptide linking' y CYSTEINE        ? 'C3 H7 N O2 S'   121.158 
GLN 'L-peptide linking' y GLUTAMINE       ? 'C5 H10 N2 O3'   146.144 
GLY 'peptide linking'   y GLYCINE         ? 'C2 H5 N O2'     75.067  
HIS 'L-peptide linking' y HISTIDINE       ? 'C6 H10 N3 O2 1' 156.162 
HOH non-polymer         . WATER           ? 'H2 O'           18.015  
LEU 'L-peptide linking' y LEUCINE         ? 'C6 H13 N O2'    131.173 
PHE 'L-peptide linking' y PHENYLALANINE   ? 'C9 H11 N O2'    165.189 
PRO 'L-peptide linking' y PROLINE         ? 'C5 H9 N O2'     115.130 
SER 'L-peptide linking' y SERINE          ? 'C3 H7 N O3'     105.093 
THR 'L-peptide linking' y THREONINE       ? 'C4 H9 N O3'     119.119 
TRP 'L-peptide linking' y TRYPTOPHAN      ? 'C11 H12 N2 O2'  204.225 
VAL 'L-peptide linking' y VALINE          ? 'C5 H11 N O2'    117.146 
# 
loop_
_pdbx_poly_seq_scheme.asym_id 
_pdbx_poly_seq_scheme.entity_id 
_pdbx_poly_seq_scheme.seq_id 
_pdbx_poly_seq_scheme.mon_id 
_pdbx_poly_seq_scheme.ndb_seq_num 
_pdbx_poly_seq_scheme.pdb_seq_num 
_pdbx_poly_seq_scheme.auth_seq_num 
_pdbx_poly_seq_scheme.pdb_mon_id 
_pdbx_poly_seq_scheme.auth_mon_id 
_pdbx_poly_seq_scheme.pdb_strand_id 
_pdbx_poly_seq_scheme.pdb_ins_code 
_pdbx_poly_seq_scheme.hetero 
A 1 1  GLY 1  1  1  GLY GLY A . n 
A 1 2  PHE 2  2  2  PHE PHE A . n 
A 1 3  CYS 3  3  3  CYS CYS A . n 
A 1 4  TRP 4  4  4  TRP TRP A . n 
A 1 5  HIS 5  5  5  HIS HIS A . n 
A 1 6  HIS 6  6  6  HIS HIS A . n 
A 1 7  SER 7  7  7  SER SER A . n 
A 1 8  CYS 8  8  8  CYS CYS A . n 
A 1 9  VAL 9  9  9  VAL VAL A . n 
A 1 10 PRO 10 10 10 PRO PRO A . n 
A 1 11 SER 11 11 11 SER SER A . n 
A 1 12 GLY 12 12 12 GLY GLY A . n 
A 1 13 THR 13 13 13 THR THR A . n 
A 1 14 CYS 14 14 14 CYS CYS A . n 
A 1 15 ALA 15 15 15 ALA ALA A . n 
A 1 16 ASP 16 16 16 ASP ASP A . n 
A 1 17 PHE 17 17 17 PHE PHE A . n 
A 1 18 PRO 18 18 18 PRO PRO A . n 
A 1 19 TRP 19 19 19 TRP TRP A . n 
A 1 20 PRO 20 20 20 PRO PRO A . n 
A 1 21 LEU 21 21 21 LEU LEU A . n 
A 1 22 GLY 22 22 22 GLY GLY A . n 
A 1 23 HIS 23 23 23 HIS HIS A . n 
A 1 24 GLN 24 24 24 GLN GLN A . n 
A 1 25 CYS 25 25 25 CYS CYS A . n 
A 1 26 PHE 26 26 26 PHE PHE A . n 
A 1 27 PRO 27 27 27 PRO PRO A . n 
A 1 28 ASP 28 28 28 ASP ASP A . n 
B 1 1  GLY 1  1  1  GLY GLY B . n 
B 1 2  PHE 2  2  2  PHE PHE B . n 
B 1 3  CYS 3  3  3  CYS CYS B . n 
B 1 4  TRP 4  4  4  TRP TRP B . n 
B 1 5  HIS 5  5  5  HIS HIS B . n 
B 1 6  HIS 6  6  6  HIS HIS B . n 
B 1 7  SER 7  7  7  SER SER B . n 
B 1 8  CYS 8  8  8  CYS CYS B . n 
B 1 9  VAL 9  9  9  VAL VAL B . n 
B 1 10 PRO 10 10 10 PRO PRO B . n 
B 1 11 SER 11 11 11 SER SER B . n 
B 1 12 GLY 12 12 12 GLY GLY B . n 
B 1 13 THR 13 13 13 THR THR B . n 
B 1 14 CYS 14 14 14 CYS CYS B . n 
B 1 15 ALA 15 15 15 ALA ALA B . n 
B 1 16 ASP 16 16 16 ASP ASP B . n 
B 1 17 PHE 17 17 17 PHE PHE B . n 
B 1 18 PRO 18 18 18 PRO PRO B . n 
B 1 19 TRP 19 19 19 TRP TRP B . n 
B 1 20 PRO 20 20 20 PRO PRO B . n 
B 1 21 LEU 21 21 21 LEU LEU B . n 
B 1 22 GLY 22 22 22 GLY GLY B . n 
B 1 23 HIS 23 23 23 HIS HIS B . n 
B 1 24 GLN 24 24 24 GLN GLN B . n 
B 1 25 CYS 25 25 25 CYS CYS B . n 
B 1 26 PHE 26 26 26 PHE PHE B . n 
B 1 27 PRO 27 27 27 PRO PRO B . n 
B 1 28 ASP 28 28 28 ASP ASP B . n 
# 
loop_
_pdbx_nonpoly_scheme.asym_id 
_pdbx_nonpoly_scheme.entity_id 
_pdbx_nonpoly_scheme.mon_id 
_pdbx_nonpoly_scheme.ndb_seq_num 
_pdbx_nonpoly_scheme.pdb_seq_num 
_pdbx_nonpoly_scheme.auth_seq_num 
_pdbx_nonpoly_scheme.pdb_mon_id 
_pdbx_nonpoly_scheme.auth_mon_id 
_pdbx_nonpoly_scheme.pdb_strand_id 
_pdbx_nonpoly_scheme.pdb_ins_code 
C 2 HOH 1  101 35 HOH HOH A . 
C 2 HOH 2  102 1  HOH HOH A . 
C 2 HOH 3  103 22 HOH HOH A . 
C 2 HOH 4  104 8  HOH HOH A . 
C 2 HOH 5  105 4  HOH HOH A . 
C 2 HOH 6  106 33 HOH HOH A . 
C 2 HOH 7  107 17 HOH HOH A . 
C 2 HOH 8  108 6  HOH HOH A . 
C 2 HOH 9  109 23 HOH HOH A . 
C 2 HOH 10 110 38 HOH HOH A . 
C 2 HOH 11 111 3  HOH HOH A . 
C 2 HOH 12 112 31 HOH HOH A . 
C 2 HOH 13 113 10 HOH HOH A . 
C 2 HOH 14 114 15 HOH HOH A . 
C 2 HOH 15 115 27 HOH HOH A . 
C 2 HOH 16 116 28 HOH HOH A . 
C 2 HOH 17 117 25 HOH HOH A . 
C 2 HOH 18 118 16 HOH HOH A . 
D 2 HOH 1  101 36 HOH HOH B . 
D 2 HOH 2  102 30 HOH HOH B . 
D 2 HOH 3  103 5  HOH HOH B . 
D 2 HOH 4  104 24 HOH HOH B . 
D 2 HOH 5  105 11 HOH HOH B . 
D 2 HOH 6  106 40 HOH HOH B . 
D 2 HOH 7  107 9  HOH HOH B . 
D 2 HOH 8  108 41 HOH HOH B . 
D 2 HOH 9  109 19 HOH HOH B . 
D 2 HOH 10 110 18 HOH HOH B . 
D 2 HOH 11 111 21 HOH HOH B . 
D 2 HOH 12 112 2  HOH HOH B . 
D 2 HOH 13 113 14 HOH HOH B . 
D 2 HOH 14 114 12 HOH HOH B . 
D 2 HOH 15 115 42 HOH HOH B . 
D 2 HOH 16 116 37 HOH HOH B . 
D 2 HOH 17 117 7  HOH HOH B . 
D 2 HOH 18 118 44 HOH HOH B . 
D 2 HOH 19 119 13 HOH HOH B . 
D 2 HOH 20 120 20 HOH HOH B . 
D 2 HOH 21 121 26 HOH HOH B . 
D 2 HOH 22 122 34 HOH HOH B . 
D 2 HOH 23 123 45 HOH HOH B . 
D 2 HOH 24 124 43 HOH HOH B . 
D 2 HOH 25 125 32 HOH HOH B . 
D 2 HOH 26 126 39 HOH HOH B . 
D 2 HOH 27 127 29 HOH HOH B . 
# 
loop_
_software.citation_id 
_software.classification 
_software.compiler_name 
_software.compiler_version 
_software.contact_author 
_software.contact_author_email 
_software.date 
_software.description 
_software.dependencies 
_software.hardware 
_software.language 
_software.location 
_software.mods 
_software.name 
_software.os 
_software.os_version 
_software.type 
_software.version 
_software.pdbx_ordinal 
? refinement       ? ? ? ? ? ? ? ? ? ? ? REFMAC  ? ? ? 5.8.0258 1 
? 'data reduction' ? ? ? ? ? ? ? ? ? ? ? XDS     ? ? ? .        2 
? 'data scaling'   ? ? ? ? ? ? ? ? ? ? ? Aimless ? ? ? .        3 
? phasing          ? ? ? ? ? ? ? ? ? ? ? MOLREP  ? ? ? .        4 
# 
_cell.angle_alpha                  90.000 
_cell.angle_alpha_esd              ? 
_cell.angle_beta                   92.284 
_cell.angle_beta_esd               ? 
_cell.angle_gamma                  90.000 
_cell.angle_gamma_esd              ? 
_cell.entry_id                     7MMY 
_cell.details                      ? 
_cell.formula_units_Z              ? 
_cell.length_a                     27.527 
_cell.length_a_esd                 ? 
_cell.length_b                     49.008 
_cell.length_b_esd                 ? 
_cell.length_c                     29.402 
_cell.length_c_esd                 ? 
_cell.volume                       ? 
_cell.volume_esd                   ? 
_cell.Z_PDB                        8 
_cell.reciprocal_angle_alpha       ? 
_cell.reciprocal_angle_beta        ? 
_cell.reciprocal_angle_gamma       ? 
_cell.reciprocal_angle_alpha_esd   ? 
_cell.reciprocal_angle_beta_esd    ? 
_cell.reciprocal_angle_gamma_esd   ? 
_cell.reciprocal_length_a          ? 
_cell.reciprocal_length_b          ? 
_cell.reciprocal_length_c          ? 
_cell.reciprocal_length_a_esd      ? 
_cell.reciprocal_length_b_esd      ? 
_cell.reciprocal_length_c_esd      ? 
_cell.pdbx_unique_axis             ? 
# 
_symmetry.entry_id                         7MMY 
_symmetry.cell_setting                     ? 
_symmetry.Int_Tables_number                14 
_symmetry.space_group_name_Hall            ? 
_symmetry.space_group_name_H-M             'P 1 21/n 1' 
_symmetry.pdbx_full_space_group_name_H-M   ? 
# 
_exptl.absorpt_coefficient_mu     ? 
_exptl.absorpt_correction_T_max   ? 
_exptl.absorpt_correction_T_min   ? 
_exptl.absorpt_correction_type    ? 
_exptl.absorpt_process_details    ? 
_exptl.entry_id                   7MMY 
_exptl.crystals_number            1 
_exptl.details                    ? 
_exptl.method                     'X-RAY DIFFRACTION' 
_exptl.method_details             ? 
# 
_exptl_crystal.colour                      ? 
_exptl_crystal.density_diffrn              ? 
_exptl_crystal.density_Matthews            1.58 
_exptl_crystal.density_method              ? 
_exptl_crystal.density_percent_sol         22.15 
_exptl_crystal.description                 ? 
_exptl_crystal.F_000                       ? 
_exptl_crystal.id                          1 
_exptl_crystal.preparation                 ? 
_exptl_crystal.size_max                    ? 
_exptl_crystal.size_mid                    ? 
_exptl_crystal.size_min                    ? 
_exptl_crystal.size_rad                    ? 
_exptl_crystal.colour_lustre               ? 
_exptl_crystal.colour_modifier             ? 
_exptl_crystal.colour_primary              ? 
_exptl_crystal.density_meas                ? 
_exptl_crystal.density_meas_esd            ? 
_exptl_crystal.density_meas_gt             ? 
_exptl_crystal.density_meas_lt             ? 
_exptl_crystal.density_meas_temp           ? 
_exptl_crystal.density_meas_temp_esd       ? 
_exptl_crystal.density_meas_temp_gt        ? 
_exptl_crystal.density_meas_temp_lt        ? 
_exptl_crystal.pdbx_crystal_image_url      ? 
_exptl_crystal.pdbx_crystal_image_format   ? 
_exptl_crystal.pdbx_mosaicity              ? 
_exptl_crystal.pdbx_mosaicity_esd          ? 
# 
_exptl_crystal_grow.apparatus       ? 
_exptl_crystal_grow.atmosphere      ? 
_exptl_crystal_grow.crystal_id      1 
_exptl_crystal_grow.details         ? 
_exptl_crystal_grow.method          'VAPOR DIFFUSION, HANGING DROP' 
_exptl_crystal_grow.method_ref      ? 
_exptl_crystal_grow.pH              8.5 
_exptl_crystal_grow.pressure        ? 
_exptl_crystal_grow.pressure_esd    ? 
_exptl_crystal_grow.seeding         ? 
_exptl_crystal_grow.seeding_ref     ? 
_exptl_crystal_grow.temp            293 
_exptl_crystal_grow.temp_details    ? 
_exptl_crystal_grow.temp_esd        ? 
_exptl_crystal_grow.time            ? 
_exptl_crystal_grow.pdbx_details    
;Crystals were obtained from a racemic mix of 7mg/ml each of L- and D-peptide in 0.2 M trimethylamine N-oxide dihydrate, 0.1 M Tris pH 8.5, 20% PEG monomethyl ether 2000
;
_exptl_crystal_grow.pdbx_pH_range   ? 
# 
_diffrn.ambient_environment              ? 
_diffrn.ambient_temp                     100 
_diffrn.ambient_temp_details             ? 
_diffrn.ambient_temp_esd                 ? 
_diffrn.crystal_id                       1 
_diffrn.crystal_support                  ? 
_diffrn.crystal_treatment                ? 
_diffrn.details                          ? 
_diffrn.id                               1 
_diffrn.ambient_pressure                 ? 
_diffrn.ambient_pressure_esd             ? 
_diffrn.ambient_pressure_gt              ? 
_diffrn.ambient_pressure_lt              ? 
_diffrn.ambient_temp_gt                  ? 
_diffrn.ambient_temp_lt                  ? 
_diffrn.pdbx_serial_crystal_experiment   N 
# 
_diffrn_detector.details                      ? 
_diffrn_detector.detector                     PIXEL 
_diffrn_detector.diffrn_id                    1 
_diffrn_detector.type                         'DECTRIS EIGER X 16M' 
_diffrn_detector.area_resol_mean              ? 
_diffrn_detector.dtime                        ? 
_diffrn_detector.pdbx_frames_total            ? 
_diffrn_detector.pdbx_collection_time_total   ? 
_diffrn_detector.pdbx_collection_date         2020-10-13 
_diffrn_detector.pdbx_frequency               ? 
# 
_diffrn_radiation.collimation                      ? 
_diffrn_radiation.diffrn_id                        1 
_diffrn_radiation.filter_edge                      ? 
_diffrn_radiation.inhomogeneity                    ? 
_diffrn_radiation.monochromator                    M 
_diffrn_radiation.polarisn_norm                    ? 
_diffrn_radiation.polarisn_ratio                   ? 
_diffrn_radiation.probe                            ? 
_diffrn_radiation.type                             ? 
_diffrn_radiation.xray_symbol                      ? 
_diffrn_radiation.wavelength_id                    1 
_diffrn_radiation.pdbx_monochromatic_or_laue_m_l   M 
_diffrn_radiation.pdbx_wavelength_list             ? 
_diffrn_radiation.pdbx_wavelength                  ? 
_diffrn_radiation.pdbx_diffrn_protocol             'SINGLE WAVELENGTH' 
_diffrn_radiation.pdbx_analyzer                    ? 
_diffrn_radiation.pdbx_scattering_type             x-ray 
# 
_diffrn_radiation_wavelength.id           1 
_diffrn_radiation_wavelength.wavelength   0.9537 
_diffrn_radiation_wavelength.wt           1.0 
# 
_diffrn_source.current                     ? 
_diffrn_source.details                     ? 
_diffrn_source.diffrn_id                   1 
_diffrn_source.power                       ? 
_diffrn_source.size                        ? 
_diffrn_source.source                      SYNCHROTRON 
_diffrn_source.target                      ? 
_diffrn_source.type                        'AUSTRALIAN SYNCHROTRON BEAMLINE MX2' 
_diffrn_source.voltage                     ? 
_diffrn_source.take-off_angle              ? 
_diffrn_source.pdbx_wavelength_list        0.9537 
_diffrn_source.pdbx_wavelength             ? 
_diffrn_source.pdbx_synchrotron_beamline   MX2 
_diffrn_source.pdbx_synchrotron_site       'Australian Synchrotron' 
# 
_reflns.B_iso_Wilson_estimate                          ? 
_reflns.entry_id                                       7MMY 
_reflns.data_reduction_details                         ? 
_reflns.data_reduction_method                          ? 
_reflns.d_resolution_high                              1.46 
_reflns.d_resolution_low                               49.01 
_reflns.details                                        ? 
_reflns.limit_h_max                                    ? 
_reflns.limit_h_min                                    ? 
_reflns.limit_k_max                                    ? 
_reflns.limit_k_min                                    ? 
_reflns.limit_l_max                                    ? 
_reflns.limit_l_min                                    ? 
_reflns.number_all                                     ? 
_reflns.number_obs                                     13346 
_reflns.observed_criterion                             ? 
_reflns.observed_criterion_F_max                       ? 
_reflns.observed_criterion_F_min                       ? 
_reflns.observed_criterion_I_max                       ? 
_reflns.observed_criterion_I_min                       ? 
_reflns.observed_criterion_sigma_F                     ? 
_reflns.observed_criterion_sigma_I                     ? 
_reflns.percent_possible_obs                           98.8 
_reflns.R_free_details                                 ? 
_reflns.Rmerge_F_all                                   ? 
_reflns.Rmerge_F_obs                                   ? 
_reflns.Friedel_coverage                               ? 
_reflns.number_gt                                      ? 
_reflns.threshold_expression                           ? 
_reflns.pdbx_redundancy                                6.4 
_reflns.pdbx_Rmerge_I_obs                              ? 
_reflns.pdbx_Rmerge_I_all                              ? 
_reflns.pdbx_Rsym_value                                ? 
_reflns.pdbx_netI_over_av_sigmaI                       ? 
_reflns.pdbx_netI_over_sigmaI                          10.6 
_reflns.pdbx_res_netI_over_av_sigmaI_2                 ? 
_reflns.pdbx_res_netI_over_sigmaI_2                    ? 
_reflns.pdbx_chi_squared                               ? 
_reflns.pdbx_scaling_rejects                           ? 
_reflns.pdbx_d_res_high_opt                            ? 
_reflns.pdbx_d_res_low_opt                             ? 
_reflns.pdbx_d_res_opt_method                          ? 
_reflns.phase_calculation_details                      ? 
_reflns.pdbx_Rrim_I_all                                ? 
_reflns.pdbx_Rpim_I_all                                ? 
_reflns.pdbx_d_opt                                     ? 
_reflns.pdbx_number_measured_all                       ? 
_reflns.pdbx_diffrn_id                                 1 
_reflns.pdbx_ordinal                                   1 
_reflns.pdbx_CC_half                                   0.998 
_reflns.pdbx_CC_star                                   ? 
_reflns.pdbx_R_split                                   ? 
_reflns.pdbx_aniso_diffraction_limit_axis_1_ortho[1]   ? 
_reflns.pdbx_aniso_diffraction_limit_axis_1_ortho[2]   ? 
_reflns.pdbx_aniso_diffraction_limit_axis_1_ortho[3]   ? 
_reflns.pdbx_aniso_diffraction_limit_axis_2_ortho[1]   ? 
_reflns.pdbx_aniso_diffraction_limit_axis_2_ortho[2]   ? 
_reflns.pdbx_aniso_diffraction_limit_axis_2_ortho[3]   ? 
_reflns.pdbx_aniso_diffraction_limit_axis_3_ortho[1]   ? 
_reflns.pdbx_aniso_diffraction_limit_axis_3_ortho[2]   ? 
_reflns.pdbx_aniso_diffraction_limit_axis_3_ortho[3]   ? 
_reflns.pdbx_aniso_diffraction_limit_1                 ? 
_reflns.pdbx_aniso_diffraction_limit_2                 ? 
_reflns.pdbx_aniso_diffraction_limit_3                 ? 
_reflns.pdbx_aniso_B_tensor_eigenvector_1_ortho[1]     ? 
_reflns.pdbx_aniso_B_tensor_eigenvector_1_ortho[2]     ? 
_reflns.pdbx_aniso_B_tensor_eigenvector_1_ortho[3]     ? 
_reflns.pdbx_aniso_B_tensor_eigenvector_2_ortho[1]     ? 
_reflns.pdbx_aniso_B_tensor_eigenvector_2_ortho[2]     ? 
_reflns.pdbx_aniso_B_tensor_eigenvector_2_ortho[3]     ? 
_reflns.pdbx_aniso_B_tensor_eigenvector_3_ortho[1]     ? 
_reflns.pdbx_aniso_B_tensor_eigenvector_3_ortho[2]     ? 
_reflns.pdbx_aniso_B_tensor_eigenvector_3_ortho[3]     ? 
_reflns.pdbx_aniso_B_tensor_eigenvalue_1               ? 
_reflns.pdbx_aniso_B_tensor_eigenvalue_2               ? 
_reflns.pdbx_aniso_B_tensor_eigenvalue_3               ? 
_reflns.pdbx_orthogonalization_convention              ? 
_reflns.pdbx_percent_possible_ellipsoidal              ? 
_reflns.pdbx_percent_possible_spherical                ? 
_reflns.pdbx_percent_possible_ellipsoidal_anomalous    ? 
_reflns.pdbx_percent_possible_spherical_anomalous      ? 
_reflns.pdbx_redundancy_anomalous                      ? 
_reflns.pdbx_CC_half_anomalous                         ? 
_reflns.pdbx_absDiff_over_sigma_anomalous              ? 
_reflns.pdbx_percent_possible_anomalous                ? 
_reflns.pdbx_observed_signal_threshold                 ? 
_reflns.pdbx_signal_type                               ? 
_reflns.pdbx_signal_details                            ? 
_reflns.pdbx_signal_software_id                        ? 
# 
_reflns_shell.d_res_high                                    1.46 
_reflns_shell.d_res_low                                     1.49 
_reflns_shell.meanI_over_sigI_all                           ? 
_reflns_shell.meanI_over_sigI_obs                           2.5 
_reflns_shell.number_measured_all                           ? 
_reflns_shell.number_measured_obs                           ? 
_reflns_shell.number_possible                               ? 
_reflns_shell.number_unique_all                             ? 
_reflns_shell.number_unique_obs                             515 
_reflns_shell.percent_possible_all                          80.8 
_reflns_shell.percent_possible_obs                          ? 
_reflns_shell.Rmerge_F_all                                  ? 
_reflns_shell.Rmerge_F_obs                                  ? 
_reflns_shell.Rmerge_I_all                                  ? 
_reflns_shell.Rmerge_I_obs                                  ? 
_reflns_shell.meanI_over_sigI_gt                            ? 
_reflns_shell.meanI_over_uI_all                             ? 
_reflns_shell.meanI_over_uI_gt                              ? 
_reflns_shell.number_measured_gt                            ? 
_reflns_shell.number_unique_gt                              ? 
_reflns_shell.percent_possible_gt                           ? 
_reflns_shell.Rmerge_F_gt                                   ? 
_reflns_shell.Rmerge_I_gt                                   ? 
_reflns_shell.pdbx_redundancy                               6.1 
_reflns_shell.pdbx_Rsym_value                               ? 
_reflns_shell.pdbx_chi_squared                              ? 
_reflns_shell.pdbx_netI_over_sigmaI_all                     ? 
_reflns_shell.pdbx_netI_over_sigmaI_obs                     ? 
_reflns_shell.pdbx_Rrim_I_all                               ? 
_reflns_shell.pdbx_Rpim_I_all                               ? 
_reflns_shell.pdbx_rejects                                  ? 
_reflns_shell.pdbx_ordinal                                  1 
_reflns_shell.pdbx_diffrn_id                                1 
_reflns_shell.pdbx_CC_half                                  0.833 
_reflns_shell.pdbx_CC_star                                  ? 
_reflns_shell.pdbx_R_split                                  ? 
_reflns_shell.pdbx_percent_possible_ellipsoidal             ? 
_reflns_shell.pdbx_percent_possible_spherical               ? 
_reflns_shell.pdbx_percent_possible_ellipsoidal_anomalous   ? 
_reflns_shell.pdbx_percent_possible_spherical_anomalous     ? 
_reflns_shell.pdbx_redundancy_anomalous                     ? 
_reflns_shell.pdbx_CC_half_anomalous                        ? 
_reflns_shell.pdbx_absDiff_over_sigma_anomalous             ? 
_reflns_shell.pdbx_percent_possible_anomalous               ? 
# 
_refine.aniso_B[1][1]                            -1.867 
_refine.aniso_B[1][2]                            -0.000 
_refine.aniso_B[1][3]                            -0.719 
_refine.aniso_B[2][2]                            -2.209 
_refine.aniso_B[2][3]                            -0.000 
_refine.aniso_B[3][3]                            4.120 
_refine.B_iso_max                                ? 
_refine.B_iso_mean                               20.907 
_refine.B_iso_min                                ? 
_refine.correlation_coeff_Fo_to_Fc               0.976 
_refine.correlation_coeff_Fo_to_Fc_free          0.945 
_refine.details                                  'Hydrogens have been added in their riding positions' 
_refine.diff_density_max                         ? 
_refine.diff_density_max_esd                     ? 
_refine.diff_density_min                         ? 
_refine.diff_density_min_esd                     ? 
_refine.diff_density_rms                         ? 
_refine.diff_density_rms_esd                     ? 
_refine.entry_id                                 7MMY 
_refine.pdbx_refine_id                           'X-RAY DIFFRACTION' 
_refine.ls_abs_structure_details                 ? 
_refine.ls_abs_structure_Flack                   ? 
_refine.ls_abs_structure_Flack_esd               ? 
_refine.ls_abs_structure_Rogers                  ? 
_refine.ls_abs_structure_Rogers_esd              ? 
_refine.ls_d_res_high                            1.464 
_refine.ls_d_res_low                             25.198 
_refine.ls_extinction_coef                       ? 
_refine.ls_extinction_coef_esd                   ? 
_refine.ls_extinction_expression                 ? 
_refine.ls_extinction_method                     ? 
_refine.ls_goodness_of_fit_all                   ? 
_refine.ls_goodness_of_fit_all_esd               ? 
_refine.ls_goodness_of_fit_obs                   ? 
_refine.ls_goodness_of_fit_obs_esd               ? 
_refine.ls_hydrogen_treatment                    ? 
_refine.ls_matrix_type                           ? 
_refine.ls_number_constraints                    ? 
_refine.ls_number_parameters                     ? 
_refine.ls_number_reflns_all                     ? 
_refine.ls_number_reflns_obs                     13041 
_refine.ls_number_reflns_R_free                  619 
_refine.ls_number_reflns_R_work                  12422 
_refine.ls_number_restraints                     ? 
_refine.ls_percent_reflns_obs                    98.691 
_refine.ls_percent_reflns_R_free                 4.747 
_refine.ls_R_factor_all                          0.192 
_refine.ls_R_factor_obs                          ? 
_refine.ls_R_factor_R_free                       0.2763 
_refine.ls_R_factor_R_free_error                 ? 
_refine.ls_R_factor_R_free_error_details         ? 
_refine.ls_R_factor_R_work                       0.1881 
_refine.ls_R_Fsqd_factor_obs                     ? 
_refine.ls_R_I_factor_obs                        ? 
_refine.ls_redundancy_reflns_all                 ? 
_refine.ls_redundancy_reflns_obs                 ? 
_refine.ls_restrained_S_all                      ? 
_refine.ls_restrained_S_obs                      ? 
_refine.ls_shift_over_esd_max                    ? 
_refine.ls_shift_over_esd_mean                   ? 
_refine.ls_structure_factor_coef                 ? 
_refine.ls_weighting_details                     ? 
_refine.ls_weighting_scheme                      ? 
_refine.ls_wR_factor_all                         ? 
_refine.ls_wR_factor_obs                         ? 
_refine.ls_wR_factor_R_free                      ? 
_refine.ls_wR_factor_R_work                      ? 
_refine.occupancy_max                            ? 
_refine.occupancy_min                            ? 
_refine.solvent_model_details                    'MASK BULK SOLVENT' 
_refine.solvent_model_param_bsol                 ? 
_refine.solvent_model_param_ksol                 ? 
_refine.pdbx_R_complete                          ? 
_refine.ls_R_factor_gt                           ? 
_refine.ls_goodness_of_fit_gt                    ? 
_refine.ls_goodness_of_fit_ref                   ? 
_refine.ls_shift_over_su_max                     ? 
_refine.ls_shift_over_su_max_lt                  ? 
_refine.ls_shift_over_su_mean                    ? 
_refine.ls_shift_over_su_mean_lt                 ? 
_refine.pdbx_ls_sigma_I                          ? 
_refine.pdbx_ls_sigma_F                          ? 
_refine.pdbx_ls_sigma_Fsqd                       ? 
_refine.pdbx_data_cutoff_high_absF               ? 
_refine.pdbx_data_cutoff_high_rms_absF           ? 
_refine.pdbx_data_cutoff_low_absF                ? 
_refine.pdbx_isotropic_thermal_model             ? 
_refine.pdbx_ls_cross_valid_method               'FREE R-VALUE' 
_refine.pdbx_method_to_determine_struct          'MOLECULAR REPLACEMENT' 
_refine.pdbx_starting_model                      7L51 
_refine.pdbx_stereochemistry_target_values       ? 
_refine.pdbx_R_Free_selection_details            ? 
_refine.pdbx_stereochem_target_val_spec_case     ? 
_refine.pdbx_overall_ESU_R                       0.073 
_refine.pdbx_overall_ESU_R_Free                  0.085 
_refine.pdbx_solvent_vdw_probe_radii             1.200 
_refine.pdbx_solvent_ion_probe_radii             0.800 
_refine.pdbx_solvent_shrinkage_radii             0.800 
_refine.pdbx_real_space_R                        ? 
_refine.pdbx_density_correlation                 ? 
_refine.pdbx_pd_number_of_powder_patterns        ? 
_refine.pdbx_pd_number_of_points                 ? 
_refine.pdbx_pd_meas_number_of_points            ? 
_refine.pdbx_pd_proc_ls_prof_R_factor            ? 
_refine.pdbx_pd_proc_ls_prof_wR_factor           ? 
_refine.pdbx_pd_Marquardt_correlation_coeff      ? 
_refine.pdbx_pd_Fsqrd_R_factor                   ? 
_refine.pdbx_pd_ls_matrix_band_width             ? 
_refine.pdbx_overall_phase_error                 ? 
_refine.pdbx_overall_SU_R_free_Cruickshank_DPI   ? 
_refine.pdbx_overall_SU_R_free_Blow_DPI          ? 
_refine.pdbx_overall_SU_R_Blow_DPI               ? 
_refine.pdbx_TLS_residual_ADP_flag               ? 
_refine.pdbx_diffrn_id                           1 
_refine.overall_SU_B                             3.514 
_refine.overall_SU_ML                            0.055 
_refine.overall_SU_R_Cruickshank_DPI             ? 
_refine.overall_SU_R_free                        ? 
_refine.overall_FOM_free_R_set                   ? 
_refine.overall_FOM_work_R_set                   ? 
_refine.pdbx_average_fsc_overall                 ? 
_refine.pdbx_average_fsc_work                    ? 
_refine.pdbx_average_fsc_free                    ? 
# 
_refine_hist.pdbx_refine_id                   'X-RAY DIFFRACTION' 
_refine_hist.cycle_id                         LAST 
_refine_hist.pdbx_number_atoms_protein        438 
_refine_hist.pdbx_number_atoms_nucleic_acid   0 
_refine_hist.pdbx_number_atoms_ligand         0 
_refine_hist.number_atoms_solvent             45 
_refine_hist.number_atoms_total               483 
_refine_hist.d_res_high                       1.464 
_refine_hist.d_res_low                        25.198 
# 
loop_
_refine_ls_restr.pdbx_refine_id 
_refine_ls_restr.criterion 
_refine_ls_restr.dev_ideal 
_refine_ls_restr.dev_ideal_target 
_refine_ls_restr.number 
_refine_ls_restr.rejects 
_refine_ls_restr.type 
_refine_ls_restr.weight 
_refine_ls_restr.pdbx_restraint_function 
'X-RAY DIFFRACTION' ? 0.013  0.012  513 ? r_bond_refined_d               ? ? 
'X-RAY DIFFRACTION' ? 0.001  0.017  366 ? r_bond_other_d                 ? ? 
'X-RAY DIFFRACTION' ? 1.822  1.620  715 ? r_angle_refined_deg            ? ? 
'X-RAY DIFFRACTION' ? 1.664  1.554  869 ? r_angle_other_deg              ? ? 
'X-RAY DIFFRACTION' ? 8.137  5.000  64  ? r_dihedral_angle_1_deg         ? ? 
'X-RAY DIFFRACTION' ? 35.360 22.500 24  ? r_dihedral_angle_2_deg         ? ? 
'X-RAY DIFFRACTION' ? 10.299 15.000 49  ? r_dihedral_angle_3_deg         ? ? 
'X-RAY DIFFRACTION' ? 0.111  0.200  57  ? r_chiral_restr                 ? ? 
'X-RAY DIFFRACTION' ? 0.012  0.020  610 ? r_gen_planes_refined           ? ? 
'X-RAY DIFFRACTION' ? 0.002  0.020  126 ? r_gen_planes_other             ? ? 
'X-RAY DIFFRACTION' ? 0.221  0.200  94  ? r_nbd_refined                  ? ? 
'X-RAY DIFFRACTION' ? 0.191  0.200  314 ? r_symmetry_nbd_other           ? ? 
'X-RAY DIFFRACTION' ? 0.200  0.200  221 ? r_nbtor_refined                ? ? 
'X-RAY DIFFRACTION' ? 0.090  0.200  194 ? r_symmetry_nbtor_other         ? ? 
'X-RAY DIFFRACTION' ? 0.142  0.200  28  ? r_xyhbond_nbd_refined          ? ? 
'X-RAY DIFFRACTION' ? 0.263  0.200  34  ? r_symmetry_nbd_refined         ? ? 
'X-RAY DIFFRACTION' ? 0.283  0.200  65  ? r_nbd_other                    ? ? 
'X-RAY DIFFRACTION' ? 0.191  0.200  12  ? r_symmetry_xyhbond_nbd_refined ? ? 
'X-RAY DIFFRACTION' ? 3.263  1.894  247 ? r_mcbond_it                    ? ? 
'X-RAY DIFFRACTION' ? 3.251  1.894  246 ? r_mcbond_other                 ? ? 
'X-RAY DIFFRACTION' ? 3.858  2.873  314 ? r_mcangle_it                   ? ? 
'X-RAY DIFFRACTION' ? 3.854  2.872  315 ? r_mcangle_other                ? ? 
'X-RAY DIFFRACTION' ? 5.108  2.450  266 ? r_scbond_it                    ? ? 
'X-RAY DIFFRACTION' ? 4.999  2.443  264 ? r_scbond_other                 ? ? 
'X-RAY DIFFRACTION' ? 5.811  3.513  400 ? r_scangle_it                   ? ? 
'X-RAY DIFFRACTION' ? 5.669  3.508  400 ? r_scangle_other                ? ? 
'X-RAY DIFFRACTION' ? 5.129  23.982 551 ? r_lrange_it                    ? ? 
'X-RAY DIFFRACTION' ? 5.145  23.674 547 ? r_lrange_other                 ? ? 
'X-RAY DIFFRACTION' ? 8.917  3.000  879 ? r_rigid_bond_restr             ? ? 
# 
loop_
_refine_ls_shell.pdbx_refine_id 
_refine_ls_shell.d_res_high 
_refine_ls_shell.d_res_low 
_refine_ls_shell.number_reflns_all 
_refine_ls_shell.number_reflns_obs 
_refine_ls_shell.number_reflns_R_free 
_refine_ls_shell.number_reflns_R_work 
_refine_ls_shell.percent_reflns_obs 
_refine_ls_shell.percent_reflns_R_free 
_refine_ls_shell.R_factor_all 
_refine_ls_shell.R_factor_obs 
_refine_ls_shell.R_factor_R_free 
_refine_ls_shell.R_factor_R_free_error 
_refine_ls_shell.R_factor_R_work 
_refine_ls_shell.redundancy_reflns_all 
_refine_ls_shell.redundancy_reflns_obs 
_refine_ls_shell.wR_factor_all 
_refine_ls_shell.wR_factor_obs 
_refine_ls_shell.wR_factor_R_free 
_refine_ls_shell.wR_factor_R_work 
_refine_ls_shell.pdbx_R_complete 
_refine_ls_shell.pdbx_total_number_of_bins_used 
_refine_ls_shell.pdbx_phase_error 
_refine_ls_shell.pdbx_fsc_work 
_refine_ls_shell.pdbx_fsc_free 
'X-RAY DIFFRACTION' 1.464 1.502  958 . 44 792 87.2651 . 0.305 . 0.355 . 0.302 . . . . . 0.277 . 20 . 0.952 0.949 
'X-RAY DIFFRACTION' 1.502 1.543  958 . 49 904 99.4781 . 0.275 . 0.358 . 0.271 . . . . . 0.253 . 20 . 0.966 0.903 
'X-RAY DIFFRACTION' 1.543 1.588  909 . 48 857 99.5600 . 0.275 . 0.292 . 0.274 . . . . . 0.253 . 20 . 0.964 0.948 
'X-RAY DIFFRACTION' 1.588 1.636  935 . 58 871 99.3583 . 0.262 . 0.333 . 0.258 . . . . . 0.236 . 20 . 0.960 0.921 
'X-RAY DIFFRACTION' 1.636 1.690  840 . 50 789 99.8810 . 0.253 . 0.289 . 0.251 . . . . . 0.232 . 20 . 0.957 0.895 
'X-RAY DIFFRACTION' 1.690 1.749  851 . 39 809 99.6475 . 0.233 . 0.396 . 0.227 . . . . . 0.211 . 20 . 0.966 0.948 
'X-RAY DIFFRACTION' 1.749 1.814  814 . 23 789 99.7543 . 0.202 . 0.305 . 0.200 . . . . . 0.188 . 20 . 0.980 0.938 
'X-RAY DIFFRACTION' 1.814 1.888  776 . 17 758 99.8711 . 0.183 . 0.246 . 0.182 . . . . . 0.175 . 20 . 0.988 0.968 
'X-RAY DIFFRACTION' 1.888 1.972  766 . 34 731 99.8695 . 0.185 . 0.332 . 0.178 . . . . . 0.173 . 20 . 0.985 0.944 
'X-RAY DIFFRACTION' 1.972 2.067  708 . 44 663 99.8588 . 0.198 . 0.289 . 0.192 . . . . . 0.194 . 20 . 0.978 0.935 
'X-RAY DIFFRACTION' 2.067 2.178  677 . 30 646 99.8523 . 0.181 . 0.262 . 0.177 . . . . . 0.182 . 20 . 0.980 0.941 
'X-RAY DIFFRACTION' 2.178 2.309  650 . 15 634 99.8462 . 0.173 . 0.197 . 0.172 . . . . . 0.182 . 20 . 0.982 0.969 
'X-RAY DIFFRACTION' 2.309 2.467  611 . 31 575 99.1817 . 0.175 . 0.319 . 0.168 . . . . . 0.186 . 20 . 0.983 0.960 
'X-RAY DIFFRACTION' 2.467 2.663  565 . 16 548 99.8230 . 0.195 . 0.316 . 0.193 . . . . . 0.215 . 20 . 0.978 0.946 
'X-RAY DIFFRACTION' 2.663 2.914  517 . 25 490 99.6132 . 0.183 . 0.270 . 0.179 . . . . . 0.203 . 20 . 0.978 0.953 
'X-RAY DIFFRACTION' 2.914 3.252  464 . 34 425 98.9224 . 0.169 . 0.271 . 0.161 . . . . . 0.197 . 20 . 0.984 0.964 
'X-RAY DIFFRACTION' 3.252 3.745  424 . 26 395 99.2924 . 0.163 . 0.215 . 0.160 . . . . . 0.209 . 20 . 0.985 0.976 
'X-RAY DIFFRACTION' 3.745 4.561  351 . 9  341 99.7151 . 0.142 . 0.297 . 0.139 . . . . . 0.191 . 20 . 0.990 0.975 
'X-RAY DIFFRACTION' 4.561 6.347  276 . 19 255 99.2754 . 0.182 . 0.217 . 0.179 . . . . . 0.247 . 20 . 0.984 0.974 
'X-RAY DIFFRACTION' 6.347 25.198 160 . 8  150 98.7500 . 0.235 . 0.283 . 0.233 . . . . . 0.294 . 20 . 0.964 0.966 
# 
_struct.entry_id                     7MMY 
_struct.title                        'Racemic structure of the cyclic plant peptide PDP-23' 
_struct.pdbx_model_details           ? 
_struct.pdbx_formula_weight          ? 
_struct.pdbx_formula_weight_method   ? 
_struct.pdbx_model_type_details      ? 
_struct.pdbx_CASP_flag               N 
# 
_struct_keywords.entry_id        7MMY 
_struct_keywords.text            'PDP, head-to-tail cyclic, homodimer, racemic crystallography, PLANT PROTEIN' 
_struct_keywords.pdbx_keywords   'PLANT PROTEIN' 
# 
loop_
_struct_asym.id 
_struct_asym.pdbx_blank_PDB_chainid_flag 
_struct_asym.pdbx_modified 
_struct_asym.entity_id 
_struct_asym.details 
A N N 1 ? 
B N N 1 ? 
C N N 2 ? 
D N N 2 ? 
# 
_struct_ref.id                         1 
_struct_ref.db_name                    PDB 
_struct_ref.db_code                    7MMY 
_struct_ref.pdbx_db_accession          7MMY 
_struct_ref.pdbx_db_isoform            ? 
_struct_ref.entity_id                  1 
_struct_ref.pdbx_seq_one_letter_code   ? 
_struct_ref.pdbx_align_begin           1 
# 
loop_
_struct_ref_seq.align_id 
_struct_ref_seq.ref_id 
_struct_ref_seq.pdbx_PDB_id_code 
_struct_ref_seq.pdbx_strand_id 
_struct_ref_seq.seq_align_beg 
_struct_ref_seq.pdbx_seq_align_beg_ins_code 
_struct_ref_seq.seq_align_end 
_struct_ref_seq.pdbx_seq_align_end_ins_code 
_struct_ref_seq.pdbx_db_accession 
_struct_ref_seq.db_align_beg 
_struct_ref_seq.pdbx_db_align_beg_ins_code 
_struct_ref_seq.db_align_end 
_struct_ref_seq.pdbx_db_align_end_ins_code 
_struct_ref_seq.pdbx_auth_seq_align_beg 
_struct_ref_seq.pdbx_auth_seq_align_end 
1 1 7MMY A 1 ? 28 ? 7MMY 1 ? 28 ? 1 28 
2 1 7MMY B 1 ? 28 ? 7MMY 1 ? 28 ? 1 28 
# 
_pdbx_struct_assembly.id                   1 
_pdbx_struct_assembly.details              author_defined_assembly 
_pdbx_struct_assembly.method_details       ? 
_pdbx_struct_assembly.oligomeric_details   dimeric 
_pdbx_struct_assembly.oligomeric_count     2 
# 
_pdbx_struct_assembly_gen.assembly_id       1 
_pdbx_struct_assembly_gen.oper_expression   1 
_pdbx_struct_assembly_gen.asym_id_list      A,B,C,D 
# 
_pdbx_struct_assembly_auth_evidence.id                     1 
_pdbx_struct_assembly_auth_evidence.assembly_id            1 
_pdbx_struct_assembly_auth_evidence.experimental_support   none 
_pdbx_struct_assembly_auth_evidence.details                ? 
# 
_pdbx_struct_oper_list.id                   1 
_pdbx_struct_oper_list.type                 'identity operation' 
_pdbx_struct_oper_list.name                 1_555 
_pdbx_struct_oper_list.symmetry_operation   x,y,z 
_pdbx_struct_oper_list.matrix[1][1]         1.0000000000 
_pdbx_struct_oper_list.matrix[1][2]         0.0000000000 
_pdbx_struct_oper_list.matrix[1][3]         0.0000000000 
_pdbx_struct_oper_list.vector[1]            0.0000000000 
_pdbx_struct_oper_list.matrix[2][1]         0.0000000000 
_pdbx_struct_oper_list.matrix[2][2]         1.0000000000 
_pdbx_struct_oper_list.matrix[2][3]         0.0000000000 
_pdbx_struct_oper_list.vector[2]            0.0000000000 
_pdbx_struct_oper_list.matrix[3][1]         0.0000000000 
_pdbx_struct_oper_list.matrix[3][2]         0.0000000000 
_pdbx_struct_oper_list.matrix[3][3]         1.0000000000 
_pdbx_struct_oper_list.vector[3]            0.0000000000 
# 
loop_
_struct_conn.id 
_struct_conn.conn_type_id 
_struct_conn.pdbx_leaving_atom_flag 
_struct_conn.pdbx_PDB_id 
_struct_conn.ptnr1_label_asym_id 
_struct_conn.ptnr1_label_comp_id 
_struct_conn.ptnr1_label_seq_id 
_struct_conn.ptnr1_label_atom_id 
_struct_conn.pdbx_ptnr1_label_alt_id 
_struct_conn.pdbx_ptnr1_PDB_ins_code 
_struct_conn.pdbx_ptnr1_standard_comp_id 
_struct_conn.ptnr1_symmetry 
_struct_conn.ptnr2_label_asym_id 
_struct_conn.ptnr2_label_comp_id 
_struct_conn.ptnr2_label_seq_id 
_struct_conn.ptnr2_label_atom_id 
_struct_conn.pdbx_ptnr2_label_alt_id 
_struct_conn.pdbx_ptnr2_PDB_ins_code 
_struct_conn.ptnr1_auth_asym_id 
_struct_conn.ptnr1_auth_comp_id 
_struct_conn.ptnr1_auth_seq_id 
_struct_conn.ptnr2_auth_asym_id 
_struct_conn.ptnr2_auth_comp_id 
_struct_conn.ptnr2_auth_seq_id 
_struct_conn.ptnr2_symmetry 
_struct_conn.pdbx_ptnr3_label_atom_id 
_struct_conn.pdbx_ptnr3_label_seq_id 
_struct_conn.pdbx_ptnr3_label_comp_id 
_struct_conn.pdbx_ptnr3_label_asym_id 
_struct_conn.pdbx_ptnr3_label_alt_id 
_struct_conn.pdbx_ptnr3_PDB_ins_code 
_struct_conn.details 
_struct_conn.pdbx_dist_value 
_struct_conn.pdbx_value_order 
_struct_conn.pdbx_role 
disulf1 disulf ?    ? A CYS 3  SG ? ? ? 1_555 A CYS 8  SG ? ? A CYS 3  A CYS 8  1_555 ? ? ? ? ? ? ? 1.997 ? ? 
disulf2 disulf ?    ? A CYS 14 SG ? ? ? 1_555 A CYS 25 SG ? ? A CYS 14 A CYS 25 1_555 ? ? ? ? ? ? ? 2.023 ? ? 
disulf3 disulf ?    ? B CYS 3  SG ? ? ? 1_555 B CYS 8  SG ? ? B CYS 3  B CYS 8  1_555 ? ? ? ? ? ? ? 2.034 ? ? 
disulf4 disulf ?    ? B CYS 14 SG ? ? ? 1_555 B CYS 25 SG ? ? B CYS 14 B CYS 25 1_555 ? ? ? ? ? ? ? 2.043 ? ? 
covale1 covale both ? A GLY 1  N  ? ? ? 1_555 A ASP 28 C  ? ? A GLY 1  A ASP 28 1_555 ? ? ? ? ? ? ? 1.312 ? ? 
covale2 covale both ? B GLY 1  N  ? ? ? 1_555 B ASP 28 C  ? ? B GLY 1  B ASP 28 1_555 ? ? ? ? ? ? ? 1.338 ? ? 
# 
loop_
_struct_conn_type.id 
_struct_conn_type.criteria 
_struct_conn_type.reference 
disulf ? ? 
covale ? ? 
# 
loop_
_pdbx_modification_feature.ordinal 
_pdbx_modification_feature.label_comp_id 
_pdbx_modification_feature.label_asym_id 
_pdbx_modification_feature.label_seq_id 
_pdbx_modification_feature.label_alt_id 
_pdbx_modification_feature.modified_residue_label_comp_id 
_pdbx_modification_feature.modified_residue_label_asym_id 
_pdbx_modification_feature.modified_residue_label_seq_id 
_pdbx_modification_feature.modified_residue_label_alt_id 
_pdbx_modification_feature.auth_comp_id 
_pdbx_modification_feature.auth_asym_id 
_pdbx_modification_feature.auth_seq_id 
_pdbx_modification_feature.PDB_ins_code 
_pdbx_modification_feature.symmetry 
_pdbx_modification_feature.modified_residue_auth_comp_id 
_pdbx_modification_feature.modified_residue_auth_asym_id 
_pdbx_modification_feature.modified_residue_auth_seq_id 
_pdbx_modification_feature.modified_residue_PDB_ins_code 
_pdbx_modification_feature.modified_residue_symmetry 
_pdbx_modification_feature.comp_id_linking_atom 
_pdbx_modification_feature.modified_residue_id_linking_atom 
_pdbx_modification_feature.modified_residue_id 
_pdbx_modification_feature.ref_pcm_id 
_pdbx_modification_feature.ref_comp_id 
_pdbx_modification_feature.type 
_pdbx_modification_feature.category 
1 CYS A 3  ? CYS A 8  ? CYS A 3  ? 1_555 CYS A 8  ? 1_555 SG SG . . . None 'Disulfide bridge'     
2 CYS A 14 ? CYS A 25 ? CYS A 14 ? 1_555 CYS A 25 ? 1_555 SG SG . . . None 'Disulfide bridge'     
3 CYS B 3  ? CYS B 8  ? CYS B 3  ? 1_555 CYS B 8  ? 1_555 SG SG . . . None 'Disulfide bridge'     
4 CYS B 14 ? CYS B 25 ? CYS B 14 ? 1_555 CYS B 25 ? 1_555 SG SG . . . None 'Disulfide bridge'     
5 GLY A 1  ? ASP A 28 ? GLY A 1  ? 1_555 ASP A 28 ? 1_555 N  C  . . . None 'Non-standard linkage' 
6 GLY B 1  ? ASP B 28 ? GLY B 1  ? 1_555 ASP B 28 ? 1_555 N  C  . . . None 'Non-standard linkage' 
# 
loop_
_struct_mon_prot_cis.pdbx_id 
_struct_mon_prot_cis.label_comp_id 
_struct_mon_prot_cis.label_seq_id 
_struct_mon_prot_cis.label_asym_id 
_struct_mon_prot_cis.label_alt_id 
_struct_mon_prot_cis.pdbx_PDB_ins_code 
_struct_mon_prot_cis.auth_comp_id 
_struct_mon_prot_cis.auth_seq_id 
_struct_mon_prot_cis.auth_asym_id 
_struct_mon_prot_cis.pdbx_label_comp_id_2 
_struct_mon_prot_cis.pdbx_label_seq_id_2 
_struct_mon_prot_cis.pdbx_label_asym_id_2 
_struct_mon_prot_cis.pdbx_PDB_ins_code_2 
_struct_mon_prot_cis.pdbx_auth_comp_id_2 
_struct_mon_prot_cis.pdbx_auth_seq_id_2 
_struct_mon_prot_cis.pdbx_auth_asym_id_2 
_struct_mon_prot_cis.pdbx_PDB_model_num 
_struct_mon_prot_cis.pdbx_omega_angle 
1 TRP 19 A . ? TRP 19 A PRO 20 A ? PRO 20 A 1 4.87  
2 TRP 19 B . ? TRP 19 B PRO 20 B ? PRO 20 B 1 12.05 
# 
loop_
_struct_sheet.id 
_struct_sheet.type 
_struct_sheet.number_strands 
_struct_sheet.details 
AA1 ? 2 ? 
AA2 ? 2 ? 
AA3 ? 2 ? 
AA4 ? 2 ? 
# 
loop_
_struct_sheet_order.sheet_id 
_struct_sheet_order.range_id_1 
_struct_sheet_order.range_id_2 
_struct_sheet_order.offset 
_struct_sheet_order.sense 
AA1 1 2 ? anti-parallel 
AA2 1 2 ? anti-parallel 
AA3 1 2 ? anti-parallel 
AA4 1 2 ? anti-parallel 
# 
loop_
_struct_sheet_range.sheet_id 
_struct_sheet_range.id 
_struct_sheet_range.beg_label_comp_id 
_struct_sheet_range.beg_label_asym_id 
_struct_sheet_range.beg_label_seq_id 
_struct_sheet_range.pdbx_beg_PDB_ins_code 
_struct_sheet_range.end_label_comp_id 
_struct_sheet_range.end_label_asym_id 
_struct_sheet_range.end_label_seq_id 
_struct_sheet_range.pdbx_end_PDB_ins_code 
_struct_sheet_range.beg_auth_comp_id 
_struct_sheet_range.beg_auth_asym_id 
_struct_sheet_range.beg_auth_seq_id 
_struct_sheet_range.end_auth_comp_id 
_struct_sheet_range.end_auth_asym_id 
_struct_sheet_range.end_auth_seq_id 
AA1 1 PHE A 2  ? TRP A 4  ? PHE A 2  TRP A 4  
AA1 2 SER A 7  ? VAL A 9  ? SER A 7  VAL A 9  
AA2 1 THR A 13 ? ASP A 16 ? THR A 13 ASP A 16 
AA2 2 HIS A 23 ? PHE A 26 ? HIS A 23 PHE A 26 
AA3 1 PHE B 2  ? TRP B 4  ? PHE B 2  TRP B 4  
AA3 2 SER B 7  ? VAL B 9  ? SER B 7  VAL B 9  
AA4 1 THR B 13 ? ASP B 16 ? THR B 13 ASP B 16 
AA4 2 HIS B 23 ? PHE B 26 ? HIS B 23 PHE B 26 
# 
loop_
_pdbx_struct_sheet_hbond.sheet_id 
_pdbx_struct_sheet_hbond.range_id_1 
_pdbx_struct_sheet_hbond.range_id_2 
_pdbx_struct_sheet_hbond.range_1_label_atom_id 
_pdbx_struct_sheet_hbond.range_1_label_comp_id 
_pdbx_struct_sheet_hbond.range_1_label_asym_id 
_pdbx_struct_sheet_hbond.range_1_label_seq_id 
_pdbx_struct_sheet_hbond.range_1_PDB_ins_code 
_pdbx_struct_sheet_hbond.range_1_auth_atom_id 
_pdbx_struct_sheet_hbond.range_1_auth_comp_id 
_pdbx_struct_sheet_hbond.range_1_auth_asym_id 
_pdbx_struct_sheet_hbond.range_1_auth_seq_id 
_pdbx_struct_sheet_hbond.range_2_label_atom_id 
_pdbx_struct_sheet_hbond.range_2_label_comp_id 
_pdbx_struct_sheet_hbond.range_2_label_asym_id 
_pdbx_struct_sheet_hbond.range_2_label_seq_id 
_pdbx_struct_sheet_hbond.range_2_PDB_ins_code 
_pdbx_struct_sheet_hbond.range_2_auth_atom_id 
_pdbx_struct_sheet_hbond.range_2_auth_comp_id 
_pdbx_struct_sheet_hbond.range_2_auth_asym_id 
_pdbx_struct_sheet_hbond.range_2_auth_seq_id 
AA1 1 2 N TRP A 4  ? N TRP A 4  O SER A 7  ? O SER A 7  
AA2 1 2 N THR A 13 ? N THR A 13 O PHE A 26 ? O PHE A 26 
AA3 1 2 N PHE B 2  ? N PHE B 2  O VAL B 9  ? O VAL B 9  
AA4 1 2 N THR B 13 ? N THR B 13 O PHE B 26 ? O PHE B 26 
# 
_pdbx_entry_details.entry_id                   7MMY 
_pdbx_entry_details.compound_details           ? 
_pdbx_entry_details.source_details             ? 
_pdbx_entry_details.nonpolymer_details         ? 
_pdbx_entry_details.sequence_details           ? 
_pdbx_entry_details.has_ligand_of_interest     ? 
_pdbx_entry_details.has_protein_modification   Y 
# 
_pdbx_validate_torsion.id              1 
_pdbx_validate_torsion.PDB_model_num   1 
_pdbx_validate_torsion.auth_comp_id    HIS 
_pdbx_validate_torsion.auth_asym_id    A 
_pdbx_validate_torsion.auth_seq_id     5 
_pdbx_validate_torsion.PDB_ins_code    ? 
_pdbx_validate_torsion.label_alt_id    B 
_pdbx_validate_torsion.phi             56.66 
_pdbx_validate_torsion.psi             -101.08 
# 
loop_
_chem_comp_atom.comp_id 
_chem_comp_atom.atom_id 
_chem_comp_atom.type_symbol 
_chem_comp_atom.pdbx_aromatic_flag 
_chem_comp_atom.pdbx_stereo_config 
_chem_comp_atom.pdbx_ordinal 
ALA N    N N N 1   
ALA CA   C N S 2   
ALA C    C N N 3   
ALA O    O N N 4   
ALA CB   C N N 5   
ALA OXT  O N N 6   
ALA H    H N N 7   
ALA H2   H N N 8   
ALA HA   H N N 9   
ALA HB1  H N N 10  
ALA HB2  H N N 11  
ALA HB3  H N N 12  
ALA HXT  H N N 13  
ASP N    N N N 14  
ASP CA   C N S 15  
ASP C    C N N 16  
ASP O    O N N 17  
ASP CB   C N N 18  
ASP CG   C N N 19  
ASP OD1  O N N 20  
ASP OD2  O N N 21  
ASP OXT  O N N 22  
ASP H    H N N 23  
ASP H2   H N N 24  
ASP HA   H N N 25  
ASP HB2  H N N 26  
ASP HB3  H N N 27  
ASP HD2  H N N 28  
ASP HXT  H N N 29  
CYS N    N N N 30  
CYS CA   C N R 31  
CYS C    C N N 32  
CYS O    O N N 33  
CYS CB   C N N 34  
CYS SG   S N N 35  
CYS OXT  O N N 36  
CYS H    H N N 37  
CYS H2   H N N 38  
CYS HA   H N N 39  
CYS HB2  H N N 40  
CYS HB3  H N N 41  
CYS HG   H N N 42  
CYS HXT  H N N 43  
GLN N    N N N 44  
GLN CA   C N S 45  
GLN C    C N N 46  
GLN O    O N N 47  
GLN CB   C N N 48  
GLN CG   C N N 49  
GLN CD   C N N 50  
GLN OE1  O N N 51  
GLN NE2  N N N 52  
GLN OXT  O N N 53  
GLN H    H N N 54  
GLN H2   H N N 55  
GLN HA   H N N 56  
GLN HB2  H N N 57  
GLN HB3  H N N 58  
GLN HG2  H N N 59  
GLN HG3  H N N 60  
GLN HE21 H N N 61  
GLN HE22 H N N 62  
GLN HXT  H N N 63  
GLY N    N N N 64  
GLY CA   C N N 65  
GLY C    C N N 66  
GLY O    O N N 67  
GLY OXT  O N N 68  
GLY H    H N N 69  
GLY H2   H N N 70  
GLY HA2  H N N 71  
GLY HA3  H N N 72  
GLY HXT  H N N 73  
HIS N    N N N 74  
HIS CA   C N S 75  
HIS C    C N N 76  
HIS O    O N N 77  
HIS CB   C N N 78  
HIS CG   C Y N 79  
HIS ND1  N Y N 80  
HIS CD2  C Y N 81  
HIS CE1  C Y N 82  
HIS NE2  N Y N 83  
HIS OXT  O N N 84  
HIS H    H N N 85  
HIS H2   H N N 86  
HIS HA   H N N 87  
HIS HB2  H N N 88  
HIS HB3  H N N 89  
HIS HD1  H N N 90  
HIS HD2  H N N 91  
HIS HE1  H N N 92  
HIS HE2  H N N 93  
HIS HXT  H N N 94  
HOH O    O N N 95  
HOH H1   H N N 96  
HOH H2   H N N 97  
LEU N    N N N 98  
LEU CA   C N S 99  
LEU C    C N N 100 
LEU O    O N N 101 
LEU CB   C N N 102 
LEU CG   C N N 103 
LEU CD1  C N N 104 
LEU CD2  C N N 105 
LEU OXT  O N N 106 
LEU H    H N N 107 
LEU H2   H N N 108 
LEU HA   H N N 109 
LEU HB2  H N N 110 
LEU HB3  H N N 111 
LEU HG   H N N 112 
LEU HD11 H N N 113 
LEU HD12 H N N 114 
LEU HD13 H N N 115 
LEU HD21 H N N 116 
LEU HD22 H N N 117 
LEU HD23 H N N 118 
LEU HXT  H N N 119 
PHE N    N N N 120 
PHE CA   C N S 121 
PHE C    C N N 122 
PHE O    O N N 123 
PHE CB   C N N 124 
PHE CG   C Y N 125 
PHE CD1  C Y N 126 
PHE CD2  C Y N 127 
PHE CE1  C Y N 128 
PHE CE2  C Y N 129 
PHE CZ   C Y N 130 
PHE OXT  O N N 131 
PHE H    H N N 132 
PHE H2   H N N 133 
PHE HA   H N N 134 
PHE HB2  H N N 135 
PHE HB3  H N N 136 
PHE HD1  H N N 137 
PHE HD2  H N N 138 
PHE HE1  H N N 139 
PHE HE2  H N N 140 
PHE HZ   H N N 141 
PHE HXT  H N N 142 
PRO N    N N N 143 
PRO CA   C N S 144 
PRO C    C N N 145 
PRO O    O N N 146 
PRO CB   C N N 147 
PRO CG   C N N 148 
PRO CD   C N N 149 
PRO OXT  O N N 150 
PRO H    H N N 151 
PRO HA   H N N 152 
PRO HB2  H N N 153 
PRO HB3  H N N 154 
PRO HG2  H N N 155 
PRO HG3  H N N 156 
PRO HD2  H N N 157 
PRO HD3  H N N 158 
PRO HXT  H N N 159 
SER N    N N N 160 
SER CA   C N S 161 
SER C    C N N 162 
SER O    O N N 163 
SER CB   C N N 164 
SER OG   O N N 165 
SER OXT  O N N 166 
SER H    H N N 167 
SER H2   H N N 168 
SER HA   H N N 169 
SER HB2  H N N 170 
SER HB3  H N N 171 
SER HG   H N N 172 
SER HXT  H N N 173 
THR N    N N N 174 
THR CA   C N S 175 
THR C    C N N 176 
THR O    O N N 177 
THR CB   C N R 178 
THR OG1  O N N 179 
THR CG2  C N N 180 
THR OXT  O N N 181 
THR H    H N N 182 
THR H2   H N N 183 
THR HA   H N N 184 
THR HB   H N N 185 
THR HG1  H N N 186 
THR HG21 H N N 187 
THR HG22 H N N 188 
THR HG23 H N N 189 
THR HXT  H N N 190 
TRP N    N N N 191 
TRP CA   C N S 192 
TRP C    C N N 193 
TRP O    O N N 194 
TRP CB   C N N 195 
TRP CG   C Y N 196 
TRP CD1  C Y N 197 
TRP CD2  C Y N 198 
TRP NE1  N Y N 199 
TRP CE2  C Y N 200 
TRP CE3  C Y N 201 
TRP CZ2  C Y N 202 
TRP CZ3  C Y N 203 
TRP CH2  C Y N 204 
TRP OXT  O N N 205 
TRP H    H N N 206 
TRP H2   H N N 207 
TRP HA   H N N 208 
TRP HB2  H N N 209 
TRP HB3  H N N 210 
TRP HD1  H N N 211 
TRP HE1  H N N 212 
TRP HE3  H N N 213 
TRP HZ2  H N N 214 
TRP HZ3  H N N 215 
TRP HH2  H N N 216 
TRP HXT  H N N 217 
VAL N    N N N 218 
VAL CA   C N S 219 
VAL C    C N N 220 
VAL O    O N N 221 
VAL CB   C N N 222 
VAL CG1  C N N 223 
VAL CG2  C N N 224 
VAL OXT  O N N 225 
VAL H    H N N 226 
VAL H2   H N N 227 
VAL HA   H N N 228 
VAL HB   H N N 229 
VAL HG11 H N N 230 
VAL HG12 H N N 231 
VAL HG13 H N N 232 
VAL HG21 H N N 233 
VAL HG22 H N N 234 
VAL HG23 H N N 235 
VAL HXT  H N N 236 
# 
loop_
_chem_comp_bond.comp_id 
_chem_comp_bond.atom_id_1 
_chem_comp_bond.atom_id_2 
_chem_comp_bond.value_order 
_chem_comp_bond.pdbx_aromatic_flag 
_chem_comp_bond.pdbx_stereo_config 
_chem_comp_bond.pdbx_ordinal 
ALA N   CA   sing N N 1   
ALA N   H    sing N N 2   
ALA N   H2   sing N N 3   
ALA CA  C    sing N N 4   
ALA CA  CB   sing N N 5   
ALA CA  HA   sing N N 6   
ALA C   O    doub N N 7   
ALA C   OXT  sing N N 8   
ALA CB  HB1  sing N N 9   
ALA CB  HB2  sing N N 10  
ALA CB  HB3  sing N N 11  
ALA OXT HXT  sing N N 12  
ASP N   CA   sing N N 13  
ASP N   H    sing N N 14  
ASP N   H2   sing N N 15  
ASP CA  C    sing N N 16  
ASP CA  CB   sing N N 17  
ASP CA  HA   sing N N 18  
ASP C   O    doub N N 19  
ASP C   OXT  sing N N 20  
ASP CB  CG   sing N N 21  
ASP CB  HB2  sing N N 22  
ASP CB  HB3  sing N N 23  
ASP CG  OD1  doub N N 24  
ASP CG  OD2  sing N N 25  
ASP OD2 HD2  sing N N 26  
ASP OXT HXT  sing N N 27  
CYS N   CA   sing N N 28  
CYS N   H    sing N N 29  
CYS N   H2   sing N N 30  
CYS CA  C    sing N N 31  
CYS CA  CB   sing N N 32  
CYS CA  HA   sing N N 33  
CYS C   O    doub N N 34  
CYS C   OXT  sing N N 35  
CYS CB  SG   sing N N 36  
CYS CB  HB2  sing N N 37  
CYS CB  HB3  sing N N 38  
CYS SG  HG   sing N N 39  
CYS OXT HXT  sing N N 40  
GLN N   CA   sing N N 41  
GLN N   H    sing N N 42  
GLN N   H2   sing N N 43  
GLN CA  C    sing N N 44  
GLN CA  CB   sing N N 45  
GLN CA  HA   sing N N 46  
GLN C   O    doub N N 47  
GLN C   OXT  sing N N 48  
GLN CB  CG   sing N N 49  
GLN CB  HB2  sing N N 50  
GLN CB  HB3  sing N N 51  
GLN CG  CD   sing N N 52  
GLN CG  HG2  sing N N 53  
GLN CG  HG3  sing N N 54  
GLN CD  OE1  doub N N 55  
GLN CD  NE2  sing N N 56  
GLN NE2 HE21 sing N N 57  
GLN NE2 HE22 sing N N 58  
GLN OXT HXT  sing N N 59  
GLY N   CA   sing N N 60  
GLY N   H    sing N N 61  
GLY N   H2   sing N N 62  
GLY CA  C    sing N N 63  
GLY CA  HA2  sing N N 64  
GLY CA  HA3  sing N N 65  
GLY C   O    doub N N 66  
GLY C   OXT  sing N N 67  
GLY OXT HXT  sing N N 68  
HIS N   CA   sing N N 69  
HIS N   H    sing N N 70  
HIS N   H2   sing N N 71  
HIS CA  C    sing N N 72  
HIS CA  CB   sing N N 73  
HIS CA  HA   sing N N 74  
HIS C   O    doub N N 75  
HIS C   OXT  sing N N 76  
HIS CB  CG   sing N N 77  
HIS CB  HB2  sing N N 78  
HIS CB  HB3  sing N N 79  
HIS CG  ND1  sing Y N 80  
HIS CG  CD2  doub Y N 81  
HIS ND1 CE1  doub Y N 82  
HIS ND1 HD1  sing N N 83  
HIS CD2 NE2  sing Y N 84  
HIS CD2 HD2  sing N N 85  
HIS CE1 NE2  sing Y N 86  
HIS CE1 HE1  sing N N 87  
HIS NE2 HE2  sing N N 88  
HIS OXT HXT  sing N N 89  
HOH O   H1   sing N N 90  
HOH O   H2   sing N N 91  
LEU N   CA   sing N N 92  
LEU N   H    sing N N 93  
LEU N   H2   sing N N 94  
LEU CA  C    sing N N 95  
LEU CA  CB   sing N N 96  
LEU CA  HA   sing N N 97  
LEU C   O    doub N N 98  
LEU C   OXT  sing N N 99  
LEU CB  CG   sing N N 100 
LEU CB  HB2  sing N N 101 
LEU CB  HB3  sing N N 102 
LEU CG  CD1  sing N N 103 
LEU CG  CD2  sing N N 104 
LEU CG  HG   sing N N 105 
LEU CD1 HD11 sing N N 106 
LEU CD1 HD12 sing N N 107 
LEU CD1 HD13 sing N N 108 
LEU CD2 HD21 sing N N 109 
LEU CD2 HD22 sing N N 110 
LEU CD2 HD23 sing N N 111 
LEU OXT HXT  sing N N 112 
PHE N   CA   sing N N 113 
PHE N   H    sing N N 114 
PHE N   H2   sing N N 115 
PHE CA  C    sing N N 116 
PHE CA  CB   sing N N 117 
PHE CA  HA   sing N N 118 
PHE C   O    doub N N 119 
PHE C   OXT  sing N N 120 
PHE CB  CG   sing N N 121 
PHE CB  HB2  sing N N 122 
PHE CB  HB3  sing N N 123 
PHE CG  CD1  doub Y N 124 
PHE CG  CD2  sing Y N 125 
PHE CD1 CE1  sing Y N 126 
PHE CD1 HD1  sing N N 127 
PHE CD2 CE2  doub Y N 128 
PHE CD2 HD2  sing N N 129 
PHE CE1 CZ   doub Y N 130 
PHE CE1 HE1  sing N N 131 
PHE CE2 CZ   sing Y N 132 
PHE CE2 HE2  sing N N 133 
PHE CZ  HZ   sing N N 134 
PHE OXT HXT  sing N N 135 
PRO N   CA   sing N N 136 
PRO N   CD   sing N N 137 
PRO N   H    sing N N 138 
PRO CA  C    sing N N 139 
PRO CA  CB   sing N N 140 
PRO CA  HA   sing N N 141 
PRO C   O    doub N N 142 
PRO C   OXT  sing N N 143 
PRO CB  CG   sing N N 144 
PRO CB  HB2  sing N N 145 
PRO CB  HB3  sing N N 146 
PRO CG  CD   sing N N 147 
PRO CG  HG2  sing N N 148 
PRO CG  HG3  sing N N 149 
PRO CD  HD2  sing N N 150 
PRO CD  HD3  sing N N 151 
PRO OXT HXT  sing N N 152 
SER N   CA   sing N N 153 
SER N   H    sing N N 154 
SER N   H2   sing N N 155 
SER CA  C    sing N N 156 
SER CA  CB   sing N N 157 
SER CA  HA   sing N N 158 
SER C   O    doub N N 159 
SER C   OXT  sing N N 160 
SER CB  OG   sing N N 161 
SER CB  HB2  sing N N 162 
SER CB  HB3  sing N N 163 
SER OG  HG   sing N N 164 
SER OXT HXT  sing N N 165 
THR N   CA   sing N N 166 
THR N   H    sing N N 167 
THR N   H2   sing N N 168 
THR CA  C    sing N N 169 
THR CA  CB   sing N N 170 
THR CA  HA   sing N N 171 
THR C   O    doub N N 172 
THR C   OXT  sing N N 173 
THR CB  OG1  sing N N 174 
THR CB  CG2  sing N N 175 
THR CB  HB   sing N N 176 
THR OG1 HG1  sing N N 177 
THR CG2 HG21 sing N N 178 
THR CG2 HG22 sing N N 179 
THR CG2 HG23 sing N N 180 
THR OXT HXT  sing N N 181 
TRP N   CA   sing N N 182 
TRP N   H    sing N N 183 
TRP N   H2   sing N N 184 
TRP CA  C    sing N N 185 
TRP CA  CB   sing N N 186 
TRP CA  HA   sing N N 187 
TRP C   O    doub N N 188 
TRP C   OXT  sing N N 189 
TRP CB  CG   sing N N 190 
TRP CB  HB2  sing N N 191 
TRP CB  HB3  sing N N 192 
TRP CG  CD1  doub Y N 193 
TRP CG  CD2  sing Y N 194 
TRP CD1 NE1  sing Y N 195 
TRP CD1 HD1  sing N N 196 
TRP CD2 CE2  doub Y N 197 
TRP CD2 CE3  sing Y N 198 
TRP NE1 CE2  sing Y N 199 
TRP NE1 HE1  sing N N 200 
TRP CE2 CZ2  sing Y N 201 
TRP CE3 CZ3  doub Y N 202 
TRP CE3 HE3  sing N N 203 
TRP CZ2 CH2  doub Y N 204 
TRP CZ2 HZ2  sing N N 205 
TRP CZ3 CH2  sing Y N 206 
TRP CZ3 HZ3  sing N N 207 
TRP CH2 HH2  sing N N 208 
TRP OXT HXT  sing N N 209 
VAL N   CA   sing N N 210 
VAL N   H    sing N N 211 
VAL N   H2   sing N N 212 
VAL CA  C    sing N N 213 
VAL CA  CB   sing N N 214 
VAL CA  HA   sing N N 215 
VAL C   O    doub N N 216 
VAL C   OXT  sing N N 217 
VAL CB  CG1  sing N N 218 
VAL CB  CG2  sing N N 219 
VAL CB  HB   sing N N 220 
VAL CG1 HG11 sing N N 221 
VAL CG1 HG12 sing N N 222 
VAL CG1 HG13 sing N N 223 
VAL CG2 HG21 sing N N 224 
VAL CG2 HG22 sing N N 225 
VAL CG2 HG23 sing N N 226 
VAL OXT HXT  sing N N 227 
# 
loop_
_pdbx_audit_support.funding_organization 
_pdbx_audit_support.country 
_pdbx_audit_support.grant_number 
_pdbx_audit_support.ordinal 
'Australian Research Council (ARC)' Australia FT130100890 1 
'Australian Research Council (ARC)' Australia DP190102058 2 
# 
_pdbx_initial_refinement_model.id               1 
_pdbx_initial_refinement_model.entity_id_list   ? 
_pdbx_initial_refinement_model.type             'experimental model' 
_pdbx_initial_refinement_model.source_name      PDB 
_pdbx_initial_refinement_model.accession_code   7L51 
_pdbx_initial_refinement_model.details          ? 
# 
_atom_sites.entry_id                    7MMY 
_atom_sites.Cartn_transf_matrix[1][1]   ? 
_atom_sites.Cartn_transf_matrix[1][2]   ? 
_atom_sites.Cartn_transf_matrix[1][3]   ? 
_atom_sites.Cartn_transf_matrix[2][1]   ? 
_atom_sites.Cartn_transf_matrix[2][2]   ? 
_atom_sites.Cartn_transf_matrix[2][3]   ? 
_atom_sites.Cartn_transf_matrix[3][1]   ? 
_atom_sites.Cartn_transf_matrix[3][2]   ? 
_atom_sites.Cartn_transf_matrix[3][3]   ? 
_atom_sites.Cartn_transf_vector[1]      ? 
_atom_sites.Cartn_transf_vector[2]      ? 
_atom_sites.Cartn_transf_vector[3]      ? 
_atom_sites.fract_transf_matrix[1][1]   -0.01154230 
_atom_sites.fract_transf_matrix[1][2]   0.02917452 
_atom_sites.fract_transf_matrix[1][3]   -0.01836971 
_atom_sites.fract_transf_matrix[2][1]   0.01389107 
_atom_sites.fract_transf_matrix[2][2]   -0.00363316 
_atom_sites.fract_transf_matrix[2][3]   -0.01449836 
_atom_sites.fract_transf_matrix[3][1]   -0.02288220 
_atom_sites.fract_transf_matrix[3][2]   -0.01828197 
_atom_sites.fract_transf_matrix[3][3]   -0.01734244 
_atom_sites.fract_transf_vector[1]      0.016634 
_atom_sites.fract_transf_vector[2]      0.134760 
_atom_sites.fract_transf_vector[3]      0.386770 
_atom_sites.solution_primary            ? 
_atom_sites.solution_secondary          ? 
_atom_sites.solution_hydrogens          ? 
_atom_sites.special_details             ? 
# 
loop_
_atom_type.symbol 
_atom_type.pdbx_scat_Z 
_atom_type.pdbx_N_electrons 
_atom_type.scat_Cromer_Mann_a1 
_atom_type.scat_Cromer_Mann_b1 
_atom_type.scat_Cromer_Mann_a2 
_atom_type.scat_Cromer_Mann_b2 
_atom_type.scat_Cromer_Mann_a3 
_atom_type.scat_Cromer_Mann_b3 
_atom_type.scat_Cromer_Mann_a4 
_atom_type.scat_Cromer_Mann_b4 
_atom_type.scat_Cromer_Mann_c 
C 6  6  2.310  20.844 1.020 10.208 1.589 0.569  0.865 51.651 0.216   
H 1  1  0.493  10.511 0.323 26.126 0.140 3.142  0.041 57.800 0.003   
N 7  7  12.222 0.006  3.135 9.893  2.014 28.997 1.167 0.583  -11.538 
O 8  8  3.049  13.277 2.287 5.701  1.546 0.324  0.867 32.909 0.251   
S 16 16 6.905  1.468  5.203 22.215 1.438 0.254  1.586 56.172 1.042   
# 
loop_
_atom_site.group_PDB 
_atom_site.id 
_atom_site.type_symbol 
_atom_site.label_atom_id 
_atom_site.label_alt_id 
_atom_site.label_comp_id 
_atom_site.label_asym_id 
_atom_site.label_entity_id 
_atom_site.label_seq_id 
_atom_site.pdbx_PDB_ins_code 
_atom_site.Cartn_x 
_atom_site.Cartn_y 
_atom_site.Cartn_z 
_atom_site.occupancy 
_atom_site.B_iso_or_equiv 
_atom_site.pdbx_formal_charge 
_atom_site.auth_seq_id 
_atom_site.auth_comp_id 
_atom_site.auth_asym_id 
_atom_site.auth_atom_id 
_atom_site.pdbx_PDB_model_num 
_atom_site.calc_flag 
ATOM   1   N N   . GLY A 1 1  ? -3.869  -8.247  5.355   1.000 21.945 ? 1   GLY A N   1 ? 
ATOM   2   C CA  . GLY A 1 1  ? -4.379  -7.719  4.107   1.000 20.022 ? 1   GLY A CA  1 ? 
ATOM   3   C C   . GLY A 1 1  ? -4.207  -6.211  4.061   1.000 14.610 ? 1   GLY A C   1 ? 
ATOM   4   O O   . GLY A 1 1  ? -3.746  -5.583  5.028   1.000 17.594 ? 1   GLY A O   1 ? 
ATOM   5   N N   . PHE A 1 2  ? -4.580  -5.643  2.929   1.000 13.691 ? 2   PHE A N   1 ? 
ATOM   6   C CA  . PHE A 1 2  ? -4.438  -4.203  2.671   1.000 13.805 ? 2   PHE A CA  1 ? 
ATOM   7   C C   . PHE A 1 2  ? -5.533  -3.797  1.719   1.000 12.840 ? 2   PHE A C   1 ? 
ATOM   8   O O   . PHE A 1 2  ? -5.638  -4.447  0.655   1.000 14.984 ? 2   PHE A O   1 ? 
ATOM   9   C CB  . PHE A 1 2  ? -3.040  -3.896  2.141   1.000 14.924 ? 2   PHE A CB  1 ? 
ATOM   10  C CG  . PHE A 1 2  ? -2.716  -2.425  2.057   1.000 13.245 ? 2   PHE A CG  1 ? 
ATOM   11  C CD1 . PHE A 1 2  ? -3.219  -1.636  1.047   1.000 14.416 ? 2   PHE A CD1 1 ? 
ATOM   12  C CD2 . PHE A 1 2  ? -1.802  -1.867  2.936   1.000 15.232 ? 2   PHE A CD2 1 ? 
ATOM   13  C CE1 . PHE A 1 2  ? -2.835  -0.304  0.941   1.000 15.895 ? 2   PHE A CE1 1 ? 
ATOM   14  C CE2 . PHE A 1 2  ? -1.420  -0.537  2.824   1.000 15.942 ? 2   PHE A CE2 1 ? 
ATOM   15  C CZ  . PHE A 1 2  ? -1.941  0.248   1.832   1.000 16.932 ? 2   PHE A CZ  1 ? 
ATOM   16  N N   . CYS A 1 3  ? -6.362  -2.856  2.135   1.000 13.726 ? 3   CYS A N   1 ? 
ATOM   17  C CA  . CYS A 1 3  ? -7.501  -2.379  1.328   1.000 13.484 ? 3   CYS A CA  1 ? 
ATOM   18  C C   . CYS A 1 3  ? -7.348  -0.926  0.943   1.000 15.122 ? 3   CYS A C   1 ? 
ATOM   19  O O   . CYS A 1 3  ? -6.843  -0.096  1.770   1.000 15.851 ? 3   CYS A O   1 ? 
ATOM   20  C CB  . CYS A 1 3  ? -8.842  -2.571  2.018   1.000 15.383 ? 3   CYS A CB  1 ? 
ATOM   21  S SG  . CYS A 1 3  ? -9.158  -4.270  2.521   1.000 17.917 ? 3   CYS A SG  1 ? 
ATOM   22  N N   . TRP A 1 4  ? -7.605  -0.626  -0.301  1.000 17.492 ? 4   TRP A N   1 ? 
ATOM   23  C CA  . TRP A 1 4  ? -7.518  0.737   -0.854  1.000 15.325 ? 4   TRP A CA  1 ? 
ATOM   24  C C   . TRP A 1 4  ? -8.380  0.804   -2.103  1.000 16.480 ? 4   TRP A C   1 ? 
ATOM   25  O O   . TRP A 1 4  ? -8.663  -0.216  -2.705  1.000 20.576 ? 4   TRP A O   1 ? 
ATOM   26  C CB  . TRP A 1 4  ? -6.056  1.056   -1.143  1.000 14.927 ? 4   TRP A CB  1 ? 
ATOM   27  C CG  . TRP A 1 4  ? -5.757  2.501   -1.345  1.000 15.118 ? 4   TRP A CG  1 ? 
ATOM   28  C CD1 . TRP A 1 4  ? -5.579  3.163   -2.521  1.000 16.383 ? 4   TRP A CD1 1 ? 
ATOM   29  C CD2 . TRP A 1 4  ? -5.576  3.461   -0.307  1.000 15.036 ? 4   TRP A CD2 1 ? 
ATOM   30  N NE1 . TRP A 1 4  ? -5.305  4.478   -2.295  1.000 18.123 ? 4   TRP A NE1 1 ? 
ATOM   31  C CE2 . TRP A 1 4  ? -5.283  4.688   -0.939  1.000 15.625 ? 4   TRP A CE2 1 ? 
ATOM   32  C CE3 . TRP A 1 4  ? -5.660  3.405   1.081   1.000 15.994 ? 4   TRP A CE3 1 ? 
ATOM   33  C CZ2 . TRP A 1 4  ? -5.039  5.846   -0.203  1.000 17.841 ? 4   TRP A CZ2 1 ? 
ATOM   34  C CZ3 . TRP A 1 4  ? -5.381  4.544   1.815   1.000 17.939 ? 4   TRP A CZ3 1 ? 
ATOM   35  C CH2 . TRP A 1 4  ? -5.095  5.759   1.177   1.000 20.820 ? 4   TRP A CH2 1 ? 
ATOM   36  N N   A HIS A 1 5  ? -8.908  1.951   -2.522  0.500 24.091 ? 5   HIS A N   1 ? 
ATOM   37  N N   B HIS A 1 5  ? -8.714  2.035   -2.456  0.500 18.844 ? 5   HIS A N   1 ? 
ATOM   38  C CA  A HIS A 1 5  ? -9.508  2.117   -3.891  0.500 31.450 ? 5   HIS A CA  1 ? 
ATOM   39  C CA  B HIS A 1 5  ? -9.626  2.359   -3.579  0.500 19.704 ? 5   HIS A CA  1 ? 
ATOM   40  C C   A HIS A 1 5  ? -10.564 1.032   -4.224  0.500 26.656 ? 5   HIS A C   1 ? 
ATOM   41  C C   B HIS A 1 5  ? -10.945 1.639   -3.318  0.500 15.879 ? 5   HIS A C   1 ? 
ATOM   42  O O   A HIS A 1 5  ? -10.622 0.511   -5.396  0.500 30.707 ? 5   HIS A O   1 ? 
ATOM   43  O O   B HIS A 1 5  ? -11.662 2.112   -2.432  0.500 18.026 ? 5   HIS A O   1 ? 
ATOM   44  C CB  A HIS A 1 5  ? -8.380  2.115   -4.939  0.500 35.483 ? 5   HIS A CB  1 ? 
ATOM   45  C CB  B HIS A 1 5  ? -9.034  1.966   -4.948  0.500 20.374 ? 5   HIS A CB  1 ? 
ATOM   46  C CG  A HIS A 1 5  ? -8.678  2.775   -6.251  0.500 47.103 ? 5   HIS A CG  1 ? 
ATOM   47  C CG  B HIS A 1 5  ? -9.737  2.613   -6.099  0.500 22.034 ? 5   HIS A CG  1 ? 
ATOM   48  N ND1 A HIS A 1 5  ? -9.344  2.120   -7.279  0.500 61.722 ? 5   HIS A ND1 1 ? 
ATOM   49  N ND1 B HIS A 1 5  ? -10.024 3.975   -6.107  0.500 29.000 ? 5   HIS A ND1 1 ? 
ATOM   50  C CD2 A HIS A 1 5  ? -8.342  3.992   -6.738  0.500 56.309 ? 5   HIS A CD2 1 ? 
ATOM   51  C CD2 B HIS A 1 5  ? -10.169 2.120   -7.282  0.500 22.152 ? 5   HIS A CD2 1 ? 
ATOM   52  C CE1 A HIS A 1 5  ? -9.429  2.916   -8.328  0.500 62.724 ? 5   HIS A CE1 1 ? 
ATOM   53  C CE1 B HIS A 1 5  ? -10.624 4.282   -7.238  0.500 30.666 ? 5   HIS A CE1 1 ? 
ATOM   54  N NE2 A HIS A 1 5  ? -8.827  4.075   -8.021  0.500 63.222 ? 5   HIS A NE2 1 ? 
ATOM   55  N NE2 B HIS A 1 5  ? -10.744 3.151   -7.971  0.500 29.931 ? 5   HIS A NE2 1 ? 
ATOM   56  N N   A HIS A 1 6  ? -11.428 0.725   -3.262  0.500 24.655 ? 6   HIS A N   1 ? 
ATOM   57  N N   B HIS A 1 6  ? -11.167 0.499   -3.998  0.500 18.820 ? 6   HIS A N   1 ? 
ATOM   58  C CA  A HIS A 1 6  ? -12.507 -0.297  -3.353  0.500 23.473 ? 6   HIS A CA  1 ? 
ATOM   59  C CA  B HIS A 1 6  ? -12.416 -0.298  -3.987  0.500 20.927 ? 6   HIS A CA  1 ? 
ATOM   60  C C   A HIS A 1 6  ? -11.967 -1.714  -3.608  0.500 21.894 ? 6   HIS A C   1 ? 
ATOM   61  C C   B HIS A 1 6  ? -12.122 -1.770  -3.676  0.500 20.227 ? 6   HIS A C   1 ? 
ATOM   62  O O   A HIS A 1 6  ? -12.773 -2.563  -4.046  0.500 22.850 ? 6   HIS A O   1 ? 
ATOM   63  O O   B HIS A 1 6  ? -13.073 -2.573  -3.712  0.500 19.160 ? 6   HIS A O   1 ? 
ATOM   64  C CB  A HIS A 1 6  ? -13.559 0.010   -4.462  0.500 25.122 ? 6   HIS A CB  1 ? 
ATOM   65  C CB  B HIS A 1 6  ? -13.143 -0.226  -5.345  0.500 26.912 ? 6   HIS A CB  1 ? 
ATOM   66  C CG  A HIS A 1 6  ? -14.319 1.297   -4.348  0.500 28.887 ? 6   HIS A CG  1 ? 
ATOM   67  C CG  B HIS A 1 6  ? -13.460 1.130   -5.875  0.500 36.177 ? 6   HIS A CG  1 ? 
ATOM   68  N ND1 A HIS A 1 6  ? -14.650 1.878   -3.136  0.500 30.554 ? 6   HIS A ND1 1 ? 
ATOM   69  N ND1 B HIS A 1 6  ? -13.751 2.215   -5.052  0.500 49.943 ? 6   HIS A ND1 1 ? 
ATOM   70  C CD2 A HIS A 1 6  ? -14.861 2.099   -5.300  0.500 35.705 ? 6   HIS A CD2 1 ? 
ATOM   71  C CD2 B HIS A 1 6  ? -13.590 1.573   -7.146  0.500 43.587 ? 6   HIS A CD2 1 ? 
ATOM   72  C CE1 A HIS A 1 6  ? -15.335 2.978   -3.349  0.500 31.798 ? 6   HIS A CE1 1 ? 
ATOM   73  C CE1 B HIS A 1 6  ? -14.013 3.274   -5.796  0.500 55.208 ? 6   HIS A CE1 1 ? 
ATOM   74  N NE2 A HIS A 1 6  ? -15.476 3.145   -4.668  0.500 40.867 ? 6   HIS A NE2 1 ? 
ATOM   75  N NE2 B HIS A 1 6  ? -13.919 2.907   -7.088  0.500 51.182 ? 6   HIS A NE2 1 ? 
ATOM   76  N N   A SER A 1 7  ? -10.705 -2.032  -3.327  0.500 19.133 ? 7   SER A N   1 ? 
ATOM   77  N N   B SER A 1 7  ? -10.878 -2.158  -3.393  0.500 17.981 ? 7   SER A N   1 ? 
ATOM   78  C CA  A SER A 1 7  ? -10.235 -3.432  -3.444  0.500 19.773 ? 7   SER A CA  1 ? 
ATOM   79  C CA  B SER A 1 7  ? -10.575 -3.593  -3.216  0.500 17.174 ? 7   SER A CA  1 ? 
ATOM   80  C C   A SER A 1 7  ? -9.282  -3.784  -2.302  0.500 16.680 ? 7   SER A C   1 ? 
ATOM   81  C C   B SER A 1 7  ? -9.403  -3.813  -2.266  0.500 17.083 ? 7   SER A C   1 ? 
ATOM   82  O O   A SER A 1 7  ? -8.775  -2.875  -1.632  0.500 16.455 ? 7   SER A O   1 ? 
ATOM   83  O O   B SER A 1 7  ? -8.866  -2.860  -1.710  0.500 16.030 ? 7   SER A O   1 ? 
ATOM   84  C CB  A SER A 1 7  ? -9.623  -3.691  -4.796  0.500 24.787 ? 7   SER A CB  1 ? 
ATOM   85  C CB  B SER A 1 7  ? -10.346 -4.223  -4.556  0.500 19.818 ? 7   SER A CB  1 ? 
ATOM   86  O OG  A SER A 1 7  ? -10.577 -3.566  -5.849  0.500 27.662 ? 7   SER A OG  1 ? 
ATOM   87  O OG  B SER A 1 7  ? -9.116  -3.769  -5.106  0.500 25.972 ? 7   SER A OG  1 ? 
ATOM   88  N N   . CYS A 1 8  ? -9.083  -5.074  -2.058  1.000 17.159 ? 8   CYS A N   1 ? 
ATOM   89  C CA  . CYS A 1 8  ? -8.117  -5.549  -1.058  1.000 16.998 ? 8   CYS A CA  1 ? 
ATOM   90  C C   . CYS A 1 8  ? -7.211  -6.615  -1.640  1.000 18.739 ? 8   CYS A C   1 ? 
ATOM   91  O O   . CYS A 1 8  ? -7.675  -7.440  -2.441  1.000 19.701 ? 8   CYS A O   1 ? 
ATOM   92  C CB  . CYS A 1 8  ? -8.793  -6.114  0.172   1.000 19.809 ? 8   CYS A CB  1 ? 
ATOM   93  S SG  . CYS A 1 8  ? -10.062 -5.066  0.929   1.000 19.498 ? 8   CYS A SG  1 ? 
ATOM   94  N N   . VAL A 1 9  ? -5.991  -6.654  -1.156  1.000 14.538 ? 9   VAL A N   1 ? 
ATOM   95  C CA  . VAL A 1 9  ? -5.058  -7.768  -1.388  1.000 14.952 ? 9   VAL A CA  1 ? 
ATOM   96  C C   . VAL A 1 9  ? -5.046  -8.636  -0.144  1.000 15.281 ? 9   VAL A C   1 ? 
ATOM   97  O O   . VAL A 1 9  ? -5.318  -8.186  0.957   1.000 17.038 ? 9   VAL A O   1 ? 
ATOM   98  C CB  . VAL A 1 9  ? -3.653  -7.295  -1.787  1.000 14.987 ? 9   VAL A CB  1 ? 
ATOM   99  C CG1 . VAL A 1 9  ? -3.687  -6.679  -3.178  1.000 18.933 ? 9   VAL A CG1 1 ? 
ATOM   100 C CG2 . VAL A 1 9  ? -3.028  -6.374  -0.776  1.000 14.840 ? 9   VAL A CG2 1 ? 
ATOM   101 N N   . PRO A 1 10 ? -4.772  -9.931  -0.316  1.000 17.686 ? 10  PRO A N   1 ? 
ATOM   102 C CA  . PRO A 1 10 ? -4.895  -10.860 0.792   1.000 20.097 ? 10  PRO A CA  1 ? 
ATOM   103 C C   . PRO A 1 10 ? -3.695  -10.836 1.735   1.000 18.364 ? 10  PRO A C   1 ? 
ATOM   104 O O   . PRO A 1 10 ? -2.655  -10.227 1.420   1.000 17.272 ? 10  PRO A O   1 ? 
ATOM   105 C CB  . PRO A 1 10 ? -4.960  -12.198 0.081   1.000 25.626 ? 10  PRO A CB  1 ? 
ATOM   106 C CG  . PRO A 1 10 ? -4.290  -12.011 -1.237  1.000 29.017 ? 10  PRO A CG  1 ? 
ATOM   107 C CD  . PRO A 1 10 ? -4.539  -10.568 -1.611  1.000 21.339 ? 10  PRO A CD  1 ? 
ATOM   108 N N   A SER A 1 11 ? -3.872  -11.525 2.876   0.500 21.617 ? 11  SER A N   1 ? 
ATOM   109 N N   B SER A 1 11 ? -3.874  -11.482 2.893   0.500 21.271 ? 11  SER A N   1 ? 
ATOM   110 C CA  A SER A 1 11 ? -2.829  -11.774 3.901   0.500 22.178 ? 11  SER A CA  1 ? 
ATOM   111 C CA  B SER A 1 11 ? -2.811  -11.683 3.904   0.500 22.852 ? 11  SER A CA  1 ? 
ATOM   112 C C   A SER A 1 11 ? -1.600  -12.353 3.206   0.500 19.388 ? 11  SER A C   1 ? 
ATOM   113 C C   B SER A 1 11 ? -1.609  -12.324 3.212   0.500 19.729 ? 11  SER A C   1 ? 
ATOM   114 O O   A SER A 1 11 ? -1.771  -13.131 2.248   0.500 21.608 ? 11  SER A O   1 ? 
ATOM   115 O O   B SER A 1 11 ? -1.810  -13.121 2.276   0.500 22.190 ? 11  SER A O   1 ? 
ATOM   116 C CB  A SER A 1 11 ? -3.329  -12.701 4.997   0.500 24.021 ? 11  SER A CB  1 ? 
ATOM   117 C CB  B SER A 1 11 ? -3.300  -12.532 5.037   0.500 25.197 ? 11  SER A CB  1 ? 
ATOM   118 O OG  A SER A 1 11 ? -2.322  -12.931 5.980   0.500 25.521 ? 11  SER A OG  1 ? 
ATOM   119 O OG  B SER A 1 11 ? -3.740  -13.778 4.541   0.500 28.361 ? 11  SER A OG  1 ? 
ATOM   120 N N   . GLY A 1 12 ? -0.410  -11.940 3.627   1.000 17.585 ? 12  GLY A N   1 ? 
ATOM   121 C CA  . GLY A 1 12 ? 0.819   -12.580 3.155   1.000 20.607 ? 12  GLY A CA  1 ? 
ATOM   122 C C   . GLY A 1 12 ? 1.345   -11.932 1.889   1.000 17.971 ? 12  GLY A C   1 ? 
ATOM   123 O O   . GLY A 1 12 ? 2.365   -12.422 1.386   1.000 20.749 ? 12  GLY A O   1 ? 
ATOM   124 N N   . THR A 1 13 ? 0.737   -10.843 1.412   1.000 16.192 ? 13  THR A N   1 ? 
ATOM   125 C CA  . THR A 1 13 ? 1.298   -10.113 0.259   1.000 15.644 ? 13  THR A CA  1 ? 
ATOM   126 C C   . THR A 1 13 ? 2.173   -8.952  0.721   1.000 15.690 ? 13  THR A C   1 ? 
ATOM   127 O O   . THR A 1 13 ? 2.119   -8.555  1.916   1.000 15.460 ? 13  THR A O   1 ? 
ATOM   128 C CB  . THR A 1 13 ? 0.210   -9.677  -0.698  1.000 19.636 ? 13  THR A CB  1 ? 
ATOM   129 O OG1 . THR A 1 13 ? -0.749  -8.895  -0.021  1.000 21.489 ? 13  THR A OG1 1 ? 
ATOM   130 C CG2 . THR A 1 13 ? -0.504  -10.888 -1.275  1.000 24.414 ? 13  THR A CG2 1 ? 
ATOM   131 N N   . CYS A 1 14 ? 2.921   -8.421  -0.222  1.000 17.650 ? 14  CYS A N   1 ? 
ATOM   132 C CA  . CYS A 1 14 ? 3.958   -7.398  0.073   1.000 16.350 ? 14  CYS A CA  1 ? 
ATOM   133 C C   . CYS A 1 14 ? 3.975   -6.370  -1.042  1.000 16.667 ? 14  CYS A C   1 ? 
ATOM   134 O O   . CYS A 1 14 ? 3.424   -6.583  -2.175  1.000 19.975 ? 14  CYS A O   1 ? 
ATOM   135 C CB  . CYS A 1 14 ? 5.321   -8.056  0.234   1.000 16.367 ? 14  CYS A CB  1 ? 
ATOM   136 S SG  . CYS A 1 14 ? 5.379   -9.513  1.312   1.000 19.673 ? 14  CYS A SG  1 ? 
ATOM   137 N N   . ALA A 1 15 ? 4.631   -5.250  -0.766  1.000 17.692 ? 15  ALA A N   1 ? 
ATOM   138 C CA  . ALA A 1 15 ? 4.847   -4.227  -1.785  1.000 17.639 ? 15  ALA A CA  1 ? 
ATOM   139 C C   . ALA A 1 15 ? 6.089   -3.418  -1.442  1.000 15.757 ? 15  ALA A C   1 ? 
ATOM   140 O O   . ALA A 1 15 ? 6.445   -3.350  -0.244  1.000 15.291 ? 15  ALA A O   1 ? 
ATOM   141 C CB  . ALA A 1 15 ? 3.629   -3.350  -1.929  1.000 17.604 ? 15  ALA A CB  1 ? 
ATOM   142 N N   . ASP A 1 16 ? 6.648   -2.817  -2.475  1.000 18.226 ? 16  ASP A N   1 ? 
ATOM   143 C CA  . ASP A 1 16 ? 7.785   -1.881  -2.319  1.000 20.093 ? 16  ASP A CA  1 ? 
ATOM   144 C C   . ASP A 1 16 ? 7.210   -0.476  -2.281  1.000 17.483 ? 16  ASP A C   1 ? 
ATOM   145 O O   . ASP A 1 16 ? 6.768   0.017   -3.288  1.000 20.700 ? 16  ASP A O   1 ? 
ATOM   146 C CB  . ASP A 1 16 ? 8.756   -2.026  -3.468  1.000 22.154 ? 16  ASP A CB  1 ? 
ATOM   147 C CG  . ASP A 1 16 ? 9.524   -3.333  -3.414  1.000 24.328 ? 16  ASP A CG  1 ? 
ATOM   148 O OD1 . ASP A 1 16 ? 9.935   -3.729  -2.334  1.000 24.249 ? 16  ASP A OD1 1 ? 
ATOM   149 O OD2 . ASP A 1 16 ? 9.685   -3.939  -4.470  1.000 36.412 ? 16  ASP A OD2 1 ? 
ATOM   150 N N   . PHE A 1 17 ? 7.326   0.203   -1.167  1.000 17.387 ? 17  PHE A N   1 ? 
ATOM   151 C CA  . PHE A 1 17 ? 6.933   1.601   -1.005  1.000 18.577 ? 17  PHE A CA  1 ? 
ATOM   152 C C   . PHE A 1 17 ? 8.215   2.422   -1.020  1.000 17.908 ? 17  PHE A C   1 ? 
ATOM   153 O O   . PHE A 1 17 ? 9.316   1.904   -0.840  1.000 18.321 ? 17  PHE A O   1 ? 
ATOM   154 C CB  . PHE A 1 17 ? 6.267   1.731   0.357   1.000 17.230 ? 17  PHE A CB  1 ? 
ATOM   155 C CG  . PHE A 1 17 ? 4.975   0.986   0.419   1.000 16.077 ? 17  PHE A CG  1 ? 
ATOM   156 C CD1 . PHE A 1 17 ? 3.876   1.496   -0.211  1.000 18.561 ? 17  PHE A CD1 1 ? 
ATOM   157 C CD2 . PHE A 1 17 ? 4.846   -0.202  1.116   1.000 21.239 ? 17  PHE A CD2 1 ? 
ATOM   158 C CE1 . PHE A 1 17 ? 2.672   0.811   -0.193  1.000 19.755 ? 17  PHE A CE1 1 ? 
ATOM   159 C CE2 . PHE A 1 17 ? 3.623   -0.820  1.235   1.000 22.698 ? 17  PHE A CE2 1 ? 
ATOM   160 C CZ  . PHE A 1 17 ? 2.530   -0.314  0.558   1.000 21.850 ? 17  PHE A CZ  1 ? 
ATOM   161 N N   . PRO A 1 18 ? 8.090   3.721   -1.327  1.000 20.239 ? 18  PRO A N   1 ? 
ATOM   162 C CA  . PRO A 1 18 ? 9.234   4.585   -1.289  1.000 20.988 ? 18  PRO A CA  1 ? 
ATOM   163 C C   . PRO A 1 18 ? 9.805   4.601   0.125   1.000 19.875 ? 18  PRO A C   1 ? 
ATOM   164 O O   . PRO A 1 18 ? 9.113   4.270   1.101   1.000 20.802 ? 18  PRO A O   1 ? 
ATOM   165 C CB  . PRO A 1 18 ? 8.721   5.969   -1.673  1.000 26.370 ? 18  PRO A CB  1 ? 
ATOM   166 C CG  . PRO A 1 18 ? 7.238   5.881   -1.593  1.000 29.984 ? 18  PRO A CG  1 ? 
ATOM   167 C CD  . PRO A 1 18 ? 6.844   4.420   -1.716  1.000 25.151 ? 18  PRO A CD  1 ? 
ATOM   168 N N   . TRP A 1 19 ? 11.052  5.009   0.194   1.000 18.864 ? 19  TRP A N   1 ? 
ATOM   169 C CA  . TRP A 1 19 ? 11.687  5.328   1.492   1.000 20.097 ? 19  TRP A CA  1 ? 
ATOM   170 C C   . TRP A 1 19 ? 10.853  6.410   2.169   1.000 22.108 ? 19  TRP A C   1 ? 
ATOM   171 O O   . TRP A 1 19 ? 10.381  7.323   1.491   1.000 26.861 ? 19  TRP A O   1 ? 
ATOM   172 C CB  . TRP A 1 19 ? 13.123  5.743   1.256   1.000 22.355 ? 19  TRP A CB  1 ? 
ATOM   173 C CG  . TRP A 1 19 ? 13.922  4.742   0.498   1.000 19.315 ? 19  TRP A CG  1 ? 
ATOM   174 C CD1 . TRP A 1 19 ? 13.805  3.385   0.502   1.000 19.922 ? 19  TRP A CD1 1 ? 
ATOM   175 C CD2 . TRP A 1 19 ? 14.957  5.035   -0.425  1.000 19.466 ? 19  TRP A CD2 1 ? 
ATOM   176 N NE1 . TRP A 1 19 ? 14.750  2.825   -0.316  1.000 22.191 ? 19  TRP A NE1 1 ? 
ATOM   177 C CE2 . TRP A 1 19 ? 15.464  3.822   -0.918  1.000 19.308 ? 19  TRP A CE2 1 ? 
ATOM   178 C CE3 . TRP A 1 19 ? 15.555  6.226   -0.804  1.000 22.205 ? 19  TRP A CE3 1 ? 
ATOM   179 C CZ2 . TRP A 1 19 ? 16.538  3.786   -1.818  1.000 22.132 ? 19  TRP A CZ2 1 ? 
ATOM   180 C CZ3 . TRP A 1 19 ? 16.583  6.197   -1.720  1.000 26.248 ? 19  TRP A CZ3 1 ? 
ATOM   181 C CH2 . TRP A 1 19 ? 17.071  4.994   -2.206  1.000 24.309 ? 19  TRP A CH2 1 ? 
ATOM   182 N N   . PRO A 1 20 ? 10.684  6.412   3.509   1.000 22.516 ? 20  PRO A N   1 ? 
ATOM   183 C CA  . PRO A 1 20 ? 11.350  5.470   4.414   1.000 22.182 ? 20  PRO A CA  1 ? 
ATOM   184 C C   . PRO A 1 20 ? 10.555  4.192   4.706   1.000 19.141 ? 20  PRO A C   1 ? 
ATOM   185 O O   . PRO A 1 20 ? 10.990  3.392   5.487   1.000 22.242 ? 20  PRO A O   1 ? 
ATOM   186 C CB  . PRO A 1 20 ? 11.466  6.325   5.683   1.000 31.343 ? 20  PRO A CB  1 ? 
ATOM   187 C CG  . PRO A 1 20 ? 10.143  7.061   5.711   1.000 29.381 ? 20  PRO A CG  1 ? 
ATOM   188 C CD  . PRO A 1 20 ? 9.914   7.432   4.252   1.000 28.783 ? 20  PRO A CD  1 ? 
ATOM   189 N N   . LEU A 1 21 ? 9.417   4.016   4.058   1.000 18.343 ? 21  LEU A N   1 ? 
ATOM   190 C CA  . LEU A 1 21 ? 8.535   2.857   4.337   1.000 16.783 ? 21  LEU A CA  1 ? 
ATOM   191 C C   . LEU A 1 21 ? 9.109   1.588   3.693   1.000 20.247 ? 21  LEU A C   1 ? 
ATOM   192 O O   . LEU A 1 21 ? 9.216   0.581   4.399   1.000 17.221 ? 21  LEU A O   1 ? 
ATOM   193 C CB  . LEU A 1 21 ? 7.102   3.153   3.899   1.000 18.896 ? 21  LEU A CB  1 ? 
ATOM   194 C CG  . LEU A 1 21 ? 6.087   2.066   4.198   1.000 17.770 ? 21  LEU A CG  1 ? 
ATOM   195 C CD1 . LEU A 1 21 ? 6.046   1.776   5.705   1.000 19.313 ? 21  LEU A CD1 1 ? 
ATOM   196 C CD2 . LEU A 1 21 ? 4.718   2.470   3.688   1.000 21.277 ? 21  LEU A CD2 1 ? 
ATOM   197 N N   . GLY A 1 22 ? 9.600   1.664   2.474   1.000 22.152 ? 22  GLY A N   1 ? 
ATOM   198 C CA  . GLY A 1 22 ? 10.403  0.566   1.949   1.000 18.636 ? 22  GLY A CA  1 ? 
ATOM   199 C C   . GLY A 1 22 ? 9.516   -0.680  1.722   1.000 19.978 ? 22  GLY A C   1 ? 
ATOM   200 O O   . GLY A 1 22 ? 8.279   -0.591  1.460   1.000 14.853 ? 22  GLY A O   1 ? 
ATOM   201 N N   . HIS A 1 23 ? 10.112  -1.830  1.888   1.000 19.821 ? 23  HIS A N   1 ? 
ATOM   202 C CA  . HIS A 1 23 ? 9.453   -3.120  1.561   1.000 17.659 ? 23  HIS A CA  1 ? 
ATOM   203 C C   . HIS A 1 23 ? 8.646   -3.548  2.777   1.000 14.526 ? 23  HIS A C   1 ? 
ATOM   204 O O   . HIS A 1 23 ? 9.225   -3.744  3.863   1.000 15.893 ? 23  HIS A O   1 ? 
ATOM   205 C CB  . HIS A 1 23 ? 10.471  -4.175  1.200   1.000 18.314 ? 23  HIS A CB  1 ? 
ATOM   206 C CG  . HIS A 1 23 ? 9.806   -5.440  0.808   1.000 17.557 ? 23  HIS A CG  1 ? 
ATOM   207 N ND1 . HIS A 1 23 ? 9.302   -5.571  -0.458  1.000 17.843 ? 23  HIS A ND1 1 ? 
ATOM   208 C CD2 . HIS A 1 23 ? 9.611   -6.592  1.457   1.000 19.867 ? 23  HIS A CD2 1 ? 
ATOM   209 C CE1 . HIS A 1 23 ? 8.788   -6.795  -0.545  1.000 29.454 ? 23  HIS A CE1 1 ? 
ATOM   210 N NE2 . HIS A 1 23 ? 8.920   -7.443  0.579   1.000 24.967 ? 23  HIS A NE2 1 ? 
ATOM   211 N N   . GLN A 1 24 ? 7.333   -3.789  2.586   1.000 15.036 ? 24  GLN A N   1 ? 
ATOM   212 C CA  . GLN A 1 24 ? 6.430   -4.091  3.695   1.000 17.153 ? 24  GLN A CA  1 ? 
ATOM   213 C C   . GLN A 1 24 ? 5.543   -5.243  3.247   1.000 13.743 ? 24  GLN A C   1 ? 
ATOM   214 O O   . GLN A 1 24 ? 5.244   -5.345  2.030   1.000 14.215 ? 24  GLN A O   1 ? 
ATOM   215 C CB  . GLN A 1 24 ? 5.524   -2.917  4.008   1.000 16.716 ? 24  GLN A CB  1 ? 
ATOM   216 C CG  . GLN A 1 24 ? 6.288   -1.695  4.509   1.000 16.964 ? 24  GLN A CG  1 ? 
ATOM   217 C CD  . GLN A 1 24 ? 6.829   -1.915  5.889   1.000 15.180 ? 24  GLN A CD  1 ? 
ATOM   218 O OE1 . GLN A 1 24 ? 6.238   -2.623  6.683   1.000 16.372 ? 24  GLN A OE1 1 ? 
ATOM   219 N NE2 . GLN A 1 24 ? 7.976   -1.291  6.152   1.000 14.822 ? 24  GLN A NE2 1 ? 
ATOM   220 N N   . CYS A 1 25 ? 5.159   -6.071  4.196   1.000 15.160 ? 25  CYS A N   1 ? 
ATOM   221 C CA  . CYS A 1 25 ? 4.122   -7.089  3.938   1.000 15.225 ? 25  CYS A CA  1 ? 
ATOM   222 C C   . CYS A 1 25 ? 2.903   -6.855  4.830   1.000 16.432 ? 25  CYS A C   1 ? 
ATOM   223 O O   . CYS A 1 25 ? 2.918   -6.068  5.779   1.000 22.660 ? 25  CYS A O   1 ? 
ATOM   224 C CB  . CYS A 1 25 ? 4.665   -8.500  4.082   1.000 17.433 ? 25  CYS A CB  1 ? 
ATOM   225 S SG  . CYS A 1 25 ? 6.127   -8.847  3.070   1.000 16.631 ? 25  CYS A SG  1 ? 
ATOM   226 N N   . PHE A 1 26 ? 1.816   -7.475  4.406   1.000 16.235 ? 26  PHE A N   1 ? 
ATOM   227 C CA  . PHE A 1 26 ? 0.479   -7.180  4.941   1.000 16.957 ? 26  PHE A CA  1 ? 
ATOM   228 C C   . PHE A 1 26 ? -0.003  -8.431  5.655   1.000 18.333 ? 26  PHE A C   1 ? 
ATOM   229 O O   . PHE A 1 26 ? -0.551  -9.331  5.036   1.000 23.339 ? 26  PHE A O   1 ? 
ATOM   230 C CB  . PHE A 1 26 ? -0.461  -6.768  3.817   1.000 17.777 ? 26  PHE A CB  1 ? 
ATOM   231 C CG  . PHE A 1 26 ? 0.138   -5.757  2.882   1.000 15.681 ? 26  PHE A CG  1 ? 
ATOM   232 C CD1 . PHE A 1 26 ? 0.699   -4.611  3.399   1.000 17.433 ? 26  PHE A CD1 1 ? 
ATOM   233 C CD2 . PHE A 1 26 ? 0.187   -5.996  1.505   1.000 16.792 ? 26  PHE A CD2 1 ? 
ATOM   234 C CE1 . PHE A 1 26 ? 1.274   -3.680  2.551   1.000 15.680 ? 26  PHE A CE1 1 ? 
ATOM   235 C CE2 . PHE A 1 26 ? 0.771   -5.081  0.659   1.000 17.634 ? 26  PHE A CE2 1 ? 
ATOM   236 C CZ  . PHE A 1 26 ? 1.310   -3.932  1.199   1.000 16.890 ? 26  PHE A CZ  1 ? 
ATOM   237 N N   . PRO A 1 27 ? 0.158   -8.485  6.990   1.000 21.238 ? 27  PRO A N   1 ? 
ATOM   238 C CA  . PRO A 1 27 ? -0.201  -9.662  7.760   1.000 23.772 ? 27  PRO A CA  1 ? 
ATOM   239 C C   . PRO A 1 27 ? -1.658  -10.051 7.617   1.000 23.966 ? 27  PRO A C   1 ? 
ATOM   240 O O   . PRO A 1 27 ? -1.910  -11.233 7.670   1.000 30.667 ? 27  PRO A O   1 ? 
ATOM   241 C CB  . PRO A 1 27 ? 0.105   -9.248  9.210   1.000 27.756 ? 27  PRO A CB  1 ? 
ATOM   242 C CG  . PRO A 1 27 ? 1.081   -8.144  9.096   1.000 38.504 ? 27  PRO A CG  1 ? 
ATOM   243 C CD  . PRO A 1 27 ? 0.714   -7.424  7.833   1.000 28.812 ? 27  PRO A CD  1 ? 
ATOM   244 N N   . ASP A 1 28 ? -2.555  -9.092  7.533   1.000 21.748 ? 28  ASP A N   1 ? 
ATOM   245 C CA  . ASP A 1 28 ? -4.005  -9.408  7.469   1.000 22.739 ? 28  ASP A CA  1 ? 
ATOM   246 C C   . ASP A 1 28 ? -4.476  -9.196  6.026   1.000 22.477 ? 28  ASP A C   1 ? 
ATOM   247 O O   . ASP A 1 28 ? -5.328  -9.885  5.507   1.000 26.357 ? 28  ASP A O   1 ? 
ATOM   248 C CB  . ASP A 1 28 ? -4.784  -8.554  8.486   1.000 29.089 ? 28  ASP A CB  1 ? 
ATOM   249 C CG  . ASP A 1 28 ? -4.357  -8.614  9.957   1.000 33.075 ? 28  ASP A CG  1 ? 
ATOM   250 O OD1 . ASP A 1 28 ? -4.458  -9.732  10.519  1.000 55.687 ? 28  ASP A OD1 1 ? 
ATOM   251 O OD2 . ASP A 1 28 ? -4.030  -7.536  10.539  1.000 50.007 ? 28  ASP A OD2 1 ? 
ATOM   252 N N   . GLY B 1 1  ? -0.810  10.632  1.111   1.000 16.991 ? 1   GLY B N   1 ? 
ATOM   253 C CA  . GLY B 1 1  ? 0.115   9.721   1.759   1.000 18.274 ? 1   GLY B CA  1 ? 
ATOM   254 C C   . GLY B 1 1  ? -0.635  8.765   2.676   1.000 17.085 ? 1   GLY B C   1 ? 
ATOM   255 O O   . GLY B 1 1  ? -1.899  8.679   2.632   1.000 20.147 ? 1   GLY B O   1 ? 
ATOM   256 N N   . PHE B 1 2  ? 0.122   8.028   3.452   1.000 19.447 ? 2   PHE B N   1 ? 
ATOM   257 C CA  . PHE B 1 2  ? -0.373  7.200   4.572   1.000 20.967 ? 2   PHE B CA  1 ? 
ATOM   258 C C   . PHE B 1 2  ? 0.801   6.791   5.456   1.000 19.277 ? 2   PHE B C   1 ? 
ATOM   259 O O   . PHE B 1 2  ? 1.954   6.869   5.032   1.000 21.443 ? 2   PHE B O   1 ? 
ATOM   260 C CB  . PHE B 1 2  ? -1.174  6.008   4.049   1.000 21.110 ? 2   PHE B CB  1 ? 
ATOM   261 C CG  . PHE B 1 2  ? -0.343  4.954   3.357   1.000 21.075 ? 2   PHE B CG  1 ? 
ATOM   262 C CD1 . PHE B 1 2  ? -0.064  5.056   2.009   1.000 26.437 ? 2   PHE B CD1 1 ? 
ATOM   263 C CD2 . PHE B 1 2  ? 0.161   3.865   4.055   1.000 20.176 ? 2   PHE B CD2 1 ? 
ATOM   264 C CE1 . PHE B 1 2  ? 0.705   4.097   1.377   1.000 25.292 ? 2   PHE B CE1 1 ? 
ATOM   265 C CE2 . PHE B 1 2  ? 0.923   2.897   3.418   1.000 23.022 ? 2   PHE B CE2 1 ? 
ATOM   266 C CZ  . PHE B 1 2  ? 1.207   3.021   2.083   1.000 24.075 ? 2   PHE B CZ  1 ? 
ATOM   267 N N   . CYS B 1 3  ? 0.445   6.312   6.633   1.000 23.975 ? 3   CYS B N   1 ? 
ATOM   268 C CA  . CYS B 1 3  ? 1.352   5.689   7.614   1.000 24.466 ? 3   CYS B CA  1 ? 
ATOM   269 C C   . CYS B 1 3  ? 0.982   4.227   7.832   1.000 21.893 ? 3   CYS B C   1 ? 
ATOM   270 O O   . CYS B 1 3  ? -0.238  3.904   7.894   1.000 31.840 ? 3   CYS B O   1 ? 
ATOM   271 C CB  . CYS B 1 3  ? 1.289   6.439   8.926   1.000 28.909 ? 3   CYS B CB  1 ? 
ATOM   272 S SG  . CYS B 1 3  ? 1.705   8.184   8.723   1.000 29.967 ? 3   CYS B SG  1 ? 
ATOM   273 N N   . TRP B 1 4  ? 2.008   3.369   7.818   1.000 25.249 ? 4   TRP B N   1 ? 
ATOM   274 C CA  . TRP B 1 4  ? 1.933   1.895   7.968   1.000 25.839 ? 4   TRP B CA  1 ? 
ATOM   275 C C   . TRP B 1 4  ? 3.005   1.504   8.919   1.000 26.062 ? 4   TRP B C   1 ? 
ATOM   276 O O   . TRP B 1 4  ? 4.165   1.796   8.601   1.000 28.356 ? 4   TRP B O   1 ? 
ATOM   277 C CB  . TRP B 1 4  ? 2.199   1.116   6.646   1.000 33.217 ? 4   TRP B CB  1 ? 
ATOM   278 C CG  . TRP B 1 4  ? 1.959   -0.373  6.652   1.000 28.440 ? 4   TRP B CG  1 ? 
ATOM   279 C CD1 . TRP B 1 4  ? 2.807   -1.450  6.529   1.000 27.390 ? 4   TRP B CD1 1 ? 
ATOM   280 C CD2 . TRP B 1 4  ? 0.660   -0.910  6.609   1.000 21.109 ? 4   TRP B CD2 1 ? 
ATOM   281 N NE1 . TRP B 1 4  ? 2.116   -2.624  6.480   1.000 26.990 ? 4   TRP B NE1 1 ? 
ATOM   282 C CE2 . TRP B 1 4  ? 0.776   -2.321  6.544   1.000 21.060 ? 4   TRP B CE2 1 ? 
ATOM   283 C CE3 . TRP B 1 4  ? -0.580  -0.294  6.705   1.000 21.390 ? 4   TRP B CE3 1 ? 
ATOM   284 C CZ2 . TRP B 1 4  ? -0.337  -3.136  6.549   1.000 25.783 ? 4   TRP B CZ2 1 ? 
ATOM   285 C CZ3 . TRP B 1 4  ? -1.676  -1.115  6.711   1.000 27.472 ? 4   TRP B CZ3 1 ? 
ATOM   286 C CH2 . TRP B 1 4  ? -1.557  -2.501  6.620   1.000 32.732 ? 4   TRP B CH2 1 ? 
ATOM   287 N N   . HIS B 1 5  ? 2.653   0.804   9.978   1.000 26.925 ? 5   HIS B N   1 ? 
ATOM   288 C CA  . HIS B 1 5  ? 3.687   0.080   10.736  1.000 39.170 ? 5   HIS B CA  1 ? 
ATOM   289 C C   . HIS B 1 5  ? 4.797   1.070   11.045  1.000 35.920 ? 5   HIS B C   1 ? 
ATOM   290 O O   . HIS B 1 5  ? 5.942   0.737   10.744  1.000 57.016 ? 5   HIS B O   1 ? 
ATOM   291 C CB  . HIS B 1 5  ? 4.140   -1.049  9.789   1.000 50.800 ? 5   HIS B CB  1 ? 
ATOM   292 C CG  . HIS B 1 5  ? 4.801   -2.225  10.393  1.000 51.989 ? 5   HIS B CG  1 ? 
ATOM   293 N ND1 . HIS B 1 5  ? 4.125   -3.100  11.209  1.000 69.597 ? 5   HIS B ND1 1 ? 
ATOM   294 C CD2 . HIS B 1 5  ? 6.047   -2.719  10.214  1.000 66.906 ? 5   HIS B CD2 1 ? 
ATOM   295 C CE1 . HIS B 1 5  ? 4.951   -4.069  11.558  1.000 80.855 ? 5   HIS B CE1 1 ? 
ATOM   296 N NE2 . HIS B 1 5  ? 6.138   -3.859  10.960  1.000 74.909 ? 5   HIS B NE2 1 ? 
ATOM   297 N N   . HIS B 1 6  ? 4.492   2.259   11.558  1.000 36.379 ? 6   HIS B N   1 ? 
ATOM   298 C CA  . HIS B 1 6  ? 5.499   3.224   12.088  1.000 38.119 ? 6   HIS B CA  1 ? 
ATOM   299 C C   . HIS B 1 6  ? 6.436   3.914   11.051  1.000 28.596 ? 6   HIS B C   1 ? 
ATOM   300 O O   . HIS B 1 6  ? 7.340   4.650   11.483  1.000 28.663 ? 6   HIS B O   1 ? 
ATOM   301 C CB  . HIS B 1 6  ? 6.238   2.604   13.283  1.000 54.297 ? 6   HIS B CB  1 ? 
ATOM   302 C CG  . HIS B 1 6  ? 5.403   2.664   14.529  1.000 59.142 ? 6   HIS B CG  1 ? 
ATOM   303 N ND1 . HIS B 1 6  ? 4.704   1.564   15.010  1.000 80.740 ? 6   HIS B ND1 1 ? 
ATOM   304 C CD2 . HIS B 1 6  ? 5.105   3.685   15.364  1.000 47.346 ? 6   HIS B CD2 1 ? 
ATOM   305 C CE1 . HIS B 1 6  ? 4.043   1.909   16.101  1.000 78.980 ? 6   HIS B CE1 1 ? 
ATOM   306 N NE2 . HIS B 1 6  ? 4.253   3.202   16.315  1.000 52.575 ? 6   HIS B NE2 1 ? 
ATOM   307 N N   . SER B 1 7  ? 6.134   3.902   9.768   1.000 23.434 ? 7   SER B N   1 ? 
ATOM   308 C CA  . SER B 1 7  ? 6.723   4.852   8.791   1.000 25.406 ? 7   SER B CA  1 ? 
ATOM   309 C C   . SER B 1 7  ? 5.595   5.421   7.942   1.000 21.873 ? 7   SER B C   1 ? 
ATOM   310 O O   . SER B 1 7  ? 4.571   4.734   7.747   1.000 24.883 ? 7   SER B O   1 ? 
ATOM   311 C CB  . SER B 1 7  ? 7.777   4.197   7.912   1.000 26.306 ? 7   SER B CB  1 ? 
ATOM   312 O OG  . SER B 1 7  ? 8.951   3.942   8.656   1.000 34.944 ? 7   SER B OG  1 ? 
ATOM   313 N N   . CYS B 1 8  ? 5.821   6.585   7.347   1.000 25.927 ? 8   CYS B N   1 ? 
ATOM   314 C CA  . CYS B 1 8  ? 4.810   7.205   6.471   1.000 23.761 ? 8   CYS B CA  1 ? 
ATOM   315 C C   . CYS B 1 8  ? 5.414   7.515   5.117   1.000 20.209 ? 8   CYS B C   1 ? 
ATOM   316 O O   . CYS B 1 8  ? 6.623   7.788   5.016   1.000 25.280 ? 8   CYS B O   1 ? 
ATOM   317 C CB  . CYS B 1 8  ? 4.218   8.472   7.062   1.000 27.556 ? 8   CYS B CB  1 ? 
ATOM   318 S SG  . CYS B 1 8  ? 3.735   8.276   8.789   1.000 30.056 ? 8   CYS B SG  1 ? 
ATOM   319 N N   . VAL B 1 9  ? 4.537   7.554   4.131   1.000 20.649 ? 9   VAL B N   1 ? 
ATOM   320 C CA  . VAL B 1 9  ? 4.901   8.029   2.784   1.000 21.230 ? 9   VAL B CA  1 ? 
ATOM   321 C C   . VAL B 1 9  ? 4.099   9.279   2.493   1.000 16.307 ? 9   VAL B C   1 ? 
ATOM   322 O O   . VAL B 1 9  ? 2.961   9.450   2.952   1.000 18.096 ? 9   VAL B O   1 ? 
ATOM   323 C CB  . VAL B 1 9  ? 4.667   6.967   1.721   1.000 22.202 ? 9   VAL B CB  1 ? 
ATOM   324 C CG1 . VAL B 1 9  ? 5.628   5.826   1.944   1.000 32.327 ? 9   VAL B CG1 1 ? 
ATOM   325 C CG2 . VAL B 1 9  ? 3.235   6.476   1.680   1.000 22.967 ? 9   VAL B CG2 1 ? 
ATOM   326 N N   . PRO B 1 10 ? 4.685   10.163  1.682   1.000 17.575 ? 10  PRO B N   1 ? 
ATOM   327 C CA  . PRO B 1 10 ? 4.078   11.464  1.446   1.000 17.578 ? 10  PRO B CA  1 ? 
ATOM   328 C C   . PRO B 1 10 ? 2.974   11.456  0.407   1.000 17.185 ? 10  PRO B C   1 ? 
ATOM   329 O O   . PRO B 1 10 ? 2.800   10.481  -0.361  1.000 17.957 ? 10  PRO B O   1 ? 
ATOM   330 C CB  . PRO B 1 10 ? 5.225   12.331  0.926   1.000 19.680 ? 10  PRO B CB  1 ? 
ATOM   331 C CG  . PRO B 1 10 ? 6.131   11.338  0.295   1.000 22.057 ? 10  PRO B CG  1 ? 
ATOM   332 C CD  . PRO B 1 10 ? 6.077   10.120  1.199   1.000 20.354 ? 10  PRO B CD  1 ? 
ATOM   333 N N   A SER B 1 11 ? 2.264   12.579  0.360   0.500 17.488 ? 11  SER B N   1 ? 
ATOM   334 N N   B SER B 1 11 ? 2.235   12.559  0.351   0.500 19.248 ? 11  SER B N   1 ? 
ATOM   335 C CA  A SER B 1 11 ? 1.307   12.908  -0.721  0.500 16.436 ? 11  SER B CA  1 ? 
ATOM   336 C CA  B SER B 1 11 ? 1.199   12.794  -0.682  0.500 19.496 ? 11  SER B CA  1 ? 
ATOM   337 C C   A SER B 1 11 ? 1.939   12.569  -2.067  0.500 15.485 ? 11  SER B C   1 ? 
ATOM   338 C C   B SER B 1 11 ? 1.832   12.678  -2.066  0.500 17.679 ? 11  SER B C   1 ? 
ATOM   339 O O   A SER B 1 11 ? 3.145   12.840  -2.253  0.500 16.205 ? 11  SER B O   1 ? 
ATOM   340 O O   B SER B 1 11 ? 2.900   13.248  -2.283  0.500 20.513 ? 11  SER B O   1 ? 
ATOM   341 C CB  A SER B 1 11 ? 0.926   14.359  -0.653  0.500 17.306 ? 11  SER B CB  1 ? 
ATOM   342 C CB  B SER B 1 11 ? 0.576   14.139  -0.501  0.500 24.819 ? 11  SER B CB  1 ? 
ATOM   343 O OG  A SER B 1 11 ? 0.193   14.615  0.534   0.500 19.816 ? 11  SER B OG  1 ? 
ATOM   344 O OG  B SER B 1 11 ? 1.576   15.090  -0.216  0.500 30.782 ? 11  SER B OG  1 ? 
ATOM   345 N N   . GLY B 1 12 ? 1.157   11.987  -2.977  1.000 16.898 ? 12  GLY B N   1 ? 
ATOM   346 C CA  . GLY B 1 12 ? 1.614   11.802  -4.356  1.000 20.724 ? 12  GLY B CA  1 ? 
ATOM   347 C C   . GLY B 1 12 ? 2.417   10.531  -4.493  1.000 18.577 ? 12  GLY B C   1 ? 
ATOM   348 O O   . GLY B 1 12 ? 2.883   10.256  -5.588  1.000 17.241 ? 12  GLY B O   1 ? 
ATOM   349 N N   . THR B 1 13 ? 2.535   9.730   -3.457  1.000 19.351 ? 13  THR B N   1 ? 
ATOM   350 C CA  . THR B 1 13 ? 3.206   8.414   -3.547  1.000 16.250 ? 13  THR B CA  1 ? 
ATOM   351 C C   . THR B 1 13 ? 2.380   7.460   -4.389  1.000 14.455 ? 13  THR B C   1 ? 
ATOM   352 O O   . THR B 1 13 ? 1.157   7.478   -4.252  1.000 15.801 ? 13  THR B O   1 ? 
ATOM   353 C CB  . THR B 1 13 ? 3.344   7.772   -2.156  1.000 17.177 ? 13  THR B CB  1 ? 
ATOM   354 O OG1 . THR B 1 13 ? 4.209   8.594   -1.439  1.000 19.426 ? 13  THR B OG1 1 ? 
ATOM   355 C CG2 . THR B 1 13 ? 3.812   6.335   -2.189  1.000 18.853 ? 13  THR B CG2 1 ? 
ATOM   356 N N   . CYS B 1 14 ? 3.049   6.648   -5.176  1.000 16.324 ? 14  CYS B N   1 ? 
ATOM   357 C CA  . CYS B 1 14 ? 2.392   5.496   -5.817  1.000 17.197 ? 14  CYS B CA  1 ? 
ATOM   358 C C   . CYS B 1 14 ? 3.199   4.243   -5.521  1.000 17.959 ? 14  CYS B C   1 ? 
ATOM   359 O O   . CYS B 1 14 ? 4.406   4.283   -5.185  1.000 20.383 ? 14  CYS B O   1 ? 
ATOM   360 C CB  . CYS B 1 14 ? 2.263   5.739   -7.310  1.000 19.486 ? 14  CYS B CB  1 ? 
ATOM   361 S SG  . CYS B 1 14 ? 1.521   7.316   -7.796  1.000 20.083 ? 14  CYS B SG  1 ? 
ATOM   362 N N   . ALA B 1 15 ? 2.555   3.107   -5.640  1.000 18.979 ? 15  ALA B N   1 ? 
ATOM   363 C CA  . ALA B 1 15 ? 3.256   1.850   -5.399  1.000 18.298 ? 15  ALA B CA  1 ? 
ATOM   364 C C   . ALA B 1 15 ? 2.531   0.750   -6.151  1.000 15.049 ? 15  ALA B C   1 ? 
ATOM   365 O O   . ALA B 1 15 ? 1.299   0.869   -6.401  1.000 14.029 ? 15  ALA B O   1 ? 
ATOM   366 C CB  . ALA B 1 15 ? 3.271   1.533   -3.946  1.000 16.730 ? 15  ALA B CB  1 ? 
ATOM   367 N N   . ASP B 1 16 ? 3.277   -0.289  -6.441  1.000 16.526 ? 16  ASP B N   1 ? 
ATOM   368 C CA  . ASP B 1 16 ? 2.732   -1.502  -7.093  1.000 15.990 ? 16  ASP B CA  1 ? 
ATOM   369 C C   . ASP B 1 16 ? 2.352   -2.540  -6.033  1.000 14.844 ? 16  ASP B C   1 ? 
ATOM   370 O O   . ASP B 1 16 ? 3.194   -3.051  -5.318  1.000 18.361 ? 16  ASP B O   1 ? 
ATOM   371 C CB  . ASP B 1 16 ? 3.759   -2.088  -8.047  1.000 17.059 ? 16  ASP B CB  1 ? 
ATOM   372 C CG  . ASP B 1 16 ? 3.902   -1.289  -9.320  1.000 20.797 ? 16  ASP B CG  1 ? 
ATOM   373 O OD1 . ASP B 1 16 ? 2.890   -0.966  -9.893  1.000 24.141 ? 16  ASP B OD1 1 ? 
ATOM   374 O OD2 . ASP B 1 16 ? 5.030   -0.973  -9.679  1.000 31.660 ? 16  ASP B OD2 1 ? 
ATOM   375 N N   . PHE B 1 17 ? 1.083   -2.887  -6.007  1.000 17.218 ? 17  PHE B N   1 ? 
ATOM   376 C CA  . PHE B 1 17 ? 0.532   -3.931  -5.139  1.000 17.306 ? 17  PHE B CA  1 ? 
ATOM   377 C C   . PHE B 1 17 ? 0.179   -5.120  -6.023  1.000 16.318 ? 17  PHE B C   1 ? 
ATOM   378 O O   . PHE B 1 17 ? 0.037   -4.985  -7.229  1.000 14.684 ? 17  PHE B O   1 ? 
ATOM   379 C CB  . PHE B 1 17 ? -0.778  -3.447  -4.515  1.000 16.959 ? 17  PHE B CB  1 ? 
ATOM   380 C CG  . PHE B 1 17 ? -0.599  -2.374  -3.495  1.000 14.966 ? 17  PHE B CG  1 ? 
ATOM   381 C CD1 . PHE B 1 17 ? -0.618  -1.053  -3.890  1.000 16.488 ? 17  PHE B CD1 1 ? 
ATOM   382 C CD2 . PHE B 1 17 ? -0.572  -2.706  -2.157  1.000 15.642 ? 17  PHE B CD2 1 ? 
ATOM   383 C CE1 . PHE B 1 17 ? -0.445  -0.067  -2.932  1.000 18.728 ? 17  PHE B CE1 1 ? 
ATOM   384 C CE2 . PHE B 1 17 ? -0.488  -1.720  -1.208  1.000 15.181 ? 17  PHE B CE2 1 ? 
ATOM   385 C CZ  . PHE B 1 17 ? -0.394  -0.405  -1.596  1.000 16.414 ? 17  PHE B CZ  1 ? 
ATOM   386 N N   . PRO B 1 18 ? 0.009   -6.290  -5.409  1.000 20.186 ? 18  PRO B N   1 ? 
ATOM   387 C CA  . PRO B 1 18 ? -0.574  -7.412  -6.112  1.000 21.308 ? 18  PRO B CA  1 ? 
ATOM   388 C C   . PRO B 1 18 ? -1.940  -6.990  -6.629  1.000 17.346 ? 18  PRO B C   1 ? 
ATOM   389 O O   . PRO B 1 18 ? -2.593  -6.092  -6.104  1.000 16.393 ? 18  PRO B O   1 ? 
ATOM   390 C CB  . PRO B 1 18 ? -0.742  -8.489  -5.025  1.000 26.192 ? 18  PRO B CB  1 ? 
ATOM   391 C CG  . PRO B 1 18 ? 0.138   -8.100  -3.908  1.000 24.087 ? 18  PRO B CG  1 ? 
ATOM   392 C CD  . PRO B 1 18 ? 0.368   -6.616  -4.026  1.000 23.254 ? 18  PRO B CD  1 ? 
ATOM   393 N N   . TRP B 1 19 ? -2.399  -7.762  -7.608  1.000 16.709 ? 19  TRP B N   1 ? 
ATOM   394 C CA  . TRP B 1 19 ? -3.798  -7.564  -8.057  1.000 16.759 ? 19  TRP B CA  1 ? 
ATOM   395 C C   . TRP B 1 19 ? -4.712  -8.064  -6.952  1.000 17.497 ? 19  TRP B C   1 ? 
ATOM   396 O O   . TRP B 1 19 ? -4.378  -9.042  -6.287  1.000 18.875 ? 19  TRP B O   1 ? 
ATOM   397 C CB  . TRP B 1 19 ? -4.029  -8.250  -9.398  1.000 19.223 ? 19  TRP B CB  1 ? 
ATOM   398 C CG  . TRP B 1 19 ? -3.142  -7.656  -10.442 1.000 18.076 ? 19  TRP B CG  1 ? 
ATOM   399 C CD1 . TRP B 1 19 ? -2.787  -6.334  -10.548 1.000 16.965 ? 19  TRP B CD1 1 ? 
ATOM   400 C CD2 . TRP B 1 19 ? -2.467  -8.336  -11.511 1.000 16.219 ? 19  TRP B CD2 1 ? 
ATOM   401 N NE1 . TRP B 1 19 ? -1.932  -6.154  -11.601 1.000 18.603 ? 19  TRP B NE1 1 ? 
ATOM   402 C CE2 . TRP B 1 19 ? -1.706  -7.366  -12.193 1.000 15.659 ? 19  TRP B CE2 1 ? 
ATOM   403 C CE3 . TRP B 1 19 ? -2.361  -9.666  -11.900 1.000 17.202 ? 19  TRP B CE3 1 ? 
ATOM   404 C CZ2 . TRP B 1 19 ? -0.888  -7.691  -13.268 1.000 17.908 ? 19  TRP B CZ2 1 ? 
ATOM   405 C CZ3 . TRP B 1 19 ? -1.588  -9.979  -12.997 1.000 19.254 ? 19  TRP B CZ3 1 ? 
ATOM   406 C CH2 . TRP B 1 19 ? -0.846  -9.004  -13.652 1.000 17.716 ? 19  TRP B CH2 1 ? 
ATOM   407 N N   . PRO B 1 20 ? -5.902  -7.478  -6.712  1.000 17.288 ? 20  PRO B N   1 ? 
ATOM   408 C CA  . PRO B 1 20 ? -6.522  -6.521  -7.610  1.000 18.103 ? 20  PRO B CA  1 ? 
ATOM   409 C C   . PRO B 1 20 ? -6.153  -5.061  -7.420  1.000 19.474 ? 20  PRO B C   1 ? 
ATOM   410 O O   . PRO B 1 20 ? -6.694  -4.233  -8.090  1.000 20.301 ? 20  PRO B O   1 ? 
ATOM   411 C CB  . PRO B 1 20 ? -8.030  -6.663  -7.284  1.000 22.154 ? 20  PRO B CB  1 ? 
ATOM   412 C CG  . PRO B 1 20 ? -8.030  -7.043  -5.821  1.000 22.771 ? 20  PRO B CG  1 ? 
ATOM   413 C CD  . PRO B 1 20 ? -6.849  -7.981  -5.710  1.000 21.244 ? 20  PRO B CD  1 ? 
ATOM   414 N N   . LEU B 1 21 ? -5.229  -4.762  -6.511  1.000 15.170 ? 21  LEU B N   1 ? 
ATOM   415 C CA  . LEU B 1 21 ? -4.895  -3.335  -6.352  1.000 14.288 ? 21  LEU B CA  1 ? 
ATOM   416 C C   . LEU B 1 21 ? -3.942  -2.836  -7.436  1.000 16.580 ? 21  LEU B C   1 ? 
ATOM   417 O O   . LEU B 1 21 ? -4.151  -1.705  -7.901  1.000 17.090 ? 21  LEU B O   1 ? 
ATOM   418 C CB  . LEU B 1 21 ? -4.290  -3.125  -4.975  1.000 14.740 ? 21  LEU B CB  1 ? 
ATOM   419 C CG  . LEU B 1 21 ? -5.276  -2.989  -3.827  1.000 15.981 ? 21  LEU B CG  1 ? 
ATOM   420 C CD1 . LEU B 1 21 ? -4.563  -2.797  -2.499  1.000 17.363 ? 21  LEU B CD1 1 ? 
ATOM   421 C CD2 . LEU B 1 21 ? -6.281  -1.872  -4.054  1.000 18.905 ? 21  LEU B CD2 1 ? 
ATOM   422 N N   . GLY B 1 22 ? -2.954  -3.626  -7.835  1.000 15.732 ? 22  GLY B N   1 ? 
ATOM   423 C CA  . GLY B 1 22 ? -2.038  -3.124  -8.875  1.000 15.914 ? 22  GLY B CA  1 ? 
ATOM   424 C C   . GLY B 1 22 ? -1.418  -1.790  -8.484  1.000 15.587 ? 22  GLY B C   1 ? 
ATOM   425 O O   . GLY B 1 22 ? -1.091  -1.610  -7.295  1.000 13.866 ? 22  GLY B O   1 ? 
ATOM   426 N N   . HIS B 1 23 ? -1.326  -0.899  -9.444  1.000 15.413 ? 23  HIS B N   1 ? 
ATOM   427 C CA  . HIS B 1 23 ? -0.649  0.387   -9.194  1.000 14.498 ? 23  HIS B CA  1 ? 
ATOM   428 C C   . HIS B 1 23 ? -1.661  1.339   -8.555  1.000 12.038 ? 23  HIS B C   1 ? 
ATOM   429 O O   . HIS B 1 23 ? -2.666  1.670   -9.187  1.000 13.735 ? 23  HIS B O   1 ? 
ATOM   430 C CB  . HIS B 1 23 ? -0.004  0.896   -10.471 1.000 15.008 ? 23  HIS B CB  1 ? 
ATOM   431 C CG  . HIS B 1 23 ? 1.012   1.954   -10.251 1.000 17.271 ? 23  HIS B CG  1 ? 
ATOM   432 N ND1 . HIS B 1 23 ? 2.220   1.730   -9.668  1.000 19.539 ? 23  HIS B ND1 1 ? 
ATOM   433 C CD2 . HIS B 1 23 ? 0.982   3.223   -10.640 1.000 21.174 ? 23  HIS B CD2 1 ? 
ATOM   434 C CE1 . HIS B 1 23 ? 2.882   2.873   -9.634  1.000 19.018 ? 23  HIS B CE1 1 ? 
ATOM   435 N NE2 . HIS B 1 23 ? 2.124   3.808   -10.215 1.000 23.363 ? 23  HIS B NE2 1 ? 
ATOM   436 N N   . GLN B 1 24 ? -1.312  1.852   -7.367  1.000 15.484 ? 24  GLN B N   1 ? 
ATOM   437 C CA  . GLN B 1 24 ? -2.200  2.750   -6.612  1.000 16.653 ? 24  GLN B CA  1 ? 
ATOM   438 C C   . GLN B 1 24 ? -1.411  3.986   -6.196  1.000 14.383 ? 24  GLN B C   1 ? 
ATOM   439 O O   . GLN B 1 24 ? -0.212  3.833   -6.010  1.000 14.943 ? 24  GLN B O   1 ? 
ATOM   440 C CB  . GLN B 1 24 ? -2.755  2.072   -5.366  1.000 16.457 ? 24  GLN B CB  1 ? 
ATOM   441 C CG  . GLN B 1 24 ? -3.712  0.931   -5.705  1.000 15.118 ? 24  GLN B CG  1 ? 
ATOM   442 C CD  . GLN B 1 24 ? -4.992  1.433   -6.307  1.000 17.492 ? 24  GLN B CD  1 ? 
ATOM   443 O OE1 . GLN B 1 24 ? -5.495  2.490   -5.962  1.000 18.908 ? 24  GLN B OE1 1 ? 
ATOM   444 N NE2 . GLN B 1 24 ? -5.604  0.561   -7.129  1.000 16.110 ? 24  GLN B NE2 1 ? 
ATOM   445 N N   . CYS B 1 25 ? -2.088  5.107   -6.093  1.000 16.098 ? 25  CYS B N   1 ? 
ATOM   446 C CA  . CYS B 1 25 ? -1.436  6.338   -5.580  1.000 15.891 ? 25  CYS B CA  1 ? 
ATOM   447 C C   . CYS B 1 25 ? -2.197  6.818   -4.365  1.000 15.461 ? 25  CYS B C   1 ? 
ATOM   448 O O   . CYS B 1 25 ? -3.413  6.531   -4.202  1.000 17.437 ? 25  CYS B O   1 ? 
ATOM   449 C CB  . CYS B 1 25 ? -1.355  7.391   -6.673  1.000 17.213 ? 25  CYS B CB  1 ? 
ATOM   450 S SG  . CYS B 1 25 ? -0.443  6.886   -8.160  1.000 18.917 ? 25  CYS B SG  1 ? 
ATOM   451 N N   . PHE B 1 26 ? -1.528  7.651   -3.585  1.000 15.985 ? 26  PHE B N   1 ? 
ATOM   452 C CA  . PHE B 1 26 ? -1.946  8.010   -2.229  1.000 15.479 ? 26  PHE B CA  1 ? 
ATOM   453 C C   . PHE B 1 26 ? -1.929  9.513   -2.183  1.000 13.531 ? 26  PHE B C   1 ? 
ATOM   454 O O   . PHE B 1 26 ? -0.904  10.118  -1.863  1.000 15.473 ? 26  PHE B O   1 ? 
ATOM   455 C CB  . PHE B 1 26 ? -0.992  7.351   -1.240  1.000 15.754 ? 26  PHE B CB  1 ? 
ATOM   456 C CG  . PHE B 1 26 ? -1.085  5.858   -1.332  1.000 18.017 ? 26  PHE B CG  1 ? 
ATOM   457 C CD1 . PHE B 1 26 ? -0.316  5.130   -2.202  1.000 21.812 ? 26  PHE B CD1 1 ? 
ATOM   458 C CD2 . PHE B 1 26 ? -2.027  5.196   -0.578  1.000 20.169 ? 26  PHE B CD2 1 ? 
ATOM   459 C CE1 . PHE B 1 26 ? -0.483  3.760   -2.312  1.000 18.321 ? 26  PHE B CE1 1 ? 
ATOM   460 C CE2 . PHE B 1 26 ? -2.187  3.829   -0.678  1.000 23.222 ? 26  PHE B CE2 1 ? 
ATOM   461 C CZ  . PHE B 1 26 ? -1.416  3.121   -1.564  1.000 16.954 ? 26  PHE B CZ  1 ? 
ATOM   462 N N   . PRO B 1 27 ? -3.052  10.178  -2.507  1.000 14.660 ? 27  PRO B N   1 ? 
ATOM   463 C CA  . PRO B 1 27 ? -3.053  11.637  -2.579  1.000 17.124 ? 27  PRO B CA  1 ? 
ATOM   464 C C   . PRO B 1 27 ? -2.653  12.357  -1.298  1.000 17.083 ? 27  PRO B C   1 ? 
ATOM   465 O O   . PRO B 1 27 ? -2.065  13.435  -1.369  1.000 21.476 ? 27  PRO B O   1 ? 
ATOM   466 C CB  . PRO B 1 27 ? -4.505  11.994  -2.879  1.000 17.610 ? 27  PRO B CB  1 ? 
ATOM   467 C CG  . PRO B 1 27 ? -5.109  10.768  -3.392  1.000 23.418 ? 27  PRO B CG  1 ? 
ATOM   468 C CD  . PRO B 1 27 ? -4.330  9.594   -2.875  1.000 17.323 ? 27  PRO B CD  1 ? 
ATOM   469 N N   . ASP B 1 28 ? -2.879  11.723  -0.163  1.000 16.685 ? 28  ASP B N   1 ? 
ATOM   470 C CA  . ASP B 1 28 ? -2.569  12.325  1.146   1.000 17.357 ? 28  ASP B CA  1 ? 
ATOM   471 C C   . ASP B 1 28 ? -1.445  11.563  1.833   1.000 17.169 ? 28  ASP B C   1 ? 
ATOM   472 O O   . ASP B 1 28 ? -1.124  11.843  2.991   1.000 22.048 ? 28  ASP B O   1 ? 
ATOM   473 C CB  . ASP B 1 28 ? -3.808  12.311  2.049   1.000 20.909 ? 28  ASP B CB  1 ? 
ATOM   474 C CG  . ASP B 1 28 ? -4.988  13.090  1.505   1.000 28.697 ? 28  ASP B CG  1 ? 
ATOM   475 O OD1 . ASP B 1 28 ? -4.760  14.207  1.014   1.000 35.079 ? 28  ASP B OD1 1 ? 
ATOM   476 O OD2 . ASP B 1 28 ? -6.138  12.575  1.606   1.000 42.343 ? 28  ASP B OD2 1 ? 
HETATM 477 O O   . HOH C 2 .  ? 3.713   -6.439  -4.710  1.000 42.130 ? 101 HOH A O   1 ? 
HETATM 478 O O   . HOH C 2 .  ? -2.278  -6.036  7.084   1.000 29.055 ? 102 HOH A O   1 ? 
HETATM 479 O O   . HOH C 2 .  ? -0.875  -14.323 0.146   1.000 44.340 ? 103 HOH A O   1 ? 
HETATM 480 O O   . HOH C 2 .  ? 9.124   9.503   0.817   1.000 23.903 ? 104 HOH A O   1 ? 
HETATM 481 O O   . HOH C 2 .  ? 6.008   -0.154  -5.831  1.000 19.177 ? 105 HOH A O   1 ? 
HETATM 482 O O   . HOH C 2 .  ? -3.440  -15.176 1.826   1.000 48.596 ? 106 HOH A O   1 ? 
HETATM 483 O O   . HOH C 2 .  ? -7.923  -10.055 -3.016  1.000 32.649 ? 107 HOH A O   1 ? 
HETATM 484 O O   . HOH C 2 .  ? 8.654   -10.162 0.668   1.000 24.925 ? 108 HOH A O   1 ? 
HETATM 485 O O   . HOH C 2 .  ? -7.775  -9.078  1.829   1.000 42.499 ? 109 HOH A O   1 ? 
HETATM 486 O O   . HOH C 2 .  ? -8.074  0.050   -8.663  1.000 59.894 ? 110 HOH A O   1 ? 
HETATM 487 O O   . HOH C 2 .  ? 6.061   -5.422  6.826   1.000 18.905 ? 111 HOH A O   1 ? 
HETATM 488 O O   . HOH C 2 .  ? -6.957  -8.569  11.166  1.000 47.330 ? 112 HOH A O   1 ? 
HETATM 489 O O   . HOH C 2 .  ? 3.302   -9.877  -2.635  1.000 23.025 ? 113 HOH A O   1 ? 
HETATM 490 O O   . HOH C 2 .  ? 4.005   -6.299  8.431   1.000 48.311 ? 114 HOH A O   1 ? 
HETATM 491 O O   . HOH C 2 .  ? 10.994  -0.397  -1.393  1.000 41.696 ? 115 HOH A O   1 ? 
HETATM 492 O O   . HOH C 2 .  ? 9.364   -1.421  8.778   1.000 24.393 ? 116 HOH A O   1 ? 
HETATM 493 O O   . HOH C 2 .  ? -0.799  -15.631 5.249   1.000 44.962 ? 117 HOH A O   1 ? 
HETATM 494 O O   . HOH C 2 .  ? 8.406   -9.891  -2.248  1.000 35.352 ? 118 HOH A O   1 ? 
HETATM 495 O O   . HOH D 2 .  ? 7.721   10.026  5.355   1.000 42.979 ? 101 HOH B O   1 ? 
HETATM 496 O O   . HOH D 2 .  ? 4.846   14.928  -1.969  1.000 39.899 ? 102 HOH B O   1 ? 
HETATM 497 O O   . HOH D 2 .  ? 5.768   -3.383  -5.094  1.000 18.088 ? 103 HOH B O   1 ? 
HETATM 498 O O   . HOH D 2 .  ? 10.191  6.179   9.184   1.000 42.843 ? 104 HOH B O   1 ? 
HETATM 499 O O   . HOH D 2 .  ? -4.997  4.999   -6.691  1.000 24.848 ? 105 HOH B O   1 ? 
HETATM 500 O O   . HOH D 2 .  ? 5.543   12.130  -3.161  1.000 36.678 ? 106 HOH B O   1 ? 
HETATM 501 O O   . HOH D 2 .  ? 6.416   9.067   -2.873  1.000 23.963 ? 107 HOH B O   1 ? 
HETATM 502 O O   . HOH D 2 .  ? -2.083  4.899   9.570   1.000 31.596 ? 108 HOH B O   1 ? 
HETATM 503 O O   . HOH D 2 .  ? -6.639  10.474  3.229   1.000 39.308 ? 109 HOH B O   1 ? 
HETATM 504 O O   . HOH D 2 .  ? -1.948  15.479  -3.133  1.000 37.721 ? 110 HOH B O   1 ? 
HETATM 505 O O   . HOH D 2 .  ? -3.035  -11.161 -5.177  1.000 49.984 ? 111 HOH B O   1 ? 
HETATM 506 O O   . HOH D 2 .  ? -3.584  9.041   0.471   1.000 18.291 ? 112 HOH B O   1 ? 
HETATM 507 O O   . HOH D 2 .  ? 2.916   14.587  2.261   1.000 31.752 ? 113 HOH B O   1 ? 
HETATM 508 O O   . HOH D 2 .  ? 7.216   4.806   -5.293  1.000 30.959 ? 114 HOH B O   1 ? 
HETATM 509 O O   . HOH D 2 .  ? -0.810  -3.500  -11.895 1.000 17.279 ? 115 HOH B O   1 ? 
HETATM 510 O O   . HOH D 2 .  ? 8.038   8.172   8.522   1.000 35.406 ? 116 HOH B O   1 ? 
HETATM 511 O O   . HOH D 2 .  ? 5.963   7.286   -5.292  1.000 20.269 ? 117 HOH B O   1 ? 
HETATM 512 O O   . HOH D 2 .  ? 1.349   -4.260  -9.868  1.000 57.988 ? 118 HOH B O   1 ? 
HETATM 513 O O   . HOH D 2 .  ? -2.505  7.088   7.322   1.000 36.834 ? 119 HOH B O   1 ? 
HETATM 514 O O   . HOH D 2 .  ? -5.084  3.685   -9.237  1.000 35.835 ? 120 HOH B O   1 ? 
HETATM 515 O O   . HOH D 2 .  ? -6.235  9.413   0.490   1.000 33.042 ? 121 HOH B O   1 ? 
HETATM 516 O O   . HOH D 2 .  ? 5.466   11.656  4.651   1.000 40.199 ? 122 HOH B O   1 ? 
HETATM 517 O O   . HOH D 2 .  ? 5.615   3.533   -8.656  1.000 33.933 ? 123 HOH B O   1 ? 
HETATM 518 O O   . HOH D 2 .  ? 1.778   -5.226  -12.188 1.000 43.789 ? 124 HOH B O   1 ? 
HETATM 519 O O   . HOH D 2 .  ? 5.453   14.213  3.989   1.000 48.545 ? 125 HOH B O   1 ? 
HETATM 520 O O   . HOH D 2 .  ? 7.231   14.941  -0.108  1.000 50.574 ? 126 HOH B O   1 ? 
HETATM 521 O O   . HOH D 2 .  ? 8.786   13.807  1.314   1.000 39.437 ? 127 HOH B O   1 ? 
# 
loop_
_atom_site_anisotrop.id 
_atom_site_anisotrop.type_symbol 
_atom_site_anisotrop.pdbx_label_atom_id 
_atom_site_anisotrop.pdbx_label_alt_id 
_atom_site_anisotrop.pdbx_label_comp_id 
_atom_site_anisotrop.pdbx_label_asym_id 
_atom_site_anisotrop.pdbx_label_seq_id 
_atom_site_anisotrop.pdbx_PDB_ins_code 
_atom_site_anisotrop.U[1][1] 
_atom_site_anisotrop.U[2][2] 
_atom_site_anisotrop.U[3][3] 
_atom_site_anisotrop.U[1][2] 
_atom_site_anisotrop.U[1][3] 
_atom_site_anisotrop.U[2][3] 
_atom_site_anisotrop.pdbx_auth_seq_id 
_atom_site_anisotrop.pdbx_auth_comp_id 
_atom_site_anisotrop.pdbx_auth_asym_id 
_atom_site_anisotrop.pdbx_auth_atom_id 
1   N N   . GLY A 1  ? 0.2582 0.2710 0.3048 -0.0975 -0.0870 -0.0036 1   GLY A N   
2   C CA  . GLY A 1  ? 0.2887 0.1630 0.3093 -0.1491 -0.1009 -0.0548 1   GLY A CA  
3   C C   . GLY A 1  ? 0.1893 0.1492 0.2166 -0.0944 -0.1246 -0.0443 1   GLY A C   
4   O O   . GLY A 1  ? 0.2155 0.2120 0.2414 -0.1108 -0.1337 -0.0779 1   GLY A O   
5   N N   . PHE A 2  ? 0.1967 0.1471 0.1773 -0.0812 -0.1043 -0.0626 2   PHE A N   
6   C CA  . PHE A 2  ? 0.1939 0.1342 0.1960 -0.0569 -0.0773 -0.0697 2   PHE A CA  
7   C C   . PHE A 2  ? 0.1747 0.1095 0.2048 -0.0684 -0.0814 -0.0759 2   PHE A C   
8   O O   . PHE A 2  ? 0.1839 0.1607 0.2243 -0.0634 -0.0837 -0.1144 2   PHE A O   
9   C CB  . PHE A 2  ? 0.1604 0.1728 0.2339 -0.0629 -0.1139 -0.0960 2   PHE A CB  
10  C CG  . PHE A 2  ? 0.1271 0.1678 0.2091 -0.0578 -0.0733 -0.0661 2   PHE A CG  
11  C CD1 . PHE A 2  ? 0.1944 0.1478 0.2058 -0.0719 -0.0643 -0.0528 2   PHE A CD1 
12  C CD2 . PHE A 2  ? 0.1500 0.1873 0.2407 -0.0874 -0.0922 -0.0568 2   PHE A CD2 
13  C CE1 . PHE A 2  ? 0.1796 0.1758 0.2487 -0.1054 -0.0591 -0.0399 2   PHE A CE1 
14  C CE2 . PHE A 2  ? 0.1431 0.1869 0.2761 -0.0738 -0.0711 -0.0681 2   PHE A CE2 
15  C CZ  . PHE A 2  ? 0.1832 0.1663 0.2935 -0.1053 -0.0737 -0.0520 2   PHE A CZ  
16  N N   . CYS A 3  ? 0.1741 0.1110 0.2369 -0.0634 -0.0933 -0.0849 3   CYS A N   
17  C CA  . CYS A 3  ? 0.1481 0.1242 0.2407 -0.0753 -0.0968 -0.0595 3   CYS A CA  
18  C C   . CYS A 3  ? 0.1603 0.1375 0.2782 -0.0968 -0.0926 -0.0639 3   CYS A C   
19  O O   . CYS A 3  ? 0.1755 0.1555 0.2710 -0.1172 -0.0755 -0.0733 3   CYS A O   
20  C CB  . CYS A 3  ? 0.1551 0.1500 0.2789 -0.0856 -0.0802 -0.0823 3   CYS A CB  
21  S SG  . CYS A 3  ? 0.2100 0.1721 0.2980 -0.1080 -0.0539 -0.0693 3   CYS A SG  
22  N N   . TRP A 4  ? 0.2080 0.1741 0.2829 -0.1144 -0.1175 -0.0796 4   TRP A N   
23  C CA  . TRP A 4  ? 0.1784 0.1634 0.2402 -0.0888 -0.0836 -0.0653 4   TRP A CA  
24  C C   . TRP A 4  ? 0.1725 0.1878 0.2656 -0.1056 -0.0966 -0.0159 4   TRP A C   
25  O O   . TRP A 4  ? 0.2349 0.2475 0.2996 -0.1327 -0.1385 -0.0596 4   TRP A O   
26  C CB  . TRP A 4  ? 0.2089 0.1438 0.2143 -0.1083 -0.0757 -0.0793 4   TRP A CB  
27  C CG  . TRP A 4  ? 0.1888 0.1700 0.2162 -0.1280 -0.0881 -0.0488 4   TRP A CG  
28  C CD1 . TRP A 4  ? 0.2028 0.1737 0.2465 -0.0918 -0.0937 -0.0388 4   TRP A CD1 
29  C CD2 . TRP A 4  ? 0.1950 0.1677 0.2093 -0.1157 -0.0775 -0.0569 4   TRP A CD2 
30  N NE1 . TRP A 4  ? 0.2793 0.1762 0.2325 -0.0924 -0.0706 -0.0480 4   TRP A NE1 
31  C CE2 . TRP A 4  ? 0.2007 0.1712 0.2210 -0.1242 -0.0830 -0.0492 4   TRP A CE2 
32  C CE3 . TRP A 4  ? 0.2585 0.1464 0.2021 -0.1189 -0.0358 -0.0750 4   TRP A CE3 
33  C CZ2 . TRP A 4  ? 0.2681 0.1395 0.2704 -0.1337 -0.0527 -0.0456 4   TRP A CZ2 
34  C CZ3 . TRP A 4  ? 0.3123 0.1712 0.1985 -0.1481 -0.0662 -0.0763 4   TRP A CZ3 
35  C CH2 . TRP A 4  ? 0.3419 0.1744 0.2747 -0.1598 -0.0166 -0.0610 4   TRP A CH2 
36  N N   A HIS A 5  ? 0.2625 0.2403 0.4122 -0.0773 -0.0982 0.0313  5   HIS A N   
37  N N   B HIS A 5  ? 0.1974 0.1541 0.3635 -0.1178 -0.0996 -0.0506 5   HIS A N   
38  C CA  A HIS A 5  ? 0.2633 0.4640 0.4678 -0.0887 -0.1755 0.0548  5   HIS A CA  
39  C CA  B HIS A 5  ? 0.1940 0.2276 0.3264 -0.1224 -0.0876 -0.0250 5   HIS A CA  
40  C C   A HIS A 5  ? 0.1864 0.4804 0.3452 -0.0822 -0.1029 0.0500  5   HIS A C   
41  C C   B HIS A 5  ? 0.1985 0.1583 0.2472 -0.1218 -0.0863 -0.0666 5   HIS A C   
42  O O   A HIS A 5  ? 0.2694 0.3566 0.5410 -0.1924 -0.1249 -0.1454 5   HIS A O   
43  O O   B HIS A 5  ? 0.2426 0.1924 0.2500 -0.1398 -0.0502 -0.1073 5   HIS A O   
44  C CB  A HIS A 5  ? 0.2214 0.6174 0.5092 -0.1341 -0.1821 0.0990  5   HIS A CB  
45  C CB  B HIS A 5  ? 0.2850 0.1569 0.3330 -0.1002 -0.0813 -0.0320 5   HIS A CB  
46  C CG  A HIS A 5  ? 0.4379 0.7207 0.6314 -0.1152 -0.3143 0.2152  5   HIS A CG  
47  C CG  B HIS A 5  ? 0.3297 0.1953 0.3130 -0.1707 -0.1327 -0.0227 5   HIS A CG  
48  N ND1 A HIS A 5  ? 0.7177 0.8754 0.7519 -0.1304 -0.4485 0.1485  5   HIS A ND1 
49  N ND1 B HIS A 5  ? 0.4442 0.2178 0.4401 -0.1183 -0.1971 0.1054  5   HIS A ND1 
50  C CD2 A HIS A 5  ? 0.5953 0.6960 0.8477 -0.2928 -0.3970 0.1819  5   HIS A CD2 
51  C CD2 B HIS A 5  ? 0.2704 0.2491 0.3225 -0.1570 -0.1409 -0.0254 5   HIS A CD2 
52  C CE1 A HIS A 5  ? 0.7901 0.8112 0.7818 -0.2667 -0.5913 0.1455  5   HIS A CE1 
53  C CE1 B HIS A 5  ? 0.4361 0.2678 0.4611 -0.2268 -0.2840 0.0389  5   HIS A CE1 
54  N NE2 A HIS A 5  ? 0.5849 0.9088 0.9092 -0.4883 -0.4692 0.2602  5   HIS A NE2 
55  N NE2 B HIS A 5  ? 0.4364 0.2922 0.4095 -0.1818 -0.2520 0.0313  5   HIS A NE2 
56  N N   A HIS A 6  ? 0.1675 0.4497 0.3198 -0.0855 -0.1107 0.0387  6   HIS A N   
57  N N   B HIS A 6  ? 0.2653 0.1910 0.2597 -0.1439 -0.0728 -0.0926 6   HIS A N   
58  C CA  A HIS A 6  ? 0.1021 0.4039 0.3860 -0.0354 -0.1560 -0.0337 6   HIS A CA  
59  C CA  B HIS A 6  ? 0.2451 0.2065 0.3434 -0.1313 -0.0640 -0.0801 6   HIS A CA  
60  C C   A HIS A 6  ? 0.1156 0.3732 0.3433 -0.0942 -0.1401 -0.0675 6   HIS A C   
61  C C   B HIS A 6  ? 0.2314 0.2262 0.3115 -0.1031 -0.0642 -0.0899 6   HIS A C   
62  O O   A HIS A 6  ? 0.1825 0.3356 0.3509 -0.0770 -0.1837 -0.0858 6   HIS A O   
63  O O   B HIS A 6  ? 0.2095 0.2287 0.2888 -0.0899 -0.1022 -0.0980 6   HIS A O   
64  C CB  A HIS A 6  ? 0.1792 0.3210 0.4538 -0.1103 -0.1954 -0.1112 6   HIS A CB  
65  C CB  B HIS A 6  ? 0.3635 0.2631 0.3953 -0.1076 -0.1417 -0.0695 6   HIS A CB  
66  C CG  A HIS A 6  ? 0.2408 0.4106 0.4466 -0.0407 -0.2747 -0.0779 6   HIS A CG  
67  C CG  B HIS A 6  ? 0.4665 0.3244 0.5831 -0.1182 -0.0699 0.0666  6   HIS A CG  
68  N ND1 A HIS A 6  ? 0.3165 0.3340 0.5105 -0.0309 -0.2771 -0.1128 6   HIS A ND1 
69  N ND1 B HIS A 6  ? 0.7194 0.5822 0.5954 -0.0233 -0.0237 -0.0120 6   HIS A ND1 
70  C CD2 A HIS A 6  ? 0.4051 0.4733 0.4786 0.0361  -0.3221 -0.0955 6   HIS A CD2 
71  C CD2 B HIS A 6  ? 0.5207 0.5853 0.5509 -0.0732 -0.0719 0.0620  6   HIS A CD2 
72  C CE1 A HIS A 6  ? 0.2848 0.3814 0.5418 0.0450  -0.2895 -0.2166 6   HIS A CE1 
73  C CE1 B HIS A 6  ? 0.7262 0.6690 0.7018 0.0084  -0.1333 0.0673  6   HIS A CE1 
74  N NE2 A HIS A 6  ? 0.4026 0.5843 0.5662 0.0516  -0.2530 -0.1669 6   HIS A NE2 
75  N NE2 B HIS A 6  ? 0.6480 0.6346 0.6624 0.0555  -0.0828 0.2827  6   HIS A NE2 
76  N N   A SER A 7  ? 0.1809 0.2763 0.2698 -0.0558 -0.1708 -0.1009 7   SER A N   
77  N N   B SER A 7  ? 0.2414 0.1558 0.2858 -0.1156 -0.0751 -0.1175 7   SER A N   
78  C CA  A SER A 7  ? 0.1659 0.3165 0.2686 -0.0232 -0.1439 -0.0963 7   SER A CA  
79  C CA  B SER A 7  ? 0.1802 0.1851 0.2877 -0.0886 -0.0842 -0.0892 7   SER A CA  
80  C C   A SER A 7  ? 0.1758 0.1944 0.2638 -0.0293 -0.1409 -0.0919 7   SER A C   
81  C C   B SER A 7  ? 0.2095 0.1683 0.2722 -0.0834 -0.1035 -0.1074 7   SER A C   
82  O O   A SER A 7  ? 0.1935 0.1941 0.2375 -0.0715 -0.1108 -0.0722 7   SER A O   
83  O O   B SER A 7  ? 0.1975 0.1610 0.2514 -0.0973 -0.0869 -0.0880 7   SER A O   
84  C CB  A SER A 7  ? 0.3460 0.3803 0.2147 0.0053  -0.1665 -0.1051 7   SER A CB  
85  C CB  B SER A 7  ? 0.2568 0.2277 0.2685 -0.0533 -0.0882 -0.0869 7   SER A CB  
86  O OG  A SER A 7  ? 0.3076 0.4445 0.2989 0.0011  -0.2098 -0.1551 7   SER A OG  
87  O OG  B SER A 7  ? 0.3429 0.2588 0.3853 -0.0381 0.0113  -0.0236 7   SER A OG  
88  N N   . CYS A 8  ? 0.2193 0.1640 0.2687 -0.1034 -0.0947 -0.1072 8   CYS A N   
89  C CA  . CYS A 8  ? 0.1821 0.1859 0.2780 -0.1146 -0.1027 -0.0822 8   CYS A CA  
90  C C   . CYS A 8  ? 0.1885 0.2152 0.3084 -0.1466 -0.0638 -0.1073 8   CYS A C   
91  O O   . CYS A 8  ? 0.2144 0.1937 0.3410 -0.1103 -0.1035 -0.1364 8   CYS A O   
92  C CB  . CYS A 8  ? 0.2094 0.1919 0.3517 -0.1165 -0.0566 -0.0976 8   CYS A CB  
93  S SG  . CYS A 8  ? 0.1943 0.1839 0.3627 -0.1253 -0.0681 -0.1077 8   CYS A SG  
94  N N   . VAL A 9  ? 0.2055 0.1343 0.2133 -0.0879 -0.0851 -0.0625 9   VAL A N   
95  C CA  . VAL A 9  ? 0.1735 0.1485 0.2460 -0.0982 -0.0854 -0.0780 9   VAL A CA  
96  C C   . VAL A 9  ? 0.1546 0.1465 0.2789 -0.1186 -0.0575 -0.0612 9   VAL A C   
97  O O   . VAL A 9  ? 0.2088 0.1721 0.2661 -0.0716 -0.0540 -0.0482 9   VAL A O   
98  C CB  . VAL A 9  ? 0.1893 0.1420 0.2387 -0.1010 -0.0739 -0.0858 9   VAL A CB  
99  C CG1 . VAL A 9  ? 0.2334 0.2170 0.2696 -0.1107 -0.0920 -0.0713 9   VAL A CG1 
100 C CG2 . VAL A 9  ? 0.1752 0.1690 0.2198 -0.0985 -0.0947 -0.0749 9   VAL A CG2 
101 N N   . PRO A 10 ? 0.2220 0.1305 0.3196 -0.1189 -0.0985 -0.0613 10  PRO A N   
102 C CA  . PRO A 10 ? 0.1943 0.1729 0.3968 -0.0778 -0.0683 -0.0306 10  PRO A CA  
103 C C   . PRO A 10 ? 0.1824 0.1349 0.3807 -0.1003 -0.0669 -0.0237 10  PRO A C   
104 O O   . PRO A 10 ? 0.2052 0.1347 0.3171 -0.1252 -0.0703 -0.0664 10  PRO A O   
105 C CB  . PRO A 10 ? 0.2946 0.1522 0.5263 -0.1258 -0.1504 -0.0435 10  PRO A CB  
106 C CG  . PRO A 10 ? 0.3061 0.1922 0.6037 -0.1860 -0.0976 -0.1394 10  PRO A CG  
107 C CD  . PRO A 10 ? 0.2053 0.1825 0.4232 -0.0907 -0.1326 -0.1497 10  PRO A CD  
108 N N   A SER A 11 ? 0.2170 0.1842 0.4198 -0.1017 -0.0391 0.0165  11  SER A N   
109 N N   B SER A 11 ? 0.2311 0.1640 0.4129 -0.1166 -0.0369 -0.0027 11  SER A N   
110 C CA  A SER A 11 ? 0.2582 0.1893 0.3954 -0.0768 -0.0333 0.0389  11  SER A CA  
111 C CA  B SER A 11 ? 0.2636 0.1923 0.4111 -0.0939 -0.0418 0.0039  11  SER A CA  
112 C C   A SER A 11 ? 0.1809 0.2092 0.3469 -0.1320 -0.0640 -0.0019 11  SER A C   
113 C C   B SER A 11 ? 0.1869 0.2070 0.3561 -0.1400 -0.0635 -0.0092 11  SER A C   
114 O O   A SER A 11 ? 0.2374 0.1942 0.3884 -0.1036 -0.0819 -0.0260 11  SER A O   
115 O O   B SER A 11 ? 0.2622 0.1877 0.3930 -0.1128 -0.0835 -0.0276 11  SER A O   
116 C CB  A SER A 11 ? 0.2898 0.2098 0.4134 -0.0524 -0.0367 0.0716  11  SER A CB  
117 C CB  B SER A 11 ? 0.3164 0.2013 0.4393 -0.0904 -0.0275 0.0146  11  SER A CB  
118 O OG  A SER A 11 ? 0.3744 0.2258 0.3697 -0.0038 -0.0535 0.0550  11  SER A OG  
119 O OG  B SER A 11 ? 0.3777 0.2362 0.4641 -0.1303 -0.0158 -0.0227 11  SER A OG  
120 N N   . GLY A 12 ? 0.1975 0.1840 0.2864 -0.1141 -0.0774 -0.0335 12  GLY A N   
121 C CA  . GLY A 12 ? 0.2015 0.2547 0.3268 -0.0904 -0.0566 -0.0281 12  GLY A CA  
122 C C   . GLY A 12 ? 0.2111 0.1759 0.2970 -0.0544 -0.0654 -0.0350 12  GLY A C   
123 O O   . GLY A 12 ? 0.2110 0.2268 0.3502 -0.0275 -0.0746 -0.0379 12  GLY A O   
124 N N   . THR A 13 ? 0.1701 0.1701 0.2758 -0.1042 -0.1061 -0.0487 13  THR A N   
125 C CA  . THR A 13 ? 0.2182 0.1494 0.2264 -0.0937 -0.1050 -0.0692 13  THR A CA  
126 C C   . THR A 13 ? 0.2133 0.1392 0.2434 -0.0860 -0.0932 -0.0800 13  THR A C   
127 O O   . THR A 13 ? 0.1622 0.1909 0.2339 -0.1038 -0.1091 -0.0592 13  THR A O   
128 C CB  . THR A 13 ? 0.2601 0.1986 0.2874 -0.1618 -0.1480 -0.0369 13  THR A CB  
129 O OG1 . THR A 13 ? 0.2443 0.1738 0.3989 -0.1538 -0.1366 -0.0575 13  THR A OG1 
130 C CG2 . THR A 13 ? 0.2494 0.2704 0.4082 -0.1979 -0.1983 0.0038  13  THR A CG2 
131 N N   . CYS A 14 ? 0.2322 0.1747 0.2641 -0.1490 -0.0856 -0.0688 14  CYS A N   
132 C CA  . CYS A 14 ? 0.1994 0.1618 0.2598 -0.1183 -0.0792 -0.0869 14  CYS A CA  
133 C C   . CYS A 14 ? 0.1926 0.2090 0.2315 -0.1421 -0.1040 -0.0466 14  CYS A C   
134 O O   . CYS A 14 ? 0.2540 0.2650 0.2390 -0.1777 -0.1333 -0.0506 14  CYS A O   
135 C CB  . CYS A 14 ? 0.1848 0.1726 0.2645 -0.1052 -0.0683 -0.1156 14  CYS A CB  
136 S SG  . CYS A 14 ? 0.2093 0.1821 0.3556 -0.1286 -0.1234 -0.0823 14  CYS A SG  
137 N N   . ALA A 15 ? 0.2181 0.2191 0.2348 -0.1277 -0.0944 -0.1021 15  ALA A N   
138 C CA  . ALA A 15 ? 0.1611 0.2751 0.2337 -0.1197 -0.1077 -0.0816 15  ALA A CA  
139 C C   . ALA A 15 ? 0.1406 0.2328 0.2246 -0.1037 -0.0708 -0.1089 15  ALA A C   
140 O O   . ALA A 15 ? 0.2222 0.1618 0.1970 -0.1173 -0.1054 -0.0554 15  ALA A O   
141 C CB  . ALA A 15 ? 0.1969 0.2273 0.2447 -0.1362 -0.0854 -0.0499 15  ALA A CB  
142 N N   . ASP A 16 ? 0.1791 0.2542 0.2587 -0.1601 -0.0813 -0.0715 16  ASP A N   
143 C CA  . ASP A 16 ? 0.1801 0.2585 0.3244 -0.1540 -0.1253 -0.0514 16  ASP A CA  
144 C C   . ASP A 16 ? 0.2057 0.2374 0.2209 -0.1227 -0.1253 -0.0684 16  ASP A C   
145 O O   . ASP A 16 ? 0.3312 0.2063 0.2485 -0.1177 -0.1412 -0.0457 16  ASP A O   
146 C CB  . ASP A 16 ? 0.2396 0.2990 0.3034 -0.1693 -0.1214 -0.1112 16  ASP A CB  
147 C CG  . ASP A 16 ? 0.2716 0.3896 0.2628 -0.0928 -0.0675 -0.0659 16  ASP A CG  
148 O OD1 . ASP A 16 ? 0.2848 0.3619 0.2753 -0.1059 -0.0639 -0.0353 16  ASP A OD1 
149 O OD2 . ASP A 16 ? 0.5280 0.4919 0.3631 0.1043  -0.0548 -0.1398 16  ASP A OD2 
150 N N   . PHE A 17 ? 0.2233 0.2385 0.1992 -0.0933 -0.1193 -0.0700 17  PHE A N   
151 C CA  . PHE A 17 ? 0.1959 0.2438 0.2653 -0.0621 -0.1275 -0.0429 17  PHE A CA  
152 C C   . PHE A 17 ? 0.2082 0.2098 0.2621 -0.0560 -0.1246 -0.0892 17  PHE A C   
153 O O   . PHE A 17 ? 0.1937 0.2156 0.2867 -0.0865 -0.1102 -0.0351 17  PHE A O   
154 C CB  . PHE A 17 ? 0.1842 0.1725 0.2973 -0.0701 -0.1136 -0.0745 17  PHE A CB  
155 C CG  . PHE A 17 ? 0.1795 0.2119 0.2197 -0.0848 -0.1402 -0.0512 17  PHE A CG  
156 C CD1 . PHE A 17 ? 0.2265 0.1712 0.3073 -0.0823 -0.1816 -0.0561 17  PHE A CD1 
157 C CD2 . PHE A 17 ? 0.2880 0.2317 0.2883 -0.1310 -0.2268 -0.0218 17  PHE A CD2 
158 C CE1 . PHE A 17 ? 0.1722 0.2526 0.3253 -0.0638 -0.1955 -0.0259 17  PHE A CE1 
159 C CE2 . PHE A 17 ? 0.2641 0.1898 0.4081 -0.1217 -0.1951 -0.0539 17  PHE A CE2 
160 C CZ  . PHE A 17 ? 0.3120 0.1655 0.3525 -0.1236 -0.2076 -0.0654 17  PHE A CZ  
161 N N   . PRO A 18 ? 0.2596 0.1961 0.3123 -0.1606 -0.1131 -0.0100 18  PRO A N   
162 C CA  . PRO A 18 ? 0.3080 0.1617 0.3273 -0.1644 -0.1099 -0.0763 18  PRO A CA  
163 C C   . PRO A 18 ? 0.2504 0.2111 0.2935 -0.1483 -0.0834 -0.0220 18  PRO A C   
164 O O   . PRO A 18 ? 0.3237 0.1852 0.2820 -0.1011 -0.0698 -0.0368 18  PRO A O   
165 C CB  . PRO A 18 ? 0.3277 0.1951 0.4802 -0.1740 -0.0812 0.0388  18  PRO A CB  
166 C CG  . PRO A 18 ? 0.3288 0.2583 0.5529 -0.1624 -0.0387 0.0058  18  PRO A CG  
167 C CD  . PRO A 18 ? 0.2913 0.2302 0.4345 -0.1062 -0.1260 -0.0564 18  PRO A CD  
168 N N   . TRP A 19 ? 0.2610 0.1540 0.3021 -0.1347 -0.0781 -0.0181 19  TRP A N   
169 C CA  . TRP A 19 ? 0.2954 0.1825 0.2851 -0.1134 -0.1050 0.0050  19  TRP A CA  
170 C C   . TRP A 19 ? 0.3713 0.1705 0.2982 -0.1153 -0.0649 -0.0068 19  TRP A C   
171 O O   . TRP A 19 ? 0.4221 0.1918 0.4071 -0.0742 -0.0400 0.0242  19  TRP A O   
172 C CB  . TRP A 19 ? 0.3135 0.1988 0.3367 -0.0879 -0.0628 -0.0145 19  TRP A CB  
173 C CG  . TRP A 19 ? 0.2647 0.1801 0.2892 -0.1614 -0.0877 -0.0805 19  TRP A CG  
174 C CD1 . TRP A 19 ? 0.2944 0.1644 0.2982 -0.1067 -0.1227 -0.1019 19  TRP A CD1 
175 C CD2 . TRP A 19 ? 0.2756 0.1691 0.2952 -0.1348 -0.0706 -0.0992 19  TRP A CD2 
176 N NE1 . TRP A 19 ? 0.3383 0.1776 0.3271 -0.0870 -0.0937 -0.0841 19  TRP A NE1 
177 C CE2 . TRP A 19 ? 0.2488 0.2157 0.2694 -0.0658 -0.1047 -0.0610 19  TRP A CE2 
178 C CE3 . TRP A 19 ? 0.2824 0.1999 0.3617 -0.1545 -0.0574 -0.0663 19  TRP A CE3 
179 C CZ2 . TRP A 19 ? 0.2675 0.1808 0.3917 -0.1146 -0.0504 -0.0830 19  TRP A CZ2 
180 C CZ3 . TRP A 19 ? 0.3605 0.2681 0.3684 -0.0882 -0.0186 -0.0430 19  TRP A CZ3 
181 C CH2 . TRP A 19 ? 0.4135 0.2293 0.2802 -0.1311 -0.0244 -0.0427 19  TRP A CH2 
182 N N   . PRO A 20 ? 0.4080 0.1414 0.3066 -0.1804 -0.0451 -0.0979 20  PRO A N   
183 C CA  . PRO A 20 ? 0.3548 0.1822 0.3061 -0.1706 -0.0542 -0.0968 20  PRO A CA  
184 C C   . PRO A 20 ? 0.3484 0.1611 0.2184 -0.1527 -0.1426 -0.0507 20  PRO A C   
185 O O   . PRO A 20 ? 0.3431 0.2138 0.2881 -0.1503 -0.1321 -0.0136 20  PRO A O   
186 C CB  . PRO A 20 ? 0.5393 0.2742 0.3775 -0.1900 -0.0476 -0.1791 20  PRO A CB  
187 C CG  . PRO A 20 ? 0.5189 0.1932 0.4039 -0.2519 -0.0079 -0.1549 20  PRO A CG  
188 C CD  . PRO A 20 ? 0.5111 0.1799 0.4029 -0.1935 0.0416  -0.1211 20  PRO A CD  
189 N N   . LEU A 21 ? 0.3287 0.1260 0.2423 -0.1328 -0.1249 -0.0500 21  LEU A N   
190 C CA  . LEU A 21 ? 0.2266 0.1493 0.2621 -0.1136 -0.0909 -0.0497 21  LEU A CA  
191 C C   . LEU A 21 ? 0.2187 0.1752 0.3751 -0.1018 -0.1830 -0.0710 21  LEU A C   
192 O O   . LEU A 21 ? 0.2043 0.2004 0.2493 -0.1125 -0.1210 -0.0799 21  LEU A O   
193 C CB  . LEU A 21 ? 0.2545 0.1419 0.3227 -0.1007 -0.0916 -0.0607 21  LEU A CB  
194 C CG  . LEU A 21 ? 0.2154 0.1625 0.2971 -0.0984 -0.1128 -0.0549 21  LEU A CG  
195 C CD1 . LEU A 21 ? 0.2561 0.1707 0.3072 -0.0996 -0.1135 -0.0677 21  LEU A CD1 
196 C CD2 . LEU A 21 ? 0.2209 0.2304 0.3577 -0.0611 -0.1036 -0.1079 21  LEU A CD2 
197 N N   . GLY A 22 ? 0.2214 0.2156 0.4050 -0.1522 -0.1995 -0.0070 22  GLY A N   
198 C CA  . GLY A 22 ? 0.2186 0.2211 0.2693 -0.1814 -0.1038 -0.0225 22  GLY A CA  
199 C C   . GLY A 22 ? 0.2223 0.2742 0.2625 -0.1666 -0.1355 -0.0503 22  GLY A C   
200 O O   . GLY A 22 ? 0.1686 0.1245 0.2719 -0.0795 -0.1063 -0.0611 22  GLY A O   
201 N N   . HIS A 23 ? 0.2310 0.2159 0.3061 -0.1720 -0.0930 -0.0717 23  HIS A N   
202 C CA  . HIS A 23 ? 0.1964 0.1775 0.2962 -0.1346 -0.1021 -0.0615 23  HIS A CA  
203 C C   . HIS A 23 ? 0.1720 0.1109 0.2690 -0.0695 -0.0869 -0.0910 23  HIS A C   
204 O O   . HIS A 23 ? 0.1958 0.1501 0.2581 -0.1222 -0.1026 -0.0462 23  HIS A O   
205 C CB  . HIS A 23 ? 0.1914 0.2000 0.3036 -0.1589 -0.0659 -0.0697 23  HIS A CB  
206 C CG  . HIS A 23 ? 0.2161 0.1758 0.2751 -0.1071 -0.0899 -0.1167 23  HIS A CG  
207 N ND1 . HIS A 23 ? 0.2221 0.2072 0.2496 -0.1298 -0.0819 -0.1117 23  HIS A ND1 
208 C CD2 . HIS A 23 ? 0.2172 0.2545 0.2833 -0.1020 -0.1574 -0.1017 23  HIS A CD2 
209 C CE1 . HIS A 23 ? 0.2311 0.4072 0.4807 -0.1660 -0.1042 -0.2676 23  HIS A CE1 
210 N NE2 . HIS A 23 ? 0.2262 0.2275 0.4943 -0.1260 -0.0972 -0.2021 23  HIS A NE2 
211 N N   . GLN A 24 ? 0.1799 0.1428 0.2483 -0.0874 -0.1181 -0.0620 24  GLN A N   
212 C CA  . GLN A 24 ? 0.1891 0.1901 0.2728 -0.1045 -0.1236 -0.0803 24  GLN A CA  
213 C C   . GLN A 24 ? 0.1828 0.1409 0.1992 -0.1027 -0.0836 -0.0577 24  GLN A C   
214 O O   . GLN A 24 ? 0.1610 0.1966 0.1824 -0.1044 -0.0903 -0.0614 24  GLN A O   
215 C CB  . GLN A 24 ? 0.1652 0.1789 0.2899 -0.1192 -0.1144 -0.0440 24  GLN A CB  
216 C CG  . GLN A 24 ? 0.1619 0.1761 0.3071 -0.1151 -0.0933 -0.0742 24  GLN A CG  
217 C CD  . GLN A 24 ? 0.1431 0.1529 0.2811 -0.1225 -0.0533 -0.0488 24  GLN A CD  
218 O OE1 . GLN A 24 ? 0.1965 0.1892 0.2363 -0.1372 -0.0625 -0.0874 24  GLN A OE1 
219 N NE2 . GLN A 24 ? 0.1246 0.1608 0.2777 -0.1057 -0.0585 -0.0682 24  GLN A NE2 
220 N N   . CYS A 25 ? 0.1448 0.2002 0.2310 -0.1133 -0.0986 -0.0434 25  CYS A N   
221 C CA  . CYS A 25 ? 0.1463 0.1893 0.2423 -0.1135 -0.0854 -0.0606 25  CYS A CA  
222 C C   . CYS A 25 ? 0.1386 0.2024 0.2839 -0.0990 -0.0906 -0.0936 25  CYS A C   
223 O O   . CYS A 25 ? 0.2402 0.3531 0.2677 -0.1860 -0.0508 -0.1458 25  CYS A O   
224 C CB  . CYS A 25 ? 0.2225 0.1732 0.2653 -0.1018 -0.0840 -0.0060 25  CYS A CB  
225 S SG  . CYS A 25 ? 0.1763 0.1755 0.2802 -0.1149 -0.1155 -0.0565 25  CYS A SG  
226 N N   . PHE A 26 ? 0.1796 0.1915 0.2459 -0.1222 -0.1098 -0.0525 26  PHE A N   
227 C CA  . PHE A 26 ? 0.2141 0.2091 0.2208 -0.1091 -0.0591 -0.0551 26  PHE A CA  
228 C C   . PHE A 26 ? 0.1533 0.2121 0.3306 -0.1354 -0.0839 -0.0384 26  PHE A C   
229 O O   . PHE A 26 ? 0.3310 0.2106 0.3464 -0.1879 -0.0280 -0.0775 26  PHE A O   
230 C CB  . PHE A 26 ? 0.1947 0.2075 0.2729 -0.1032 -0.0833 -0.0678 26  PHE A CB  
231 C CG  . PHE A 26 ? 0.1759 0.1889 0.2312 -0.0711 -0.0976 -0.0508 26  PHE A CG  
232 C CD1 . PHE A 26 ? 0.2213 0.2050 0.2367 -0.0852 -0.0606 -0.0742 26  PHE A CD1 
233 C CD2 . PHE A 26 ? 0.1726 0.2064 0.2590 -0.0944 -0.0754 -0.0675 26  PHE A CD2 
234 C CE1 . PHE A 26 ? 0.1932 0.1683 0.2345 -0.0727 -0.0755 -0.0668 26  PHE A CE1 
235 C CE2 . PHE A 26 ? 0.2208 0.1863 0.2629 -0.0874 -0.0832 -0.0816 26  PHE A CE2 
236 C CZ  . PHE A 26 ? 0.2195 0.1780 0.2445 -0.0720 -0.0882 -0.0852 26  PHE A CZ  
237 N N   . PRO A 27 ? 0.2672 0.2149 0.3239 -0.0502 -0.0406 0.0370  27  PRO A N   
238 C CA  . PRO A 27 ? 0.3106 0.2189 0.3735 -0.0962 -0.0341 0.0208  27  PRO A CA  
239 C C   . PRO A 27 ? 0.2986 0.2399 0.3725 -0.0557 0.0084  0.0340  27  PRO A C   
240 O O   . PRO A 27 ? 0.3504 0.2289 0.5858 -0.1046 -0.0799 0.0235  27  PRO A O   
241 C CB  . PRO A 27 ? 0.3476 0.3507 0.3558 -0.0657 -0.1478 0.0167  27  PRO A CB  
242 C CG  . PRO A 27 ? 0.5384 0.4391 0.4856 -0.1285 -0.1343 0.0964  27  PRO A CG  
243 C CD  . PRO A 27 ? 0.3385 0.3736 0.3829 -0.0682 -0.1815 -0.0284 27  PRO A CD  
244 N N   . ASP A 28 ? 0.2182 0.3230 0.2857 -0.0353 -0.0322 0.0065  28  ASP A N   
245 C CA  . ASP A 28 ? 0.2303 0.3101 0.3237 -0.0779 -0.0666 0.0701  28  ASP A CA  
246 C C   . ASP A 28 ? 0.1863 0.3509 0.3158 -0.0801 -0.0369 0.0159  28  ASP A C   
247 O O   . ASP A 28 ? 0.3149 0.2156 0.4714 -0.0948 -0.0642 -0.0192 28  ASP A O   
248 C CB  . ASP A 28 ? 0.3309 0.4630 0.3111 -0.0092 -0.0588 0.0148  28  ASP A CB  
249 C CG  . ASP A 28 ? 0.5249 0.3241 0.4071 -0.1229 -0.2131 -0.1344 28  ASP A CG  
250 O OD1 . ASP A 28 ? 0.9496 0.4993 0.6660 0.2236  0.0605  0.1881  28  ASP A OD1 
251 O OD2 . ASP A 28 ? 1.0717 0.2246 0.6047 -0.2714 0.0202  -0.1553 28  ASP A OD2 
252 N N   . GLY B 1  ? 0.2159 0.1886 0.2405 -0.1210 -0.0857 -0.0462 1   GLY B N   
253 C CA  . GLY B 1  ? 0.2280 0.2081 0.2580 -0.1355 -0.0862 -0.0423 1   GLY B CA  
254 C C   . GLY B 1  ? 0.1982 0.1460 0.3049 -0.1343 -0.1021 -0.0345 1   GLY B C   
255 O O   . GLY B 1  ? 0.2018 0.2498 0.3144 -0.1547 -0.0714 -0.0425 1   GLY B O   
256 N N   . PHE B 2  ? 0.2610 0.1963 0.2817 -0.1129 -0.0988 -0.0448 2   PHE B N   
257 C CA  . PHE B 2  ? 0.2613 0.2265 0.3082 -0.1371 -0.1198 -0.0079 2   PHE B CA  
258 C C   . PHE B 2  ? 0.2720 0.2235 0.2375 -0.1676 -0.1211 -0.0111 2   PHE B C   
259 O O   . PHE B 2  ? 0.2739 0.2797 0.2614 -0.1763 -0.1081 -0.0238 2   PHE B O   
260 C CB  . PHE B 2  ? 0.2581 0.2423 0.3016 -0.1193 -0.1244 -0.0429 2   PHE B CB  
261 C CG  . PHE B 2  ? 0.2668 0.2184 0.3158 -0.1393 -0.1041 -0.0651 2   PHE B CG  
262 C CD1 . PHE B 2  ? 0.3833 0.2990 0.3227 -0.0645 -0.0690 -0.0610 2   PHE B CD1 
263 C CD2 . PHE B 2  ? 0.2060 0.2382 0.3218 -0.1398 -0.1060 -0.0709 2   PHE B CD2 
264 C CE1 . PHE B 2  ? 0.3718 0.2222 0.3660 -0.1419 -0.0906 -0.0797 2   PHE B CE1 
265 C CE2 . PHE B 2  ? 0.2644 0.2917 0.3189 -0.1093 -0.0967 -0.0626 2   PHE B CE2 
266 C CZ  . PHE B 2  ? 0.2861 0.3054 0.3245 -0.0941 -0.0782 -0.0733 2   PHE B CZ  
267 N N   . CYS B 3  ? 0.3457 0.2713 0.2940 -0.1725 -0.0701 0.0161  3   CYS B N   
268 C CA  . CYS B 3  ? 0.3765 0.2772 0.2753 -0.2355 -0.1490 0.0375  3   CYS B CA  
269 C C   . CYS B 3  ? 0.3083 0.2613 0.2624 -0.2051 -0.1515 0.0202  3   CYS B C   
270 O O   . CYS B 3  ? 0.3976 0.3775 0.4349 -0.3412 -0.2303 0.0542  3   CYS B O   
271 C CB  . CYS B 3  ? 0.3821 0.3998 0.3170 -0.3182 -0.0905 -0.0139 3   CYS B CB  
272 S SG  . CYS B 3  ? 0.4217 0.3676 0.3488 -0.2460 -0.0514 -0.0534 3   CYS B SG  
273 N N   . TRP B 4  ? 0.3472 0.2807 0.3311 -0.2132 -0.1250 -0.0061 4   TRP B N   
274 C CA  . TRP B 4  ? 0.4020 0.2790 0.3010 -0.2363 -0.1778 -0.0053 4   TRP B CA  
275 C C   . TRP B 4  ? 0.3184 0.3077 0.3638 -0.1930 -0.1533 -0.0123 4   TRP B C   
276 O O   . TRP B 4  ? 0.4139 0.2904 0.3737 -0.1856 0.0099  -0.0796 4   TRP B O   
277 C CB  . TRP B 4  ? 0.5328 0.3535 0.3757 -0.2465 -0.0244 -0.0559 4   TRP B CB  
278 C CG  . TRP B 4  ? 0.3864 0.3282 0.3654 -0.1129 -0.0561 -0.0260 4   TRP B CG  
279 C CD1 . TRP B 4  ? 0.2258 0.4129 0.4024 -0.1372 -0.1403 -0.1889 4   TRP B CD1 
280 C CD2 . TRP B 4  ? 0.2839 0.3095 0.2076 -0.0077 -0.0483 -0.1257 4   TRP B CD2 
281 N NE1 . TRP B 4  ? 0.2663 0.3585 0.4013 -0.0473 -0.0417 -0.0717 4   TRP B NE1 
282 C CE2 . TRP B 4  ? 0.2287 0.3071 0.2641 -0.0770 -0.1066 -0.0747 4   TRP B CE2 
283 C CE3 . TRP B 4  ? 0.3223 0.2064 0.2833 0.0171  -0.0660 -0.0656 4   TRP B CE3 
284 C CZ2 . TRP B 4  ? 0.3385 0.2836 0.3579 -0.1196 -0.0360 -0.0963 4   TRP B CZ2 
285 C CZ3 . TRP B 4  ? 0.3347 0.3689 0.3404 -0.0477 -0.0574 -0.0625 4   TRP B CZ3 
286 C CH2 . TRP B 4  ? 0.4130 0.3963 0.4347 0.0110  -0.0437 -0.0398 4   TRP B CH2 
287 N N   . HIS B 5  ? 0.3450 0.2371 0.4409 -0.1576 -0.0284 -0.0264 5   HIS B N   
288 C CA  . HIS B 5  ? 0.3871 0.4450 0.6570 -0.1112 -0.0826 0.0513  5   HIS B CA  
289 C C   . HIS B 5  ? 0.5066 0.4294 0.4289 -0.0892 -0.2285 -0.0498 5   HIS B C   
290 O O   . HIS B 5  ? 0.4139 1.0623 0.6907 -0.0288 -0.1669 0.2107  5   HIS B O   
291 C CB  . HIS B 5  ? 0.5226 0.5471 0.8602 0.0483  -0.0481 0.0288  5   HIS B CB  
292 C CG  . HIS B 5  ? 0.6526 0.3116 1.0108 -0.1441 -0.3141 0.0182  5   HIS B CG  
293 N ND1 . HIS B 5  ? 0.5491 0.6884 1.4065 -0.0068 -0.0773 0.4038  5   HIS B ND1 
294 C CD2 . HIS B 5  ? 0.6566 0.7320 1.1544 -0.0450 -0.3691 -0.0407 5   HIS B CD2 
295 C CE1 . HIS B 5  ? 0.8594 0.7210 1.4916 0.1109  -0.1069 0.2934  5   HIS B CE1 
296 N NE2 . HIS B 5  ? 0.7568 0.7664 1.3228 -0.0412 -0.2608 -0.0165 5   HIS B NE2 
297 N N   . HIS B 6  ? 0.8391 0.1652 0.3787 -0.2445 -0.1587 0.0038  6   HIS B N   
298 C CA  . HIS B 6  ? 0.5566 0.6036 0.2888 -0.2494 -0.1722 -0.0156 6   HIS B CA  
299 C C   . HIS B 6  ? 0.3824 0.4668 0.2367 -0.1117 -0.1587 -0.1271 6   HIS B C   
300 O O   . HIS B 6  ? 0.3201 0.4528 0.3161 -0.1049 -0.1522 -0.0828 6   HIS B O   
301 C CB  . HIS B 6  ? 0.7941 0.7906 0.4773 -0.1482 -0.2647 0.1105  6   HIS B CB  
302 C CG  . HIS B 6  ? 1.1443 0.6396 0.4631 -0.1486 -0.1288 -0.3003 6   HIS B CG  
303 N ND1 . HIS B 6  ? 1.1615 0.9853 0.9212 -0.3943 0.0796  -0.2615 6   HIS B ND1 
304 C CD2 . HIS B 6  ? 1.2242 0.3188 0.2570 -0.2443 -0.0462 -0.0874 6   HIS B CD2 
305 C CE1 . HIS B 6  ? 1.4211 0.7030 0.8769 -0.4005 0.0905  -0.4905 6   HIS B CE1 
306 N NE2 . HIS B 6  ? 0.9413 0.5740 0.4827 -0.2476 0.1416  -0.2695 6   HIS B NE2 
307 N N   . SER B 7  ? 0.3668 0.3089 0.2153 -0.0952 -0.1066 -0.0658 7   SER B N   
308 C CA  . SER B 7  ? 0.4001 0.3330 0.2329 -0.1018 -0.1331 -0.0395 7   SER B CA  
309 C C   . SER B 7  ? 0.3297 0.2110 0.2903 -0.1633 -0.1669 -0.0713 7   SER B C   
310 O O   . SER B 7  ? 0.3422 0.2644 0.3394 -0.1876 -0.1867 -0.0450 7   SER B O   
311 C CB  . SER B 7  ? 0.3191 0.2904 0.3895 -0.1841 -0.0982 -0.0765 7   SER B CB  
312 O OG  . SER B 7  ? 0.4033 0.4801 0.4445 -0.1808 -0.1408 -0.1171 7   SER B OG  
313 N N   . CYS B 8  ? 0.3117 0.3412 0.3322 -0.1879 -0.1619 0.0312  8   CYS B N   
314 C CA  . CYS B 8  ? 0.3499 0.2879 0.2652 -0.1645 -0.1705 -0.0118 8   CYS B CA  
315 C C   . CYS B 8  ? 0.2494 0.2560 0.2626 -0.1645 -0.1599 -0.0190 8   CYS B C   
316 O O   . CYS B 8  ? 0.2503 0.3624 0.3473 -0.1516 -0.1403 0.0068  8   CYS B O   
317 C CB  . CYS B 8  ? 0.4192 0.3264 0.3013 -0.1779 -0.0693 -0.0511 8   CYS B CB  
318 S SG  . CYS B 8  ? 0.4917 0.3541 0.2962 -0.2827 -0.1198 -0.0676 8   CYS B SG  
319 N N   . VAL B 9  ? 0.2679 0.2649 0.2522 -0.0885 -0.1582 -0.0213 9   VAL B N   
320 C CA  . VAL B 9  ? 0.3103 0.2194 0.2773 -0.0978 -0.0925 -0.0431 9   VAL B CA  
321 C C   . VAL B 9  ? 0.1907 0.1767 0.2526 -0.1280 -0.0794 -0.0766 9   VAL B C   
322 O O   . VAL B 9  ? 0.2536 0.1771 0.2563 -0.1132 -0.0456 -0.0753 9   VAL B O   
323 C CB  . VAL B 9  ? 0.3026 0.1920 0.3494 -0.0866 -0.1004 -0.0667 9   VAL B CB  
324 C CG1 . VAL B 9  ? 0.4998 0.3132 0.4150 0.0460  -0.0723 0.0006  9   VAL B CG1 
325 C CG2 . VAL B 9  ? 0.3856 0.1527 0.3347 -0.1537 -0.1427 -0.0940 9   VAL B CG2 
326 N N   . PRO B 10 ? 0.2062 0.2012 0.2606 -0.1274 -0.0876 -0.0637 10  PRO B N   
327 C CA  . PRO B 10 ? 0.2225 0.1852 0.2603 -0.1221 -0.0591 -0.0601 10  PRO B CA  
328 C C   . PRO B 10 ? 0.2357 0.1532 0.2641 -0.0949 -0.0710 -0.1152 10  PRO B C   
329 O O   . PRO B 10 ? 0.2202 0.1524 0.3094 -0.1212 -0.0857 -0.0961 10  PRO B O   
330 C CB  . PRO B 10 ? 0.2346 0.1904 0.3230 -0.1620 -0.0771 -0.0858 10  PRO B CB  
331 C CG  . PRO B 10 ? 0.2645 0.2110 0.3635 -0.1441 -0.0424 -0.0542 10  PRO B CG  
332 C CD  . PRO B 10 ? 0.2490 0.2095 0.3145 -0.1191 -0.0217 -0.0580 10  PRO B CD  
333 N N   A SER B 11 ? 0.1818 0.1513 0.3309 -0.1090 -0.0790 -0.0985 11  SER B N   
334 N N   B SER B 11 ? 0.2199 0.1527 0.3594 -0.0972 -0.0563 -0.1114 11  SER B N   
335 C CA  A SER B 11 ? 0.1746 0.1368 0.3136 -0.0988 -0.0727 -0.0943 11  SER B CA  
336 C CA  B SER B 11 ? 0.2381 0.1689 0.3340 -0.1016 -0.0670 -0.1256 11  SER B CA  
337 C C   A SER B 11 ? 0.1511 0.1300 0.3068 -0.0972 -0.0729 -0.0756 11  SER B C   
338 C C   B SER B 11 ? 0.1897 0.1454 0.3359 -0.1222 -0.0550 -0.0985 11  SER B C   
339 O O   A SER B 11 ? 0.1713 0.0909 0.3538 -0.0982 -0.0653 -0.0508 11  SER B O   
340 O O   B SER B 11 ? 0.1669 0.2551 0.3570 -0.1254 -0.1576 -0.0496 11  SER B O   
341 C CB  A SER B 11 ? 0.1684 0.1483 0.3403 -0.1070 -0.0535 -0.1156 11  SER B CB  
342 C CB  B SER B 11 ? 0.3438 0.1830 0.4162 -0.0688 -0.0193 -0.1486 11  SER B CB  
343 O OG  A SER B 11 ? 0.2248 0.1895 0.3387 -0.0679 -0.0553 -0.1467 11  SER B OG  
344 O OG  B SER B 11 ? 0.3559 0.2489 0.5652 -0.1118 -0.0165 -0.1394 11  SER B OG  
345 N N   . GLY B 12 ? 0.1907 0.1321 0.3202 -0.1164 -0.0839 -0.0656 12  GLY B N   
346 C CA  . GLY B 12 ? 0.2314 0.2231 0.3325 -0.1556 -0.0987 -0.1083 12  GLY B CA  
347 C C   . GLY B 12 ? 0.1766 0.2509 0.2786 -0.1447 -0.0875 -0.0914 12  GLY B C   
348 O O   . GLY B 12 ? 0.2325 0.1622 0.2614 -0.1093 -0.0817 -0.0252 12  GLY B O   
349 N N   . THR B 13 ? 0.2319 0.1698 0.3332 -0.1159 -0.1574 -0.0691 13  THR B N   
350 C CA  . THR B 13 ? 0.2169 0.1377 0.2624 -0.1152 -0.1190 -0.0332 13  THR B CA  
351 C C   . THR B 13 ? 0.1454 0.1567 0.2479 -0.0935 -0.1018 -0.0421 13  THR B C   
352 O O   . THR B 13 ? 0.1659 0.1704 0.2648 -0.1002 -0.0690 -0.0590 13  THR B O   
353 C CB  . THR B 13 ? 0.2444 0.1034 0.3042 -0.0892 -0.1005 0.0001  13  THR B CB  
354 O OG1 . THR B 13 ? 0.2715 0.1465 0.3200 -0.1042 -0.0804 -0.0397 13  THR B OG1 
355 C CG2 . THR B 13 ? 0.2488 0.1438 0.3234 -0.0627 -0.1160 -0.0259 13  THR B CG2 
356 N N   . CYS B 14 ? 0.1946 0.1199 0.3055 -0.1150 -0.0814 -0.0585 14  CYS B N   
357 C CA  . CYS B 14 ? 0.1905 0.1258 0.3377 -0.1189 -0.0719 -0.0676 14  CYS B CA  
358 C C   . CYS B 14 ? 0.1689 0.1852 0.3288 -0.1044 -0.1006 -0.1058 14  CYS B C   
359 O O   . CYS B 14 ? 0.1611 0.1794 0.4336 -0.1052 -0.1192 -0.1031 14  CYS B O   
360 C CB  . CYS B 14 ? 0.2011 0.1799 0.3589 -0.1680 -0.0545 -0.0536 14  CYS B CB  
361 S SG  . CYS B 14 ? 0.2340 0.2161 0.3129 -0.1284 -0.0974 -0.0418 14  CYS B SG  
362 N N   . ALA B 15 ? 0.1599 0.2485 0.3126 -0.1319 -0.0925 -0.0996 15  ALA B N   
363 C CA  . ALA B 15 ? 0.1600 0.2499 0.2861 -0.1353 -0.0790 -0.1020 15  ALA B CA  
364 C C   . ALA B 15 ? 0.1547 0.1596 0.2577 -0.1026 -0.0880 -0.0666 15  ALA B C   
365 O O   . ALA B 15 ? 0.1365 0.1778 0.2197 -0.0924 -0.0768 -0.0652 15  ALA B O   
366 C CB  . ALA B 15 ? 0.1849 0.1545 0.2966 -0.0995 -0.0917 -0.0995 15  ALA B CB  
367 N N   . ASP B 16 ? 0.1823 0.1591 0.2865 -0.1038 -0.1084 -0.0759 16  ASP B N   
368 C CA  . ASP B 16 ? 0.1618 0.1841 0.2611 -0.1153 -0.0884 -0.0716 16  ASP B CA  
369 C C   . ASP B 16 ? 0.1101 0.1994 0.2545 -0.0727 -0.0954 -0.0703 16  ASP B C   
370 O O   . ASP B 16 ? 0.1600 0.2427 0.2953 -0.0743 -0.1265 -0.0288 16  ASP B O   
371 C CB  . ASP B 16 ? 0.1680 0.2254 0.2545 -0.1048 -0.0998 -0.0731 16  ASP B CB  
372 C CG  . ASP B 16 ? 0.1723 0.3614 0.2562 -0.0915 -0.0954 -0.0243 16  ASP B CG  
373 O OD1 . ASP B 16 ? 0.1998 0.4521 0.2661 -0.0564 -0.1060 -0.0574 16  ASP B OD1 
374 O OD2 . ASP B 16 ? 0.2115 0.4947 0.4968 -0.0620 -0.0101 0.0502  16  ASP B OD2 
375 N N   . PHE B 17 ? 0.1692 0.2154 0.2693 -0.1037 -0.1353 -0.0603 17  PHE B N   
376 C CA  . PHE B 17 ? 0.2152 0.2064 0.2354 -0.1066 -0.1518 -0.0547 17  PHE B CA  
377 C C   . PHE B 17 ? 0.1899 0.1983 0.2318 -0.0945 -0.1417 -0.0565 17  PHE B C   
378 O O   . PHE B 17 ? 0.1891 0.1585 0.2093 -0.0955 -0.0965 -0.0704 17  PHE B O   
379 C CB  . PHE B 17 ? 0.2087 0.1618 0.2746 -0.1270 -0.1137 -0.0524 17  PHE B CB  
380 C CG  . PHE B 17 ? 0.1886 0.1443 0.2351 -0.1027 -0.1101 -0.0517 17  PHE B CG  
381 C CD1 . PHE B 17 ? 0.1971 0.1538 0.2751 -0.1163 -0.1223 -0.0459 17  PHE B CD1 
382 C CD2 . PHE B 17 ? 0.2019 0.1434 0.2487 -0.1094 -0.1303 -0.0364 17  PHE B CD2 
383 C CE1 . PHE B 17 ? 0.2772 0.1856 0.2492 -0.1750 -0.1115 -0.0415 17  PHE B CE1 
384 C CE2 . PHE B 17 ? 0.2163 0.1816 0.1792 -0.1261 -0.0944 -0.0528 17  PHE B CE2 
385 C CZ  . PHE B 17 ? 0.2051 0.1677 0.2501 -0.1346 -0.0978 -0.0509 17  PHE B CZ  
386 N N   . PRO B 18 ? 0.2705 0.1708 0.3257 -0.1298 -0.1661 -0.0649 18  PRO B N   
387 C CA  . PRO B 18 ? 0.2804 0.1626 0.3670 -0.1565 -0.1547 -0.0473 18  PRO B CA  
388 C C   . PRO B 18 ? 0.2753 0.1368 0.2470 -0.1248 -0.0835 -0.0853 18  PRO B C   
389 O O   . PRO B 18 ? 0.2146 0.1550 0.2534 -0.1372 -0.0851 -0.0550 18  PRO B O   
390 C CB  . PRO B 18 ? 0.4154 0.1440 0.4356 -0.1782 -0.2309 -0.0338 18  PRO B CB  
391 C CG  . PRO B 18 ? 0.3843 0.2052 0.3256 -0.1231 -0.2076 -0.0736 18  PRO B CG  
392 C CD  . PRO B 18 ? 0.3681 0.1882 0.3267 -0.1288 -0.1466 -0.0494 18  PRO B CD  
393 N N   . TRP B 19 ? 0.2171 0.1179 0.2990 -0.0722 -0.1314 -0.0905 19  TRP B N   
394 C CA  . TRP B 19 ? 0.2220 0.1853 0.2298 -0.1140 -0.1091 -0.0828 19  TRP B CA  
395 C C   . TRP B 19 ? 0.2211 0.2107 0.2331 -0.1244 -0.1079 -0.0886 19  TRP B C   
396 O O   . TRP B 19 ? 0.2664 0.2065 0.2441 -0.1612 -0.1125 -0.0637 19  TRP B O   
397 C CB  . TRP B 19 ? 0.2828 0.1711 0.2760 -0.1147 -0.1184 -0.1113 19  TRP B CB  
398 C CG  . TRP B 19 ? 0.2396 0.1577 0.2886 -0.1027 -0.1207 -0.1003 19  TRP B CG  
399 C CD1 . TRP B 19 ? 0.2487 0.1438 0.2526 -0.1001 -0.1127 -0.0894 19  TRP B CD1 
400 C CD2 . TRP B 19 ? 0.1699 0.1555 0.2916 -0.1104 -0.1058 -0.0551 19  TRP B CD2 
401 N NE1 . TRP B 19 ? 0.2505 0.2014 0.2550 -0.1280 -0.1000 -0.1108 19  TRP B NE1 
402 C CE2 . TRP B 19 ? 0.2134 0.1809 0.2007 -0.1202 -0.0872 -0.0771 19  TRP B CE2 
403 C CE3 . TRP B 19 ? 0.2430 0.1683 0.2417 -0.0542 -0.0791 -0.0580 19  TRP B CE3 
404 C CZ2 . TRP B 19 ? 0.2262 0.1876 0.2662 -0.0799 -0.0631 -0.0576 19  TRP B CZ2 
405 C CZ3 . TRP B 19 ? 0.2914 0.1538 0.2858 -0.0474 -0.0310 -0.0580 19  TRP B CZ3 
406 C CH2 . TRP B 19 ? 0.2580 0.1872 0.2288 -0.0733 -0.0901 -0.0591 19  TRP B CH2 
407 N N   . PRO B 20 ? 0.2150 0.1938 0.2492 -0.1427 -0.0669 -0.0947 20  PRO B N   
408 C CA  . PRO B 20 ? 0.2227 0.2107 0.2546 -0.1308 -0.0475 -0.0832 20  PRO B CA  
409 C C   . PRO B 20 ? 0.1620 0.2610 0.3170 -0.1395 -0.0981 -0.0911 20  PRO B C   
410 O O   . PRO B 20 ? 0.2352 0.2278 0.3080 -0.1373 -0.1068 -0.1237 20  PRO B O   
411 C CB  . PRO B 20 ? 0.2688 0.1636 0.4086 -0.1779 -0.0057 -0.1176 20  PRO B CB  
412 C CG  . PRO B 20 ? 0.2588 0.2173 0.3889 -0.1981 -0.0441 -0.1102 20  PRO B CG  
413 C CD  . PRO B 20 ? 0.2492 0.2670 0.2908 -0.1700 -0.0375 -0.0798 20  PRO B CD  
414 N N   . LEU B 21 ? 0.1504 0.1746 0.2520 -0.1044 -0.1003 -0.0543 21  LEU B N   
415 C CA  . LEU B 21 ? 0.2013 0.1494 0.1922 -0.0777 -0.0703 -0.0670 21  LEU B CA  
416 C C   . LEU B 21 ? 0.1953 0.2528 0.1819 -0.1299 -0.1008 -0.0686 21  LEU B C   
417 O O   . LEU B 21 ? 0.1996 0.2187 0.2307 -0.1265 -0.1039 -0.0797 21  LEU B O   
418 C CB  . LEU B 21 ? 0.2125 0.1433 0.2042 -0.1166 -0.0820 -0.0621 21  LEU B CB  
419 C CG  . LEU B 21 ? 0.2330 0.1769 0.1981 -0.0872 -0.0904 -0.0563 21  LEU B CG  
420 C CD1 . LEU B 21 ? 0.2618 0.2117 0.1865 -0.0787 -0.0859 -0.0806 21  LEU B CD1 
421 C CD2 . LEU B 21 ? 0.2117 0.2720 0.2343 -0.0652 -0.0854 -0.0610 21  LEU B CD2 
422 N N   . GLY B 22 ? 0.2124 0.1630 0.2226 -0.1065 -0.1318 -0.0486 22  GLY B N   
423 C CA  . GLY B 22 ? 0.1972 0.1841 0.2236 -0.0936 -0.1264 -0.0715 22  GLY B CA  
424 C C   . GLY B 22 ? 0.2209 0.1743 0.1968 -0.1074 -0.0779 -0.0974 22  GLY B C   
425 O O   . GLY B 22 ? 0.2028 0.1450 0.1792 -0.1135 -0.0959 -0.0408 22  GLY B O   
426 N N   . HIS B 23 ? 0.1877 0.1568 0.2405 -0.1117 -0.0924 -0.0667 23  HIS B N   
427 C CA  . HIS B 23 ? 0.1923 0.1439 0.2148 -0.1050 -0.0869 -0.0656 23  HIS B CA  
428 C C   . HIS B 23 ? 0.1496 0.1362 0.1712 -0.0954 -0.0893 -0.0261 23  HIS B C   
429 O O   . HIS B 23 ? 0.1738 0.1461 0.2021 -0.0896 -0.1105 -0.0470 23  HIS B O   
430 C CB  . HIS B 23 ? 0.1817 0.1811 0.2072 -0.1172 -0.0920 -0.0593 23  HIS B CB  
431 C CG  . HIS B 23 ? 0.1735 0.2334 0.2491 -0.1580 -0.0609 -0.0742 23  HIS B CG  
432 N ND1 . HIS B 23 ? 0.1821 0.2538 0.3071 -0.1390 -0.0728 -0.0694 23  HIS B ND1 
433 C CD2 . HIS B 23 ? 0.2272 0.2848 0.2921 -0.1728 -0.1632 -0.0257 23  HIS B CD2 
434 C CE1 . HIS B 23 ? 0.2479 0.2588 0.2164 -0.1594 -0.0893 -0.0723 23  HIS B CE1 
435 N NE2 . HIS B 23 ? 0.2820 0.3007 0.3043 -0.2060 -0.1695 -0.0388 23  HIS B NE2 
436 N N   . GLN B 24 ? 0.1631 0.2020 0.2230 -0.1155 -0.1176 -0.0327 24  GLN B N   
437 C CA  . GLN B 24 ? 0.1981 0.1944 0.2405 -0.1174 -0.1183 -0.0644 24  GLN B CA  
438 C C   . GLN B 24 ? 0.1724 0.1653 0.2093 -0.1017 -0.0672 -0.0886 24  GLN B C   
439 O O   . GLN B 24 ? 0.1531 0.1687 0.2452 -0.0983 -0.0775 -0.0866 24  GLN B O   
440 C CB  . GLN B 24 ? 0.2222 0.1690 0.2338 -0.1086 -0.0909 -0.0972 24  GLN B CB  
441 C CG  . GLN B 24 ? 0.2231 0.1180 0.2339 -0.1154 -0.0649 -0.0672 24  GLN B CG  
442 C CD  . GLN B 24 ? 0.2135 0.1775 0.2741 -0.1274 -0.0806 -0.0980 24  GLN B CD  
443 O OE1 . GLN B 24 ? 0.2109 0.2181 0.2890 -0.1208 -0.1036 -0.1188 24  GLN B OE1 
444 N NE2 . GLN B 24 ? 0.2034 0.1670 0.2426 -0.1265 -0.0655 -0.0873 24  GLN B NE2 
445 N N   . CYS B 25 ? 0.1795 0.1895 0.2430 -0.0856 -0.1052 -0.1042 25  CYS B N   
446 C CA  . CYS B 25 ? 0.1851 0.1607 0.2592 -0.1178 -0.0753 -0.0797 25  CYS B CA  
447 C C   . CYS B 25 ? 0.1697 0.1351 0.2823 -0.0969 -0.0619 -0.0978 25  CYS B C   
448 O O   . CYS B 25 ? 0.1688 0.2138 0.2804 -0.1266 -0.0840 -0.0928 25  CYS B O   
449 C CB  . CYS B 25 ? 0.2222 0.1339 0.2989 -0.1272 -0.0933 -0.0601 25  CYS B CB  
450 S SG  . CYS B 25 ? 0.2264 0.2135 0.2780 -0.1109 -0.0989 -0.0461 25  CYS B SG  
451 N N   . PHE B 26 ? 0.2176 0.1354 0.2549 -0.1083 -0.0990 -0.0705 26  PHE B N   
452 C CA  . PHE B 26 ? 0.1659 0.1400 0.2821 -0.1090 -0.0544 -0.0705 26  PHE B CA  
453 C C   . PHE B 26 ? 0.1393 0.1391 0.2356 -0.0939 -0.0638 -0.0689 26  PHE B C   
454 O O   . PHE B 26 ? 0.1516 0.1533 0.2831 -0.1020 -0.0774 -0.0777 26  PHE B O   
455 C CB  . PHE B 26 ? 0.1685 0.1690 0.2604 -0.1183 -0.0725 -0.0740 26  PHE B CB  
456 C CG  . PHE B 26 ? 0.2606 0.1631 0.2613 -0.0839 -0.0329 -0.0557 26  PHE B CG  
457 C CD1 . PHE B 26 ? 0.3594 0.1648 0.3047 -0.0785 -0.0250 -0.0627 26  PHE B CD1 
458 C CD2 . PHE B 26 ? 0.2501 0.1744 0.3415 -0.1220 -0.0428 -0.0979 26  PHE B CD2 
459 C CE1 . PHE B 26 ? 0.2329 0.1838 0.2793 -0.1435 -0.0661 -0.0692 26  PHE B CE1 
460 C CE2 . PHE B 26 ? 0.3124 0.1737 0.3959 -0.1086 -0.0020 -0.1046 26  PHE B CE2 
461 C CZ  . PHE B 26 ? 0.1958 0.1962 0.2521 -0.1104 -0.0947 -0.0893 26  PHE B CZ  
462 N N   . PRO B 27 ? 0.1495 0.1630 0.2445 -0.0769 -0.0820 -0.0865 27  PRO B N   
463 C CA  . PRO B 27 ? 0.2112 0.1610 0.2777 -0.0387 -0.0640 -0.0771 27  PRO B CA  
464 C C   . PRO B 27 ? 0.2286 0.1531 0.2673 -0.1132 -0.0791 -0.0345 27  PRO B C   
465 O O   . PRO B 27 ? 0.2763 0.1825 0.3571 -0.1520 -0.0791 -0.0535 27  PRO B O   
466 C CB  . PRO B 27 ? 0.2033 0.1845 0.2812 -0.0527 -0.0819 -0.0712 27  PRO B CB  
467 C CG  . PRO B 27 ? 0.2733 0.2413 0.3754 -0.0829 -0.1461 -0.0998 27  PRO B CG  
468 C CD  . PRO B 27 ? 0.1867 0.1777 0.2946 -0.1256 -0.0846 -0.0720 27  PRO B CD  
469 N N   . ASP B 28 ? 0.2638 0.1237 0.2466 -0.1183 -0.0698 -0.0706 28  ASP B N   
470 C CA  . ASP B 28 ? 0.2332 0.1505 0.2764 -0.1122 -0.1118 -0.0820 28  ASP B CA  
471 C C   . ASP B 28 ? 0.1878 0.1810 0.2831 -0.1099 -0.0832 -0.0826 28  ASP B C   
472 O O   . ASP B 28 ? 0.3280 0.2333 0.2767 -0.1212 -0.0863 -0.0908 28  ASP B O   
473 C CB  . ASP B 28 ? 0.2939 0.2120 0.2891 -0.1013 -0.0819 -0.1093 28  ASP B CB  
474 C CG  . ASP B 28 ? 0.3456 0.2538 0.4906 -0.0313 -0.0546 -0.1000 28  ASP B CG  
475 O OD1 . ASP B 28 ? 0.6273 0.2260 0.4797 -0.0669 -0.0522 -0.1373 28  ASP B OD1 
476 O OD2 . ASP B 28 ? 0.3253 0.4965 0.7873 -0.0190 -0.0279 -0.0141 28  ASP B OD2 
477 O O   . HOH C .  ? 0.4942 0.7209 0.3858 -0.3464 0.0511  -0.3331 101 HOH A O   
478 O O   . HOH C .  ? 0.3662 0.2616 0.4762 -0.0965 -0.0848 -0.0708 102 HOH A O   
479 O O   . HOH C .  ? 0.6313 0.3852 0.6685 -0.1650 0.0185  -0.0210 103 HOH A O   
480 O O   . HOH C .  ? 0.2759 0.2560 0.3760 -0.1142 -0.1131 -0.0352 104 HOH A O   
481 O O   . HOH C .  ? 0.1645 0.2832 0.2803 -0.1044 -0.1083 -0.0863 105 HOH A O   
482 O O   . HOH C .  ? 0.4777 0.4111 0.9572 -0.1269 -0.3105 0.0957  106 HOH A O   
483 O O   . HOH C .  ? 0.4760 0.2757 0.4893 -0.1794 -0.0544 -0.0966 107 HOH A O   
484 O O   . HOH C .  ? 0.2519 0.1890 0.5062 -0.1534 -0.1234 -0.1178 108 HOH A O   
485 O O   . HOH C .  ? 0.5566 0.3923 0.6671 -0.2880 0.2532  -0.2016 109 HOH A O   
486 O O   . HOH C .  ? 0.3510 1.5224 0.4026 0.1656  -0.0964 -0.2738 110 HOH A O   
487 O O   . HOH C .  ? 0.2281 0.2464 0.2446 -0.1169 -0.0775 -0.0642 111 HOH A O   
488 O O   . HOH C .  ? 0.5216 0.5995 0.6768 -0.0607 0.0159  0.2421  112 HOH A O   
489 O O   . HOH C .  ? 0.2903 0.2865 0.2982 -0.1711 -0.0629 -0.1638 113 HOH A O   
490 O O   . HOH C .  ? 0.3037 1.0723 0.4600 -0.2687 0.0220  -0.3472 114 HOH A O   
491 O O   . HOH C .  ? 0.6931 0.4740 0.4168 -0.1847 -0.0922 -0.2041 115 HOH A O   
492 O O   . HOH C .  ? 0.2477 0.3892 0.2911 -0.0937 -0.1332 -0.1056 116 HOH A O   
493 O O   . HOH C .  ? 0.4767 0.6001 0.6312 -0.2459 -0.1022 0.1063  117 HOH A O   
494 O O   . HOH C .  ? 0.6592 0.2713 0.4136 -0.2569 -0.0097 -0.1523 118 HOH A O   
495 O O   . HOH D .  ? 0.4329 0.3947 0.8054 -0.1960 0.1900  -0.1995 101 HOH B O   
496 O O   . HOH D .  ? 0.5611 0.5103 0.4436 -0.3970 -0.2259 0.0831  102 HOH B O   
497 O O   . HOH D .  ? 0.2005 0.2483 0.2382 -0.1141 -0.0885 -0.0841 103 HOH B O   
498 O O   . HOH D .  ? 0.5545 0.5446 0.5289 -0.3656 0.0290  -0.0984 104 HOH B O   
499 O O   . HOH D .  ? 0.2370 0.2260 0.4810 -0.1155 -0.1513 -0.0167 105 HOH B O   
500 O O   . HOH D .  ? 0.4642 0.4060 0.5229 -0.1580 -0.1141 -0.0500 106 HOH B O   
501 O O   . HOH D .  ? 0.3481 0.2693 0.2937 -0.2077 -0.1297 -0.0591 107 HOH B O   
502 O O   . HOH D .  ? 0.3012 0.2587 0.6410 -0.1429 -0.1642 -0.1580 108 HOH B O   
503 O O   . HOH D .  ? 0.2377 0.5089 0.7464 -0.1697 -0.0797 0.1410  109 HOH B O   
504 O O   . HOH D .  ? 0.5511 0.2908 0.5921 -0.0735 0.0354  -0.0162 110 HOH B O   
505 O O   . HOH D .  ? 0.5307 0.2345 1.1348 -0.1029 -0.1878 0.0400  111 HOH B O   
506 O O   . HOH D .  ? 0.2287 0.1619 0.3034 -0.1363 -0.0699 -0.0868 112 HOH B O   
507 O O   . HOH D .  ? 0.4663 0.3147 0.4250 -0.1157 -0.0810 -0.1660 113 HOH B O   
508 O O   . HOH D .  ? 0.4122 0.1876 0.5762 -0.1207 -0.0584 -0.0105 114 HOH B O   
509 O O   . HOH D .  ? 0.1764 0.2044 0.2762 -0.0997 -0.0732 -0.0736 115 HOH B O   
510 O O   . HOH D .  ? 0.3684 0.4388 0.5378 -0.2861 -0.1824 0.1386  116 HOH B O   
511 O O   . HOH D .  ? 0.1783 0.1924 0.3993 -0.1201 -0.0398 -0.0671 117 HOH B O   
512 O O   . HOH D .  ? 0.5627 0.7372 0.9030 -0.1474 0.0864  -0.3291 118 HOH B O   
513 O O   . HOH D .  ? 0.5955 0.3514 0.4531 -0.1488 0.1416  0.0080  119 HOH B O   
514 O O   . HOH D .  ? 0.5247 0.4176 0.4187 0.0074  -0.1865 -0.0766 120 HOH B O   
515 O O   . HOH D .  ? 0.3063 0.3607 0.5880 -0.0911 -0.0260 -0.0850 121 HOH B O   
516 O O   . HOH D .  ? 0.5654 0.4459 0.5157 -0.2922 -0.2081 -0.0301 122 HOH B O   
517 O O   . HOH D .  ? 0.3579 0.4637 0.4673 -0.1658 -0.1270 -0.0696 123 HOH B O   
518 O O   . HOH D .  ? 0.5672 0.4593 0.6376 -0.0329 0.0071  0.0102  124 HOH B O   
519 O O   . HOH D .  ? 0.6925 0.6161 0.5364 -0.1514 0.0004  -0.2592 125 HOH B O   
520 O O   . HOH D .  ? 0.6258 0.5720 0.7242 -0.3907 0.0236  0.0368  126 HOH B O   
521 O O   . HOH D .  ? 0.3267 0.4919 0.6804 -0.1701 -0.1397 -0.0707 127 HOH B O   
# 
